data_6DBT
#
_entry.id   6DBT
#
_cell.length_a   1
_cell.length_b   1
_cell.length_c   1
_cell.angle_alpha   90.00
_cell.angle_beta   90.00
_cell.angle_gamma   90.00
#
_symmetry.space_group_name_H-M   'P 1'
#
loop_
_entity.id
_entity.type
_entity.pdbx_description
1 polymer 'Recombination activating gene 1 - MBP chimera'
2 polymer 'Recombination activating gene 2'
3 polymer 'Forward strand of 12-RSS substrate DNA'
4 polymer 'Reverse strand of 12-RSS substrate DNA'
5 polymer 'Forward strand of 23-RSS substrate DNA'
6 polymer 'Reverse strand of 23-RSS substrate DNA'
7 non-polymer 'ZINC ION'
8 non-polymer 'CALCIUM ION'
#
loop_
_entity_poly.entity_id
_entity_poly.type
_entity_poly.pdbx_seq_one_letter_code
_entity_poly.pdbx_strand_id
1 'polypeptide(L)'
;MGSSHHHHHHGTKTEEGKLVIWINGDKGYNGLAEVGKKFEKDTGIKVTVEHPDKLEEKFPQVAATGDGPDIIFWAHDRFG
GYAQSGLLAEITPDKAFQDKLYPFTWDAVRYNGKLIAYPIAVEALSLIYNKDLLPNPPKTWEEIPALDKELKAKGKSALM
FNLQEPYFTWPLIAADGGYAFKYENGKYDIKDVGVDNAGAKAGLTFLVDLIKNKHMNADTDYSIAEAAFNKGETAMTING
PWAWSNIDTSKVNYGVTVLPTFKGQPSKPFVGVLSAGINAASPNKELAKEFLENYLLTDEGLEAVNKDKPLGAVALKSYE
EELAKDPRIAATMENAQKGEIMPNIPQMSAFWYAVRTAVINAASGRQTVDEALKDAQTGTDYDIPTTLEVLFQGPLGSRC
QRDHLSTKLIPTEVPADLIRAVTCQVCDHLLSDPVQSPCRHLFCRLCIIRYTHALGPNCPTCNQHLNPSHLIKPAKFFLA
TLSSLPLLCPSEECSDWVRLDSFREHCLNHYREKESQEEQTPSEQNLDGYLPVNKGGRPRQHLLSLTRRAQKHRLRDLKN
QVKTFAEKEEGGDVKSVCLTLFLLALRAGNEHKQADELEAMMQGRGFGLHPAVCLAIRVNTFLSCSQYHKMYRTVKATSG
RQIFQPLHTLRNAEKELLPGFHQFEWQPALKNVSTSWDVGIIDGLSGWTVSVDDVPADTISRRFRYDVALVSALKDLEED
IMEGLRERALDDSMCTSGFTVVVKESCDGMGDVSEKHGSGPAVPEKAVRFSFTIMSISIRLEGEDDGITIFQEQKPNSEL
SCRPLCLMFVDESDHETLTAILGPVVAERKAMMESRLIISVGGLLRSFRFFFRGTGYDEKMVREMEGLEASGSTYICTLC
DSTRAEASQNMVLHSITRSHDENLERYEIWRKNPFSESADELRDRVKGVSAKPFMETQPTLDALHCDIGNATEFYKIFQD
EIGEVYQKPNPSREERRRWRSTLDKQLRKKMKLKPVMRMNGNYARRLMTREAVEAVCELVPSEERREALLKLMDLYLQMK
PVWRSTCPSRDCPDQLCQYSYNSQQFADLLSSMFKYRYDGKITNYLHKTLAHVPEIVERDGSIGAWASEGNESGNKLFRR
FRKMNARQSKTFELEDILKHHWLYTSKYLQKFMEAHKNS
;
A,C
2 'polypeptide(L)'
;GGSMSLQPLTAVNCGSLVQPGFSLLDLEGDVYLFGQKGWPKRSCPTGIFGVRIKKGELKLRAISFSNNSSYLPPLRCPAI
AHFEAQDGKPECYLIHGGRTPNNELSSSLYMLSVDSRGCNRKVTLRCEEKELVGDVPSARYGHTLSVINSRGKTACVLFG
GRSYMPPTERTTQNWNSVVDCPPQVYLIDLEFGCCTAHTLPELTDGQSFHVALARQDCVYFLGGHILSSDCRPSRLIRLH
VELLLGSPVLTCTILHEGLTITSAIASPIGYHEYIIFGGYQSETQKRMECTYVGLDDVGVHMESREPPQWTSEISHSRTW
FGGSLGKGTALVAIPSEGNPTPPEAYHFYQVSFQKEQDGEATAQGGSQESTDFEDSAPLEDSEELYFGREPHELEYSSDV
EGDTYNEEDEEDESQTGYWIKCCLSCQVDPNIWEPYYSTELTRPAMIFCSRGEGGHWVHAQCMELPESLLLQLSQDNSKY
FCLDHGGLPKQEMTPPKQMLPVKRVPMKMTHRKAPVSLKMTPAKKTFLRRLFD
;
B,D
3 'polydeoxyribonucleotide'
;(DG)(DA)(DT)(DC)(DT)(DG)(DG)(DC)(DC)(DT)(DG)(DT)(DC)(DT)(DT)(DA)(DC)(DA)(DC)(DA)
(DG)(DT)(DG)(DC)(DT)(DA)(DC)(DA)(DG)(DA)(DC)(DT)(DG)(DG)(DA)(DA)(DC)(DA)(DA)(DA)
(DA)(DA)(DC)(DC)(DC)(DT)(DG)(DC)(DA)(DG)
;
E
4 'polydeoxyribonucleotide'
;(DC)(DT)(DG)(DC)(DA)(DG)(DG)(DG)(DT)(DT)(DT)(DT)(DT)(DG)(DT)(DT)(DC)(DC)(DA)(DG)
(DT)(DC)(DT)(DG)(DT)(DA)(DG)(DC)(DA)(DC)(DT)(DG)(DT)(DG)(DT)(DA)(DA)(DG)(DA)(DC)
(DA)(DG)(DG)(DC)(DC)(DA)(DG)(DA)(DT)(DC)
;
F
5 'polydeoxyribonucleotide'
;(DG)(DA)(DT)(DC)(DT)(DG)(DG)(DC)(DC)(DT)(DG)(DT)(DC)(DT)(DT)(DA)(DC)(DA)(DC)(DA)
(DG)(DT)(DG)(DG)(DT)(DA)(DG)(DT)(DA)(DC)(DT)(DC)(DC)(DA)(DC)(DT)(DG)(DT)(DC)(DT)
(DG)(DG)(DC)(DT)(DG)(DT)(DA)(DC)(DA)(DA)(DA)(DA)(DA)(DC)(DC)(DC)(DT)(DG)(DC)(DA)
(DG)
;
G
6 'polydeoxyribonucleotide'
;(DC)(DT)(DG)(DC)(DA)(DG)(DG)(DG)(DT)(DT)(DT)(DT)(DT)(DG)(DT)(DA)(DC)(DA)(DG)(DC)
(DC)(DA)(DG)(DA)(DC)(DA)(DG)(DT)(DG)(DG)(DA)(DG)(DT)(DA)(DC)(DT)(DA)(DC)(DC)(DA)
(DC)(DT)(DG)(DT)(DG)(DT)(DA)(DA)(DG)(DA)(DC)(DA)(DG)(DG)(DC)(DC)(DA)(DG)(DA)(DT)
(DC)
;
H
#
loop_
_chem_comp.id
_chem_comp.type
_chem_comp.name
_chem_comp.formula
CA non-polymer 'CALCIUM ION' 'Ca 2'
DA DNA linking 2'-DEOXYADENOSINE-5'-MONOPHOSPHATE 'C10 H14 N5 O6 P'
DC DNA linking 2'-DEOXYCYTIDINE-5'-MONOPHOSPHATE 'C9 H14 N3 O7 P'
DG DNA linking 2'-DEOXYGUANOSINE-5'-MONOPHOSPHATE 'C10 H14 N5 O7 P'
DT DNA linking THYMIDINE-5'-MONOPHOSPHATE 'C10 H15 N2 O8 P'
ZN non-polymer 'ZINC ION' 'Zn 2'
#
# COMPACT_ATOMS: atom_id res chain seq x y z
N GLY A 536 -49.42 61.37 22.25
CA GLY A 536 -48.12 60.87 21.87
C GLY A 536 -47.93 59.39 22.13
N GLY A 537 -46.74 59.01 22.57
CA GLY A 537 -46.43 57.62 22.85
C GLY A 537 -44.96 57.29 22.77
N ARG A 538 -44.47 56.48 23.70
CA ARG A 538 -43.07 56.05 23.66
C ARG A 538 -42.91 54.90 22.69
N PRO A 539 -41.95 54.97 21.75
CA PRO A 539 -41.83 53.90 20.76
C PRO A 539 -41.34 52.62 21.41
N ARG A 540 -42.11 51.55 21.24
CA ARG A 540 -41.72 50.26 21.76
C ARG A 540 -40.47 49.76 21.06
N GLN A 541 -39.55 49.20 21.83
CA GLN A 541 -38.44 48.43 21.27
C GLN A 541 -39.00 47.10 20.78
N HIS A 542 -38.14 46.22 20.26
CA HIS A 542 -38.59 44.87 19.94
C HIS A 542 -38.92 44.12 21.24
N LEU A 543 -39.98 43.30 21.18
CA LEU A 543 -40.49 42.66 22.41
C LEU A 543 -39.45 41.76 23.05
N LEU A 544 -38.71 41.00 22.24
CA LEU A 544 -37.64 40.16 22.77
C LEU A 544 -36.44 40.96 23.27
N SER A 545 -36.40 42.27 23.01
CA SER A 545 -35.34 43.14 23.54
C SER A 545 -35.75 43.82 24.85
N LEU A 546 -37.00 43.67 25.28
CA LEU A 546 -37.49 44.29 26.50
C LEU A 546 -37.07 43.47 27.72
N THR A 547 -37.51 43.92 28.90
CA THR A 547 -37.29 43.22 30.15
C THR A 547 -38.46 42.28 30.45
N ARG A 548 -38.30 41.46 31.48
CA ARG A 548 -39.40 40.61 31.94
C ARG A 548 -40.60 41.46 32.34
N ARG A 549 -40.35 42.63 32.96
CA ARG A 549 -41.43 43.52 33.37
C ARG A 549 -42.23 44.00 32.16
N ALA A 550 -41.55 44.45 31.10
CA ALA A 550 -42.22 44.99 29.94
C ALA A 550 -42.97 43.90 29.17
N GLN A 551 -42.36 42.72 29.03
CA GLN A 551 -43.04 41.61 28.35
C GLN A 551 -44.30 41.21 29.12
N LYS A 552 -44.20 41.09 30.43
CA LYS A 552 -45.36 40.84 31.27
C LYS A 552 -46.45 41.88 31.05
N HIS A 553 -46.06 43.16 31.12
CA HIS A 553 -47.01 44.26 30.98
C HIS A 553 -47.74 44.21 29.64
N ARG A 554 -47.03 43.87 28.57
CA ARG A 554 -47.62 43.92 27.24
C ARG A 554 -48.33 42.63 26.83
N LEU A 555 -48.06 41.51 27.51
CA LEU A 555 -48.65 40.24 27.13
C LEU A 555 -49.65 39.68 28.14
N ARG A 556 -49.85 40.35 29.28
CA ARG A 556 -50.86 39.90 30.25
C ARG A 556 -52.22 39.67 29.59
N ASP A 557 -52.56 40.44 28.55
CA ASP A 557 -53.85 40.30 27.88
C ASP A 557 -54.00 38.90 27.27
N LEU A 558 -53.11 38.54 26.35
CA LEU A 558 -53.16 37.22 25.76
C LEU A 558 -52.89 36.12 26.79
N LYS A 559 -52.18 36.45 27.88
CA LYS A 559 -52.02 35.50 28.97
C LYS A 559 -53.37 35.13 29.56
N ASN A 560 -54.21 36.13 29.87
CA ASN A 560 -55.54 35.85 30.40
C ASN A 560 -56.43 35.15 29.37
N GLN A 561 -56.28 35.50 28.09
CA GLN A 561 -57.03 34.81 27.04
C GLN A 561 -56.69 33.32 27.01
N VAL A 562 -55.39 32.99 26.99
CA VAL A 562 -54.97 31.59 27.03
C VAL A 562 -55.43 30.94 28.32
N LYS A 563 -55.40 31.69 29.43
CA LYS A 563 -55.85 31.17 30.71
C LYS A 563 -57.31 30.71 30.62
N THR A 564 -58.20 31.59 30.17
CA THR A 564 -59.61 31.22 30.11
C THR A 564 -59.86 30.09 29.11
N PHE A 565 -59.17 30.12 27.96
CA PHE A 565 -59.34 29.04 26.98
C PHE A 565 -58.95 27.70 27.58
N ALA A 566 -57.77 27.62 28.21
CA ALA A 566 -57.30 26.35 28.76
C ALA A 566 -58.19 25.87 29.90
N GLU A 567 -58.61 26.78 30.79
CA GLU A 567 -59.53 26.39 31.85
C GLU A 567 -60.86 25.90 31.29
N LYS A 568 -61.26 26.41 30.11
CA LYS A 568 -62.47 25.91 29.48
C LYS A 568 -62.27 24.50 28.93
N GLU A 569 -61.13 24.23 28.29
CA GLU A 569 -60.96 23.00 27.53
C GLU A 569 -60.00 22.01 28.18
N GLU A 570 -58.76 22.41 28.43
CA GLU A 570 -57.71 21.47 28.86
C GLU A 570 -57.37 21.61 30.33
N GLY A 571 -58.37 21.90 31.18
CA GLY A 571 -58.14 21.95 32.62
C GLY A 571 -57.18 23.04 33.07
N GLY A 572 -57.05 24.12 32.30
CA GLY A 572 -56.20 25.22 32.69
C GLY A 572 -54.71 24.94 32.65
N ASP A 573 -54.27 23.87 31.97
CA ASP A 573 -52.85 23.53 31.90
C ASP A 573 -52.18 24.51 30.93
N VAL A 574 -51.82 25.68 31.47
CA VAL A 574 -51.14 26.71 30.67
C VAL A 574 -49.84 26.15 30.08
N LYS A 575 -49.16 25.29 30.83
CA LYS A 575 -47.88 24.74 30.38
C LYS A 575 -48.01 23.99 29.06
N SER A 576 -48.84 22.92 29.05
CA SER A 576 -48.99 22.13 27.84
C SER A 576 -49.62 22.93 26.70
N VAL A 577 -50.52 23.86 27.02
CA VAL A 577 -51.16 24.68 25.99
C VAL A 577 -50.12 25.53 25.26
N CYS A 578 -49.38 26.36 26.01
CA CYS A 578 -48.37 27.19 25.37
C CYS A 578 -47.28 26.35 24.72
N LEU A 579 -46.97 25.19 25.28
CA LEU A 579 -46.02 24.27 24.64
C LEU A 579 -46.49 23.88 23.24
N THR A 580 -47.68 23.28 23.15
CA THR A 580 -48.21 22.84 21.86
C THR A 580 -48.36 24.01 20.89
N LEU A 581 -48.73 25.19 21.40
CA LEU A 581 -48.88 26.36 20.54
C LEU A 581 -47.55 26.78 19.93
N PHE A 582 -46.49 26.86 20.75
CA PHE A 582 -45.18 27.21 20.23
C PHE A 582 -44.67 26.14 19.26
N LEU A 583 -44.95 24.87 19.55
CA LEU A 583 -44.56 23.80 18.64
C LEU A 583 -45.21 23.98 17.27
N LEU A 584 -46.53 24.16 17.24
CA LEU A 584 -47.22 24.34 15.96
C LEU A 584 -46.77 25.62 15.27
N ALA A 585 -46.45 26.66 16.04
CA ALA A 585 -45.94 27.89 15.43
C ALA A 585 -44.61 27.64 14.73
N LEU A 586 -43.73 26.85 15.35
CA LEU A 586 -42.46 26.52 14.71
C LEU A 586 -42.67 25.64 13.48
N ARG A 587 -43.56 24.65 13.57
CA ARG A 587 -43.74 23.71 12.47
C ARG A 587 -44.28 24.40 11.21
N ALA A 588 -45.05 25.48 11.38
CA ALA A 588 -45.50 26.24 10.22
C ALA A 588 -44.36 27.00 9.54
N GLY A 589 -43.28 27.29 10.27
CA GLY A 589 -42.14 27.99 9.71
C GLY A 589 -41.01 27.09 9.28
N ASN A 590 -41.30 25.79 9.10
CA ASN A 590 -40.33 24.80 8.64
C ASN A 590 -39.15 24.64 9.60
N GLU A 591 -39.31 25.07 10.84
CA GLU A 591 -38.24 25.03 11.84
C GLU A 591 -38.21 23.68 12.56
N HIS A 592 -38.11 22.60 11.78
CA HIS A 592 -38.10 21.26 12.38
C HIS A 592 -36.98 21.09 13.39
N LYS A 593 -35.82 21.74 13.14
CA LYS A 593 -34.68 21.59 14.04
C LYS A 593 -34.99 22.16 15.42
N GLN A 594 -35.45 23.41 15.48
CA GLN A 594 -35.69 24.05 16.76
C GLN A 594 -36.78 23.34 17.54
N ALA A 595 -37.88 22.97 16.87
CA ALA A 595 -38.97 22.28 17.55
C ALA A 595 -38.52 20.90 18.02
N ASP A 596 -37.68 20.22 17.24
CA ASP A 596 -37.19 18.91 17.64
C ASP A 596 -36.31 19.01 18.88
N GLU A 597 -35.43 20.01 18.94
CA GLU A 597 -34.59 20.17 20.12
C GLU A 597 -35.41 20.61 21.33
N LEU A 598 -36.46 21.41 21.12
CA LEU A 598 -37.34 21.77 22.21
C LEU A 598 -38.03 20.54 22.78
N GLU A 599 -38.61 19.72 21.91
CA GLU A 599 -39.21 18.46 22.36
C GLU A 599 -38.19 17.52 22.96
N ALA A 600 -36.92 17.65 22.57
CA ALA A 600 -35.85 16.91 23.22
C ALA A 600 -35.50 17.49 24.59
N MET A 601 -35.91 18.74 24.85
CA MET A 601 -35.75 19.28 26.19
C MET A 601 -36.82 18.78 27.16
N MET A 602 -37.98 18.35 26.64
CA MET A 602 -39.11 17.95 27.49
C MET A 602 -39.61 16.58 27.08
N GLN A 603 -39.46 15.60 27.99
CA GLN A 603 -40.12 14.29 27.89
C GLN A 603 -39.80 13.58 26.57
N GLY A 604 -38.54 13.17 26.43
CA GLY A 604 -37.56 13.19 27.50
C GLY A 604 -36.44 14.16 27.26
N ARG A 605 -35.51 14.24 28.21
CA ARG A 605 -34.37 15.16 28.17
C ARG A 605 -33.09 14.40 28.53
N GLY A 606 -32.88 13.27 27.86
CA GLY A 606 -31.82 12.34 28.20
C GLY A 606 -30.41 12.90 28.28
N PHE A 607 -29.83 13.31 27.14
CA PHE A 607 -28.42 13.72 27.00
C PHE A 607 -27.48 12.54 27.18
N GLY A 608 -28.03 11.37 27.48
CA GLY A 608 -27.24 10.19 27.73
C GLY A 608 -27.27 9.26 26.53
N LEU A 609 -26.10 9.02 25.95
CA LEU A 609 -25.96 8.07 24.86
C LEU A 609 -25.67 6.69 25.45
N HIS A 610 -26.50 5.72 25.10
CA HIS A 610 -26.36 4.38 25.68
C HIS A 610 -25.02 3.77 25.23
N PRO A 611 -24.16 3.30 26.17
CA PRO A 611 -22.82 2.79 25.78
C PRO A 611 -22.83 1.71 24.72
N ALA A 612 -23.99 1.07 24.53
CA ALA A 612 -24.12 0.07 23.48
C ALA A 612 -24.00 0.70 22.09
N VAL A 613 -24.84 1.69 21.81
CA VAL A 613 -24.73 2.44 20.56
C VAL A 613 -23.34 3.05 20.44
N CYS A 614 -22.78 3.49 21.57
CA CYS A 614 -21.45 4.07 21.57
C CYS A 614 -20.43 3.08 21.01
N LEU A 615 -20.46 1.83 21.49
CA LEU A 615 -19.54 0.84 20.95
C LEU A 615 -19.83 0.57 19.49
N ALA A 616 -21.10 0.38 19.14
CA ALA A 616 -21.46 0.12 17.75
C ALA A 616 -20.85 1.17 16.83
N ILE A 617 -21.02 2.43 17.20
CA ILE A 617 -20.50 3.51 16.38
C ILE A 617 -18.98 3.61 16.48
N ARG A 618 -18.38 3.04 17.51
CA ARG A 618 -16.93 2.93 17.45
C ARG A 618 -16.51 1.96 16.36
N VAL A 619 -17.22 0.83 16.25
CA VAL A 619 -16.81 -0.27 15.40
C VAL A 619 -17.51 -0.24 14.05
N ASN A 620 -18.84 -0.14 14.03
CA ASN A 620 -19.58 -0.31 12.79
C ASN A 620 -19.12 0.65 11.70
N THR A 621 -18.37 1.69 12.05
CA THR A 621 -17.87 2.62 11.05
C THR A 621 -16.35 2.75 11.12
N PHE A 622 -15.67 1.74 11.67
CA PHE A 622 -14.24 1.52 11.50
C PHE A 622 -13.39 2.61 12.16
N LEU A 623 -13.98 3.37 13.07
CA LEU A 623 -13.19 4.32 13.85
C LEU A 623 -12.17 3.57 14.68
N SER A 624 -10.92 4.01 14.62
CA SER A 624 -9.89 3.45 15.47
C SER A 624 -10.06 3.96 16.91
N CYS A 625 -9.21 3.46 17.79
CA CYS A 625 -9.42 3.65 19.22
C CYS A 625 -8.87 4.99 19.71
N SER A 626 -7.58 5.23 19.50
CA SER A 626 -7.03 6.54 19.86
C SER A 626 -7.81 7.66 19.17
N GLN A 627 -8.24 7.40 17.93
CA GLN A 627 -9.15 8.29 17.24
C GLN A 627 -10.38 8.58 18.10
N TYR A 628 -10.99 7.50 18.60
CA TYR A 628 -12.20 7.63 19.40
C TYR A 628 -11.95 8.44 20.67
N HIS A 629 -10.80 8.22 21.31
CA HIS A 629 -10.51 8.95 22.56
C HIS A 629 -10.30 10.42 22.32
N LYS A 630 -9.54 10.77 21.28
CA LYS A 630 -9.34 12.16 20.94
C LYS A 630 -10.67 12.85 20.64
N MET A 631 -11.49 12.22 19.79
CA MET A 631 -12.77 12.82 19.44
C MET A 631 -13.68 12.94 20.65
N TYR A 632 -13.59 11.99 21.60
CA TYR A 632 -14.36 12.10 22.81
C TYR A 632 -13.91 13.28 23.64
N ARG A 633 -12.60 13.40 23.89
CA ARG A 633 -12.10 14.55 24.64
C ARG A 633 -12.64 15.83 24.02
N THR A 634 -12.69 15.88 22.69
CA THR A 634 -13.16 17.10 22.03
C THR A 634 -14.65 17.34 22.30
N VAL A 635 -15.49 16.34 22.02
CA VAL A 635 -16.93 16.55 22.14
C VAL A 635 -17.31 16.87 23.58
N LYS A 636 -16.56 16.35 24.55
CA LYS A 636 -16.78 16.74 25.94
C LYS A 636 -16.39 18.20 26.16
N ALA A 637 -15.12 18.52 25.90
CA ALA A 637 -14.61 19.88 26.16
C ALA A 637 -15.39 20.95 25.42
N THR A 638 -16.13 20.58 24.36
CA THR A 638 -16.93 21.56 23.65
C THR A 638 -18.19 21.91 24.43
N SER A 639 -19.07 20.92 24.64
CA SER A 639 -20.37 21.18 25.26
C SER A 639 -20.65 20.21 26.41
N GLY A 640 -20.09 20.53 27.58
CA GLY A 640 -20.71 20.33 28.88
C GLY A 640 -21.43 19.04 29.21
N ARG A 641 -21.28 18.01 28.37
CA ARG A 641 -21.98 16.76 28.61
C ARG A 641 -21.09 15.59 28.22
N GLN A 642 -21.21 14.51 29.00
CA GLN A 642 -20.53 13.24 28.74
C GLN A 642 -21.34 12.46 27.69
N ILE A 643 -21.28 12.95 26.47
CA ILE A 643 -22.12 12.41 25.41
C ILE A 643 -21.59 11.06 24.93
N PHE A 644 -20.28 10.90 24.85
CA PHE A 644 -19.66 9.63 24.47
C PHE A 644 -18.99 9.03 25.69
N GLN A 645 -19.51 7.92 26.16
CA GLN A 645 -18.93 7.28 27.34
C GLN A 645 -17.47 6.96 27.07
N PRO A 646 -16.58 7.18 28.04
CA PRO A 646 -15.14 7.01 27.78
C PRO A 646 -14.72 5.60 27.40
N LEU A 647 -13.43 5.45 27.13
CA LEU A 647 -12.93 4.22 26.51
C LEU A 647 -13.17 3.02 27.39
N HIS A 648 -12.64 3.04 28.62
CA HIS A 648 -12.59 1.81 29.40
C HIS A 648 -13.99 1.25 29.68
N THR A 649 -14.97 2.14 29.90
CA THR A 649 -16.33 1.67 30.14
C THR A 649 -16.98 1.17 28.87
N LEU A 650 -16.62 1.74 27.72
CA LEU A 650 -17.04 1.18 26.44
C LEU A 650 -16.54 -0.26 26.30
N ARG A 651 -15.26 -0.48 26.59
CA ARG A 651 -14.71 -1.84 26.51
C ARG A 651 -15.42 -2.78 27.46
N ASN A 652 -15.63 -2.35 28.70
CA ASN A 652 -16.32 -3.20 29.67
C ASN A 652 -17.72 -3.54 29.20
N ALA A 653 -18.44 -2.55 28.67
CA ALA A 653 -19.78 -2.80 28.12
C ALA A 653 -19.72 -3.79 26.97
N GLU A 654 -18.67 -3.70 26.15
CA GLU A 654 -18.51 -4.60 25.03
C GLU A 654 -18.27 -6.05 25.49
N LYS A 655 -17.46 -6.22 26.54
CA LYS A 655 -16.99 -7.55 26.97
C LYS A 655 -18.12 -8.54 27.17
N GLU A 656 -19.31 -8.05 27.50
CA GLU A 656 -20.44 -8.91 27.72
C GLU A 656 -20.99 -9.51 26.43
N LEU A 657 -20.52 -9.09 25.27
CA LEU A 657 -21.11 -9.50 24.01
C LEU A 657 -20.33 -10.58 23.28
N LEU A 658 -19.01 -10.60 23.40
CA LEU A 658 -18.18 -11.64 22.83
C LEU A 658 -18.51 -13.01 23.41
N PRO A 659 -17.99 -14.09 22.82
CA PRO A 659 -18.19 -15.41 23.42
C PRO A 659 -17.55 -15.55 24.80
N GLY A 660 -18.13 -16.45 25.59
CA GLY A 660 -17.62 -16.77 26.90
C GLY A 660 -18.15 -15.86 27.99
N PHE A 661 -19.45 -15.59 27.96
CA PHE A 661 -20.06 -14.92 29.10
C PHE A 661 -21.43 -15.49 29.51
N HIS A 662 -22.14 -16.18 28.63
CA HIS A 662 -23.52 -16.60 28.88
C HIS A 662 -23.54 -18.08 29.25
N GLN A 663 -23.68 -18.36 30.55
CA GLN A 663 -23.61 -19.71 31.08
C GLN A 663 -24.69 -20.59 30.47
N PHE A 664 -24.43 -21.90 30.47
CA PHE A 664 -25.33 -22.87 29.88
C PHE A 664 -24.94 -24.25 30.37
N GLU A 665 -25.79 -25.23 30.07
CA GLU A 665 -25.51 -26.60 30.44
C GLU A 665 -25.75 -27.48 29.23
N TRP A 666 -25.33 -28.75 29.32
CA TRP A 666 -25.51 -29.66 28.19
C TRP A 666 -25.97 -31.01 28.69
N GLN A 667 -27.01 -31.58 28.07
CA GLN A 667 -27.52 -32.91 28.41
C GLN A 667 -27.38 -33.86 27.22
N PRO A 668 -26.47 -34.84 27.28
CA PRO A 668 -25.47 -34.94 28.36
C PRO A 668 -24.26 -34.04 28.12
N ALA A 669 -23.21 -34.17 28.94
CA ALA A 669 -21.97 -33.46 28.67
C ALA A 669 -21.42 -33.90 27.32
N LEU A 670 -20.75 -32.98 26.63
CA LEU A 670 -20.26 -33.25 25.28
C LEU A 670 -19.21 -34.34 25.30
N LYS A 671 -18.93 -34.86 24.11
CA LYS A 671 -17.87 -35.84 23.93
C LYS A 671 -16.54 -35.12 23.84
N ASN A 672 -15.60 -35.52 24.70
CA ASN A 672 -14.20 -35.08 24.68
C ASN A 672 -14.05 -33.55 24.58
N VAL A 673 -14.86 -32.84 25.37
CA VAL A 673 -14.83 -31.38 25.43
C VAL A 673 -14.94 -30.95 26.89
N SER A 674 -14.08 -30.00 27.29
CA SER A 674 -14.13 -29.48 28.65
C SER A 674 -15.47 -28.82 28.91
N THR A 675 -15.95 -28.96 30.15
CA THR A 675 -17.18 -28.31 30.58
C THR A 675 -17.00 -26.81 30.78
N SER A 676 -15.77 -26.32 30.74
CA SER A 676 -15.51 -24.89 30.86
C SER A 676 -16.25 -24.12 29.78
N TRP A 677 -16.85 -22.99 30.17
CA TRP A 677 -17.70 -22.21 29.30
C TRP A 677 -17.32 -20.74 29.24
N ASP A 678 -16.36 -20.29 30.04
CA ASP A 678 -15.96 -18.89 30.07
C ASP A 678 -14.65 -18.63 29.34
N VAL A 679 -14.04 -19.67 28.76
CA VAL A 679 -12.84 -19.47 27.95
C VAL A 679 -13.21 -18.66 26.71
N GLY A 680 -12.44 -17.61 26.43
CA GLY A 680 -12.69 -16.72 25.31
C GLY A 680 -11.95 -17.13 24.05
N ILE A 681 -11.02 -16.30 23.58
CA ILE A 681 -10.34 -16.53 22.30
C ILE A 681 -9.25 -17.56 22.51
N ILE A 682 -9.44 -18.77 21.98
CA ILE A 682 -8.44 -19.83 22.07
C ILE A 682 -7.44 -19.65 20.95
N ASP A 683 -6.15 -19.75 21.28
CA ASP A 683 -5.10 -19.82 20.27
C ASP A 683 -5.34 -21.02 19.35
N GLY A 684 -5.34 -20.78 18.04
CA GLY A 684 -5.73 -21.81 17.10
C GLY A 684 -4.74 -22.95 16.95
N LEU A 685 -3.49 -22.74 17.37
CA LEU A 685 -2.47 -23.79 17.26
C LEU A 685 -2.92 -25.08 17.94
N SER A 686 -3.71 -24.98 19.01
CA SER A 686 -4.36 -26.09 19.70
C SER A 686 -3.38 -27.11 20.26
N GLY A 687 -2.45 -26.63 21.10
CA GLY A 687 -1.51 -27.51 21.77
C GLY A 687 -0.59 -28.28 20.84
N TRP A 688 0.36 -27.60 20.21
CA TRP A 688 1.27 -28.23 19.27
C TRP A 688 2.68 -28.21 19.83
N THR A 689 3.27 -29.39 20.01
CA THR A 689 4.60 -29.47 20.59
C THR A 689 5.60 -28.76 19.70
N VAL A 690 6.24 -27.73 20.25
CA VAL A 690 7.13 -26.86 19.50
C VAL A 690 8.37 -27.57 18.96
N SER A 691 8.64 -28.80 19.44
CA SER A 691 9.84 -29.54 19.03
C SER A 691 10.01 -29.58 17.52
N VAL A 692 11.09 -28.98 17.01
CA VAL A 692 11.30 -28.81 15.57
C VAL A 692 11.71 -30.13 14.94
N ASP A 693 11.89 -31.15 15.77
CA ASP A 693 12.08 -32.51 15.25
C ASP A 693 10.91 -32.93 14.36
N ASP A 694 9.69 -32.56 14.74
CA ASP A 694 8.47 -32.99 14.07
C ASP A 694 8.10 -31.98 12.98
N VAL A 695 6.88 -32.07 12.44
CA VAL A 695 6.38 -31.06 11.51
C VAL A 695 6.37 -29.71 12.21
N PRO A 696 6.80 -28.63 11.57
CA PRO A 696 6.88 -27.33 12.26
C PRO A 696 5.55 -26.93 12.89
N ALA A 697 5.65 -26.28 14.05
CA ALA A 697 4.52 -25.68 14.74
C ALA A 697 4.35 -24.20 14.39
N ASP A 698 4.73 -23.81 13.16
CA ASP A 698 4.81 -22.40 12.78
C ASP A 698 3.44 -21.79 12.51
N THR A 699 2.54 -22.54 11.88
CA THR A 699 1.28 -22.01 11.39
C THR A 699 0.55 -21.17 12.45
N ILE A 700 0.13 -19.95 12.07
CA ILE A 700 -0.57 -19.03 12.96
C ILE A 700 -2.06 -19.11 12.67
N SER A 701 -2.87 -19.00 13.73
CA SER A 701 -4.31 -19.19 13.62
C SER A 701 -4.95 -18.82 14.96
N ARG A 702 -6.18 -18.35 14.90
CA ARG A 702 -6.96 -18.08 16.10
C ARG A 702 -8.42 -18.38 15.83
N ARG A 703 -9.14 -18.71 16.89
CA ARG A 703 -10.50 -19.17 16.75
C ARG A 703 -11.15 -19.22 18.13
N PHE A 704 -12.46 -19.34 18.12
CA PHE A 704 -13.22 -19.58 19.32
C PHE A 704 -13.41 -21.08 19.51
N ARG A 705 -14.27 -21.44 20.45
CA ARG A 705 -14.86 -22.76 20.46
C ARG A 705 -16.24 -22.67 19.85
N TYR A 706 -16.61 -23.70 19.08
CA TYR A 706 -17.87 -23.76 18.38
C TYR A 706 -19.05 -23.45 19.31
N ASP A 707 -19.18 -24.26 20.37
CA ASP A 707 -20.32 -24.18 21.26
C ASP A 707 -20.44 -22.80 21.92
N VAL A 708 -19.31 -22.19 22.30
CA VAL A 708 -19.37 -20.91 22.98
C VAL A 708 -19.88 -19.84 22.03
N ALA A 709 -19.39 -19.85 20.79
CA ALA A 709 -19.89 -18.94 19.77
C ALA A 709 -21.38 -19.17 19.51
N LEU A 710 -21.80 -20.42 19.57
CA LEU A 710 -23.20 -20.74 19.33
C LEU A 710 -24.08 -20.15 20.42
N VAL A 711 -23.70 -20.36 21.69
CA VAL A 711 -24.50 -19.81 22.79
C VAL A 711 -24.49 -18.28 22.73
N SER A 712 -23.38 -17.70 22.29
CA SER A 712 -23.33 -16.25 22.13
C SER A 712 -24.33 -15.79 21.08
N ALA A 713 -24.32 -16.41 19.90
CA ALA A 713 -25.22 -16.02 18.82
C ALA A 713 -26.68 -16.22 19.20
N LEU A 714 -26.97 -17.30 19.93
CA LEU A 714 -28.35 -17.56 20.29
C LEU A 714 -28.83 -16.57 21.35
N LYS A 715 -28.01 -16.29 22.37
CA LYS A 715 -28.39 -15.26 23.34
C LYS A 715 -28.43 -13.89 22.68
N ASP A 716 -27.78 -13.73 21.53
CA ASP A 716 -27.95 -12.53 20.74
C ASP A 716 -29.35 -12.45 20.16
N LEU A 717 -29.81 -13.53 19.52
CA LEU A 717 -31.09 -13.53 18.81
C LEU A 717 -32.29 -13.82 19.71
N GLU A 718 -32.08 -13.97 21.02
CA GLU A 718 -33.20 -14.23 21.93
C GLU A 718 -34.31 -13.20 21.78
N GLU A 719 -33.96 -11.96 21.47
CA GLU A 719 -34.98 -10.92 21.30
C GLU A 719 -35.93 -11.30 20.16
N ASP A 720 -35.36 -11.66 19.02
CA ASP A 720 -36.18 -12.01 17.87
C ASP A 720 -36.97 -13.30 18.12
N ILE A 721 -36.40 -14.26 18.85
CA ILE A 721 -37.17 -15.48 19.09
C ILE A 721 -38.34 -15.19 20.03
N MET A 722 -38.15 -14.29 20.99
CA MET A 722 -39.23 -13.94 21.90
C MET A 722 -40.31 -13.14 21.16
N GLU A 723 -39.89 -12.28 20.23
CA GLU A 723 -40.85 -11.55 19.42
C GLU A 723 -41.64 -12.50 18.52
N GLY A 724 -40.99 -13.54 18.01
CA GLY A 724 -41.70 -14.52 17.21
C GLY A 724 -42.71 -15.32 18.03
N LEU A 725 -42.34 -15.67 19.27
CA LEU A 725 -43.32 -16.27 20.18
C LEU A 725 -44.46 -15.32 20.50
N ARG A 726 -44.20 -14.01 20.47
CA ARG A 726 -45.28 -13.03 20.61
C ARG A 726 -46.21 -13.08 19.39
N GLU A 727 -45.65 -12.97 18.19
CA GLU A 727 -46.44 -12.98 16.97
C GLU A 727 -47.21 -14.30 16.85
N ARG A 728 -46.48 -15.42 16.85
CA ARG A 728 -47.12 -16.73 16.75
C ARG A 728 -48.09 -16.99 17.89
N ALA A 729 -48.05 -16.18 18.95
CA ALA A 729 -48.98 -16.26 20.08
C ALA A 729 -48.94 -17.62 20.76
N LEU A 730 -47.84 -18.34 20.60
CA LEU A 730 -47.73 -19.64 21.23
C LEU A 730 -47.60 -19.46 22.75
N ASP A 731 -47.85 -20.57 23.46
CA ASP A 731 -47.70 -20.59 24.91
C ASP A 731 -46.28 -20.21 25.29
N ASP A 732 -46.05 -19.88 26.55
CA ASP A 732 -44.72 -19.55 27.05
C ASP A 732 -44.21 -20.56 28.06
N SER A 733 -45.02 -20.90 29.06
CA SER A 733 -44.68 -22.00 29.96
C SER A 733 -44.75 -23.36 29.28
N MET A 734 -45.13 -23.43 28.00
CA MET A 734 -45.24 -24.69 27.26
C MET A 734 -44.54 -24.62 25.91
N CYS A 735 -43.44 -23.88 25.82
CA CYS A 735 -42.61 -23.79 24.61
C CYS A 735 -41.13 -23.85 24.98
N THR A 736 -40.75 -24.70 25.94
CA THR A 736 -39.41 -24.71 26.50
C THR A 736 -38.56 -25.91 26.09
N SER A 737 -39.08 -26.82 25.27
CA SER A 737 -38.37 -28.07 24.98
C SER A 737 -37.90 -28.19 23.54
N GLY A 738 -38.79 -28.08 22.57
CA GLY A 738 -38.46 -28.44 21.20
C GLY A 738 -37.98 -27.35 20.27
N PHE A 739 -36.75 -26.86 20.44
CA PHE A 739 -36.18 -25.88 19.51
C PHE A 739 -35.23 -26.57 18.54
N THR A 740 -35.39 -26.27 17.24
CA THR A 740 -34.56 -26.81 16.18
C THR A 740 -33.87 -25.65 15.47
N VAL A 741 -32.55 -25.60 15.58
CA VAL A 741 -31.74 -24.55 14.97
C VAL A 741 -31.00 -25.15 13.78
N VAL A 742 -31.19 -24.56 12.60
CA VAL A 742 -30.48 -24.96 11.39
C VAL A 742 -29.35 -23.98 11.19
N VAL A 743 -28.12 -24.49 11.04
CA VAL A 743 -26.93 -23.66 10.90
C VAL A 743 -26.22 -24.04 9.61
N LYS A 744 -25.87 -23.04 8.81
CA LYS A 744 -25.14 -23.21 7.57
C LYS A 744 -23.68 -22.84 7.78
N GLU A 745 -22.79 -23.76 7.41
CA GLU A 745 -21.36 -23.52 7.50
C GLU A 745 -20.85 -22.92 6.20
N SER A 746 -19.60 -22.49 6.23
CA SER A 746 -18.93 -22.04 5.02
C SER A 746 -17.44 -21.91 5.30
N CYS A 747 -16.61 -22.42 4.42
CA CYS A 747 -15.18 -22.28 4.57
C CYS A 747 -14.63 -22.02 3.18
N ASP A 748 -14.13 -20.82 2.95
CA ASP A 748 -13.62 -20.47 1.63
C ASP A 748 -12.22 -19.90 1.77
N GLY A 749 -11.43 -20.09 0.71
CA GLY A 749 -10.11 -19.51 0.67
C GLY A 749 -10.16 -18.02 0.44
N MET A 750 -9.05 -17.37 0.76
CA MET A 750 -8.99 -15.92 0.66
C MET A 750 -7.52 -15.56 0.49
N GLY A 751 -7.19 -14.96 -0.65
CA GLY A 751 -5.80 -14.83 -1.07
C GLY A 751 -5.21 -13.47 -0.78
N ASP A 752 -3.92 -13.47 -0.45
CA ASP A 752 -3.06 -12.30 -0.58
C ASP A 752 -3.59 -11.02 0.05
N VAL A 753 -3.64 -10.98 1.38
CA VAL A 753 -3.77 -9.69 2.04
C VAL A 753 -2.61 -8.83 1.55
N SER A 754 -2.92 -7.77 0.83
CA SER A 754 -1.91 -6.94 0.17
C SER A 754 -1.47 -5.83 1.10
N GLU A 755 -0.17 -5.68 1.27
CA GLU A 755 0.38 -4.70 2.20
C GLU A 755 1.72 -4.22 1.66
N LYS A 756 2.51 -3.57 2.51
CA LYS A 756 3.82 -3.04 2.14
C LYS A 756 4.76 -4.15 1.68
N PRO A 764 2.79 -14.00 5.48
CA PRO A 764 1.38 -13.62 5.59
C PRO A 764 0.72 -13.32 4.24
N GLU A 765 0.47 -14.37 3.44
CA GLU A 765 -0.12 -14.21 2.12
C GLU A 765 -1.52 -14.81 2.04
N LYS A 766 -1.67 -16.11 2.29
CA LYS A 766 -2.98 -16.74 2.13
C LYS A 766 -3.69 -16.82 3.49
N ALA A 767 -4.98 -17.14 3.43
CA ALA A 767 -5.78 -17.21 4.64
C ALA A 767 -7.06 -17.98 4.36
N VAL A 768 -7.59 -18.63 5.38
CA VAL A 768 -8.90 -19.26 5.29
C VAL A 768 -9.79 -18.64 6.35
N ARG A 769 -11.08 -18.53 6.06
CA ARG A 769 -12.02 -17.90 6.99
C ARG A 769 -13.21 -18.85 7.16
N PHE A 770 -13.15 -19.70 8.18
CA PHE A 770 -14.21 -20.66 8.49
C PHE A 770 -15.27 -19.96 9.32
N SER A 771 -16.42 -19.71 8.71
CA SER A 771 -17.50 -18.94 9.32
C SER A 771 -18.82 -19.66 9.13
N PHE A 772 -19.78 -19.37 10.02
CA PHE A 772 -21.11 -19.96 10.01
C PHE A 772 -22.13 -18.85 10.27
N THR A 773 -23.41 -19.18 10.08
CA THR A 773 -24.47 -18.23 10.35
C THR A 773 -25.74 -18.96 10.77
N ILE A 774 -26.42 -18.39 11.76
CA ILE A 774 -27.76 -18.85 12.11
C ILE A 774 -28.64 -18.69 10.90
N MET A 775 -29.43 -19.70 10.60
CA MET A 775 -30.28 -19.69 9.43
C MET A 775 -31.77 -19.74 9.76
N SER A 776 -32.19 -20.65 10.64
CA SER A 776 -33.61 -20.74 10.96
C SER A 776 -33.78 -21.42 12.31
N ILE A 777 -34.81 -21.00 13.05
CA ILE A 777 -35.19 -21.63 14.30
C ILE A 777 -36.66 -21.99 14.21
N SER A 778 -37.01 -23.23 14.60
CA SER A 778 -38.37 -23.74 14.56
C SER A 778 -38.69 -24.44 15.88
N ILE A 779 -39.97 -24.77 16.09
CA ILE A 779 -40.38 -25.46 17.30
C ILE A 779 -40.74 -26.90 16.96
N ARG A 780 -40.74 -27.75 17.99
CA ARG A 780 -41.05 -29.16 17.87
C ARG A 780 -42.25 -29.58 18.72
N LEU A 781 -42.90 -28.65 19.43
CA LEU A 781 -44.04 -28.97 20.26
C LEU A 781 -45.35 -28.82 19.48
N GLU A 782 -46.26 -29.77 19.64
CA GLU A 782 -46.05 -30.94 20.51
C GLU A 782 -46.46 -32.25 19.82
N GLY A 783 -47.28 -32.12 18.76
CA GLY A 783 -47.73 -33.27 18.01
C GLY A 783 -46.72 -33.70 16.96
N GLU A 784 -47.16 -33.85 15.71
CA GLU A 784 -46.20 -34.11 14.64
C GLU A 784 -45.44 -32.84 14.27
N ASP A 785 -46.13 -31.70 14.20
CA ASP A 785 -45.60 -30.37 13.92
C ASP A 785 -44.48 -30.40 12.88
N ASP A 786 -44.80 -30.89 11.68
CA ASP A 786 -43.84 -31.04 10.59
C ASP A 786 -42.91 -29.85 10.46
N GLY A 787 -43.44 -28.64 10.61
CA GLY A 787 -42.61 -27.45 10.67
C GLY A 787 -43.32 -26.27 11.28
N ILE A 788 -42.72 -25.69 12.31
CA ILE A 788 -43.25 -24.49 12.96
C ILE A 788 -42.11 -23.48 12.99
N THR A 789 -41.97 -22.69 11.93
CA THR A 789 -40.86 -21.75 11.81
C THR A 789 -41.02 -20.63 12.81
N ILE A 790 -40.20 -20.64 13.87
CA ILE A 790 -40.18 -19.52 14.81
C ILE A 790 -39.60 -18.29 14.14
N PHE A 791 -38.50 -18.46 13.41
CA PHE A 791 -37.85 -17.34 12.74
C PHE A 791 -37.00 -17.89 11.61
N GLN A 792 -37.29 -17.45 10.40
CA GLN A 792 -36.44 -17.70 9.24
C GLN A 792 -35.60 -16.46 8.99
N GLU A 793 -34.29 -16.63 8.86
CA GLU A 793 -33.39 -15.51 8.60
C GLU A 793 -33.77 -14.88 7.26
N GLN A 794 -33.60 -13.55 7.16
CA GLN A 794 -34.10 -12.79 6.03
C GLN A 794 -33.04 -12.47 4.98
N LYS A 795 -31.80 -12.22 5.38
CA LYS A 795 -30.72 -11.89 4.46
C LYS A 795 -29.57 -12.89 4.57
N PRO A 796 -29.81 -14.19 4.36
CA PRO A 796 -28.78 -15.19 4.68
C PRO A 796 -27.55 -15.09 3.82
N ASN A 797 -27.57 -14.27 2.78
CA ASN A 797 -26.39 -14.03 1.96
C ASN A 797 -25.72 -12.71 2.28
N SER A 798 -26.47 -11.73 2.79
CA SER A 798 -25.85 -10.49 3.20
C SER A 798 -24.79 -10.76 4.26
N GLU A 799 -23.56 -10.32 3.98
CA GLU A 799 -22.41 -10.57 4.86
C GLU A 799 -22.63 -10.01 6.25
N LEU A 800 -23.49 -9.00 6.39
CA LEU A 800 -23.80 -8.42 7.69
C LEU A 800 -24.19 -9.48 8.71
N SER A 801 -24.69 -10.63 8.25
CA SER A 801 -24.93 -11.79 9.09
C SER A 801 -24.15 -12.95 8.50
N CYS A 802 -22.87 -13.01 8.84
CA CYS A 802 -22.03 -14.18 8.57
C CYS A 802 -20.85 -14.11 9.55
N ARG A 803 -20.94 -14.86 10.67
CA ARG A 803 -19.93 -14.56 11.68
C ARG A 803 -18.79 -15.58 11.63
N PRO A 804 -17.57 -15.05 11.74
CA PRO A 804 -16.39 -15.90 11.66
C PRO A 804 -16.21 -16.68 12.93
N LEU A 805 -15.60 -17.83 12.79
CA LEU A 805 -15.31 -18.68 13.93
C LEU A 805 -13.90 -19.21 13.94
N CYS A 806 -13.23 -19.27 12.80
CA CYS A 806 -11.84 -19.69 12.81
C CYS A 806 -11.09 -19.06 11.65
N LEU A 807 -9.80 -18.74 11.89
CA LEU A 807 -8.96 -18.12 10.86
C LEU A 807 -7.53 -18.62 10.96
N MET A 808 -6.92 -18.94 9.81
CA MET A 808 -5.57 -19.44 9.74
C MET A 808 -4.84 -18.89 8.52
N PHE A 809 -3.53 -18.72 8.66
CA PHE A 809 -2.65 -18.32 7.56
C PHE A 809 -2.07 -19.57 6.89
N VAL A 810 -2.93 -20.27 6.15
CA VAL A 810 -2.56 -21.47 5.45
C VAL A 810 -3.00 -21.32 4.00
N ASP A 811 -2.54 -22.24 3.16
CA ASP A 811 -2.93 -22.29 1.77
C ASP A 811 -4.16 -23.18 1.63
N GLU A 812 -5.03 -22.79 0.71
CA GLU A 812 -6.25 -23.54 0.44
C GLU A 812 -5.93 -24.95 -0.05
N SER A 813 -4.80 -25.12 -0.72
CA SER A 813 -4.51 -26.37 -1.41
C SER A 813 -4.04 -27.44 -0.43
N ASP A 814 -2.89 -27.22 0.24
CA ASP A 814 -2.25 -28.29 0.99
C ASP A 814 -3.19 -28.92 2.02
N HIS A 815 -3.49 -30.20 1.85
CA HIS A 815 -4.40 -30.89 2.74
C HIS A 815 -3.84 -30.94 4.16
N GLU A 816 -2.53 -31.08 4.28
CA GLU A 816 -1.89 -31.39 5.54
C GLU A 816 -2.24 -30.36 6.60
N THR A 817 -1.79 -29.11 6.41
CA THR A 817 -1.93 -28.15 7.50
C THR A 817 -3.38 -27.76 7.70
N LEU A 818 -4.16 -27.71 6.62
CA LEU A 818 -5.58 -27.41 6.73
C LEU A 818 -6.27 -28.41 7.66
N THR A 819 -6.04 -29.71 7.46
CA THR A 819 -6.57 -30.71 8.38
C THR A 819 -6.05 -30.47 9.79
N ALA A 820 -4.73 -30.41 9.93
CA ALA A 820 -4.08 -30.31 11.24
C ALA A 820 -4.64 -29.19 12.10
N ILE A 821 -5.15 -28.13 11.48
CA ILE A 821 -5.76 -27.07 12.27
C ILE A 821 -7.27 -27.30 12.42
N LEU A 822 -7.97 -27.63 11.33
CA LEU A 822 -9.43 -27.67 11.36
C LEU A 822 -9.97 -28.85 12.16
N GLY A 823 -9.15 -29.87 12.41
CA GLY A 823 -9.54 -31.04 13.16
C GLY A 823 -10.42 -30.81 14.37
N PRO A 824 -9.95 -29.98 15.31
CA PRO A 824 -10.79 -29.64 16.48
C PRO A 824 -12.24 -29.32 16.14
N VAL A 825 -12.46 -28.40 15.22
CA VAL A 825 -13.81 -27.96 14.87
C VAL A 825 -14.61 -29.12 14.28
N VAL A 826 -13.95 -29.97 13.51
CA VAL A 826 -14.59 -31.15 12.95
C VAL A 826 -15.11 -32.04 14.07
N ALA A 827 -14.23 -32.38 15.00
CA ALA A 827 -14.62 -33.25 16.12
C ALA A 827 -15.77 -32.63 16.91
N GLU A 828 -15.70 -31.31 17.13
CA GLU A 828 -16.79 -30.62 17.84
C GLU A 828 -18.11 -30.78 17.10
N ARG A 829 -18.15 -30.38 15.84
CA ARG A 829 -19.40 -30.44 15.09
C ARG A 829 -19.95 -31.86 15.02
N LYS A 830 -19.08 -32.86 14.88
CA LYS A 830 -19.55 -34.23 14.85
C LYS A 830 -20.17 -34.63 16.19
N ALA A 831 -19.44 -34.42 17.29
CA ALA A 831 -19.97 -34.76 18.61
C ALA A 831 -21.07 -33.82 19.09
N MET A 832 -21.47 -32.87 18.25
CA MET A 832 -22.44 -31.88 18.65
C MET A 832 -23.86 -32.23 18.25
N MET A 833 -24.04 -32.82 17.08
CA MET A 833 -25.37 -32.99 16.51
C MET A 833 -26.29 -33.84 17.37
N GLU A 834 -25.74 -34.58 18.35
CA GLU A 834 -26.54 -35.55 19.10
C GLU A 834 -27.12 -34.97 20.39
N SER A 835 -26.26 -34.53 21.31
CA SER A 835 -26.72 -34.09 22.62
C SER A 835 -27.54 -32.80 22.48
N ARG A 836 -28.10 -32.33 23.59
CA ARG A 836 -28.98 -31.17 23.53
C ARG A 836 -28.54 -30.10 24.52
N LEU A 837 -28.74 -28.85 24.12
CA LEU A 837 -28.27 -27.67 24.83
C LEU A 837 -29.34 -27.09 25.74
N ILE A 838 -28.95 -26.57 26.89
CA ILE A 838 -29.87 -25.89 27.80
C ILE A 838 -29.33 -24.48 28.02
N ILE A 839 -30.14 -23.48 27.67
CA ILE A 839 -29.76 -22.08 27.78
C ILE A 839 -30.84 -21.33 28.54
N SER A 840 -30.43 -20.32 29.31
CA SER A 840 -31.35 -19.47 30.06
C SER A 840 -31.68 -18.23 29.21
N VAL A 841 -32.86 -18.27 28.57
CA VAL A 841 -33.35 -17.20 27.70
C VAL A 841 -34.70 -16.71 28.21
N GLY A 842 -34.86 -15.39 28.23
CA GLY A 842 -36.11 -14.81 28.72
C GLY A 842 -36.51 -15.32 30.08
N GLY A 843 -35.54 -15.51 30.97
CA GLY A 843 -35.77 -15.99 32.31
C GLY A 843 -36.01 -17.48 32.42
N LEU A 844 -36.37 -18.13 31.32
CA LEU A 844 -36.69 -19.55 31.31
C LEU A 844 -35.51 -20.34 30.75
N LEU A 845 -35.16 -21.45 31.39
CA LEU A 845 -34.20 -22.36 30.81
C LEU A 845 -34.93 -23.25 29.79
N ARG A 846 -34.37 -23.33 28.59
CA ARG A 846 -35.00 -24.05 27.50
C ARG A 846 -33.95 -24.89 26.77
N SER A 847 -34.43 -25.95 26.13
CA SER A 847 -33.61 -26.96 25.46
C SER A 847 -33.60 -26.74 23.95
N PHE A 848 -32.45 -27.04 23.34
CA PHE A 848 -32.18 -26.84 21.93
C PHE A 848 -31.51 -28.07 21.33
N ARG A 849 -31.95 -28.43 20.11
CA ARG A 849 -31.25 -29.39 19.27
C ARG A 849 -30.57 -28.63 18.14
N PHE A 850 -29.87 -29.38 17.30
CA PHE A 850 -29.15 -28.76 16.19
C PHE A 850 -29.07 -29.72 15.01
N PHE A 851 -29.35 -29.18 13.82
CA PHE A 851 -29.08 -29.86 12.55
C PHE A 851 -28.12 -28.97 11.77
N PHE A 852 -27.27 -29.59 10.96
CA PHE A 852 -26.13 -28.89 10.41
C PHE A 852 -26.07 -29.06 8.90
N ARG A 853 -25.98 -27.95 8.19
CA ARG A 853 -25.98 -27.92 6.73
C ARG A 853 -24.64 -27.34 6.27
N GLY A 854 -23.75 -28.22 5.78
CA GLY A 854 -22.50 -27.78 5.18
C GLY A 854 -22.67 -27.50 3.70
N THR A 855 -22.69 -26.21 3.32
CA THR A 855 -22.95 -25.80 1.95
C THR A 855 -21.91 -24.85 1.38
N GLY A 856 -21.37 -23.95 2.19
CA GLY A 856 -20.55 -22.85 1.71
C GLY A 856 -19.16 -23.27 1.27
N TYR A 857 -19.10 -24.01 0.17
CA TYR A 857 -17.84 -24.42 -0.43
C TYR A 857 -17.98 -24.40 -1.94
N ASP A 858 -16.91 -24.00 -2.63
CA ASP A 858 -16.88 -24.12 -4.08
C ASP A 858 -16.62 -25.57 -4.50
N GLU A 859 -16.69 -25.80 -5.80
CA GLU A 859 -16.55 -27.16 -6.34
C GLU A 859 -15.23 -27.80 -5.91
N LYS A 860 -14.12 -27.07 -6.07
CA LYS A 860 -12.80 -27.63 -5.77
C LYS A 860 -12.69 -28.05 -4.32
N MET A 861 -13.05 -27.16 -3.40
CA MET A 861 -12.99 -27.51 -1.99
C MET A 861 -13.96 -28.62 -1.65
N VAL A 862 -15.12 -28.63 -2.31
CA VAL A 862 -16.04 -29.74 -2.15
C VAL A 862 -15.34 -31.04 -2.50
N ARG A 863 -14.66 -31.07 -3.64
CA ARG A 863 -13.90 -32.26 -4.00
C ARG A 863 -12.85 -32.59 -2.95
N GLU A 864 -12.17 -31.58 -2.42
CA GLU A 864 -11.08 -31.83 -1.49
C GLU A 864 -11.59 -32.39 -0.16
N MET A 865 -12.51 -31.69 0.48
CA MET A 865 -13.13 -32.20 1.69
C MET A 865 -13.80 -33.53 1.46
N GLU A 866 -14.25 -33.79 0.25
CA GLU A 866 -14.86 -35.07 -0.08
C GLU A 866 -13.86 -36.12 -0.54
N GLY A 867 -12.66 -35.70 -0.92
CA GLY A 867 -11.60 -36.62 -1.27
C GLY A 867 -11.53 -37.01 -2.72
N LEU A 868 -12.59 -36.77 -3.50
CA LEU A 868 -12.58 -37.09 -4.91
C LEU A 868 -11.49 -36.29 -5.62
N GLU A 869 -11.18 -36.73 -6.83
CA GLU A 869 -10.19 -36.06 -7.65
C GLU A 869 -10.68 -34.65 -8.02
N ALA A 870 -9.74 -33.80 -8.39
CA ALA A 870 -10.06 -32.42 -8.71
C ALA A 870 -9.03 -31.93 -9.73
N SER A 871 -9.52 -31.28 -10.79
CA SER A 871 -10.94 -30.98 -10.94
C SER A 871 -11.59 -31.62 -12.18
N GLY A 872 -10.87 -31.62 -13.30
CA GLY A 872 -11.37 -32.13 -14.57
C GLY A 872 -11.44 -33.63 -14.61
N SER A 873 -12.15 -34.19 -13.64
CA SER A 873 -12.30 -35.63 -13.53
C SER A 873 -13.20 -36.18 -14.63
N THR A 874 -13.03 -37.47 -14.92
CA THR A 874 -13.99 -38.15 -15.75
C THR A 874 -15.33 -38.30 -15.05
N TYR A 875 -15.31 -38.32 -13.72
CA TYR A 875 -16.52 -38.50 -12.92
C TYR A 875 -17.07 -37.14 -12.51
N ILE A 876 -17.49 -36.41 -13.54
CA ILE A 876 -17.84 -34.99 -13.40
C ILE A 876 -18.91 -34.80 -12.32
N CYS A 877 -19.96 -35.60 -12.35
CA CYS A 877 -21.11 -35.38 -11.50
C CYS A 877 -20.76 -35.58 -10.03
N THR A 878 -21.06 -34.57 -9.23
CA THR A 878 -20.86 -34.65 -7.79
C THR A 878 -22.04 -35.33 -7.09
N LEU A 879 -23.10 -35.67 -7.83
CA LEU A 879 -24.33 -36.19 -7.24
C LEU A 879 -24.66 -37.62 -7.65
N CYS A 880 -24.68 -37.91 -8.95
CA CYS A 880 -24.82 -39.28 -9.39
C CYS A 880 -23.43 -39.80 -9.76
N ASP A 881 -23.36 -40.99 -10.35
CA ASP A 881 -22.08 -41.63 -10.64
C ASP A 881 -21.70 -41.52 -12.11
N SER A 882 -22.29 -40.58 -12.83
CA SER A 882 -22.08 -40.48 -14.27
C SER A 882 -20.65 -40.04 -14.59
N THR A 883 -20.16 -40.51 -15.74
CA THR A 883 -19.01 -39.94 -16.40
C THR A 883 -19.51 -38.84 -17.34
N ARG A 884 -18.64 -38.40 -18.26
CA ARG A 884 -19.09 -37.54 -19.33
C ARG A 884 -20.14 -38.23 -20.19
N ALA A 885 -19.92 -39.51 -20.51
CA ALA A 885 -20.68 -40.19 -21.55
C ALA A 885 -22.08 -40.61 -21.09
N GLU A 886 -22.15 -41.44 -20.03
CA GLU A 886 -23.44 -41.98 -19.61
C GLU A 886 -24.44 -40.88 -19.29
N ALA A 887 -23.96 -39.70 -18.91
CA ALA A 887 -24.79 -38.51 -18.79
C ALA A 887 -24.88 -37.73 -20.11
N SER A 888 -24.02 -38.04 -21.08
CA SER A 888 -24.11 -37.33 -22.36
C SER A 888 -25.18 -37.95 -23.28
N GLN A 889 -25.21 -39.28 -23.39
CA GLN A 889 -26.25 -39.95 -24.19
C GLN A 889 -27.63 -39.70 -23.59
N ASN A 890 -27.84 -40.17 -22.37
CA ASN A 890 -29.05 -39.88 -21.62
C ASN A 890 -28.68 -38.83 -20.57
N MET A 891 -29.27 -37.64 -20.68
CA MET A 891 -28.82 -36.48 -19.90
C MET A 891 -29.59 -36.27 -18.59
N VAL A 892 -30.92 -36.11 -18.68
CA VAL A 892 -31.69 -35.62 -17.54
C VAL A 892 -32.33 -36.73 -16.74
N LEU A 893 -31.89 -37.97 -16.95
CA LEU A 893 -32.46 -39.12 -16.27
C LEU A 893 -31.42 -39.68 -15.30
N HIS A 894 -31.44 -39.19 -14.07
CA HIS A 894 -30.60 -39.72 -13.02
C HIS A 894 -31.33 -39.59 -11.69
N SER A 895 -30.94 -40.44 -10.75
CA SER A 895 -31.42 -40.41 -9.38
C SER A 895 -30.26 -40.02 -8.48
N ILE A 896 -30.52 -39.10 -7.54
CA ILE A 896 -29.45 -38.63 -6.66
C ILE A 896 -28.94 -39.78 -5.81
N THR A 897 -27.64 -40.01 -5.87
CA THR A 897 -27.00 -41.07 -5.11
C THR A 897 -26.00 -40.54 -4.09
N ARG A 898 -25.08 -39.66 -4.50
CA ARG A 898 -23.91 -39.28 -3.71
C ARG A 898 -24.27 -38.79 -2.31
N SER A 899 -23.84 -39.53 -1.29
CA SER A 899 -23.91 -39.11 0.11
C SER A 899 -22.57 -39.40 0.77
N HIS A 900 -22.37 -38.79 1.94
CA HIS A 900 -21.07 -38.81 2.59
C HIS A 900 -20.70 -40.20 3.08
N ASP A 901 -21.59 -40.80 3.86
CA ASP A 901 -21.26 -42.07 4.50
C ASP A 901 -20.96 -43.16 3.48
N GLU A 902 -21.74 -43.21 2.40
CA GLU A 902 -21.46 -44.20 1.36
C GLU A 902 -20.17 -43.88 0.61
N ASN A 903 -19.73 -42.61 0.60
CA ASN A 903 -18.43 -42.29 0.02
C ASN A 903 -17.30 -42.80 0.90
N LEU A 904 -17.46 -42.69 2.22
CA LEU A 904 -16.54 -43.35 3.13
C LEU A 904 -16.52 -44.86 2.87
N GLU A 905 -17.70 -45.45 2.62
CA GLU A 905 -17.78 -46.87 2.29
C GLU A 905 -17.00 -47.19 1.03
N ARG A 906 -17.19 -46.40 -0.03
CA ARG A 906 -16.47 -46.60 -1.28
C ARG A 906 -14.96 -46.47 -1.06
N TYR A 907 -14.55 -45.55 -0.20
CA TYR A 907 -13.13 -45.43 0.11
C TYR A 907 -12.60 -46.71 0.75
N GLU A 908 -13.35 -47.26 1.70
CA GLU A 908 -12.94 -48.53 2.29
C GLU A 908 -12.84 -49.62 1.23
N ILE A 909 -13.81 -49.66 0.32
CA ILE A 909 -13.81 -50.64 -0.77
C ILE A 909 -12.54 -50.51 -1.59
N TRP A 910 -12.12 -49.28 -1.88
CA TRP A 910 -10.86 -49.04 -2.59
C TRP A 910 -9.68 -49.57 -1.80
N ARG A 911 -9.56 -49.13 -0.55
CA ARG A 911 -8.33 -49.34 0.21
C ARG A 911 -8.07 -50.81 0.48
N LYS A 912 -9.09 -51.54 0.96
CA LYS A 912 -8.91 -52.97 1.19
C LYS A 912 -8.63 -53.70 -0.13
N ASN A 913 -9.31 -53.31 -1.21
CA ASN A 913 -9.22 -53.92 -2.52
C ASN A 913 -9.47 -55.41 -2.41
N PRO A 914 -10.70 -55.85 -2.12
CA PRO A 914 -10.97 -57.27 -1.93
C PRO A 914 -11.29 -58.03 -3.21
N PHE A 915 -10.99 -57.48 -4.38
CA PHE A 915 -11.27 -58.16 -5.64
C PHE A 915 -10.07 -58.17 -6.59
N SER A 916 -8.91 -57.70 -6.14
CA SER A 916 -7.65 -57.82 -6.88
C SER A 916 -7.73 -57.25 -8.28
N GLU A 917 -8.65 -56.32 -8.51
CA GLU A 917 -8.88 -55.80 -9.85
C GLU A 917 -7.75 -54.87 -10.27
N SER A 918 -7.71 -54.57 -11.57
CA SER A 918 -6.74 -53.61 -12.08
C SER A 918 -7.06 -52.21 -11.54
N ALA A 919 -6.08 -51.32 -11.68
CA ALA A 919 -6.17 -49.98 -11.12
C ALA A 919 -7.36 -49.20 -11.65
N ASP A 920 -7.37 -48.94 -12.95
CA ASP A 920 -8.44 -48.13 -13.52
C ASP A 920 -9.78 -48.81 -13.39
N GLU A 921 -9.82 -50.13 -13.46
CA GLU A 921 -11.10 -50.82 -13.31
C GLU A 921 -11.62 -50.68 -11.88
N LEU A 922 -10.72 -50.70 -10.89
CA LEU A 922 -11.17 -50.49 -9.52
C LEU A 922 -11.57 -49.04 -9.29
N ARG A 923 -10.88 -48.10 -9.93
CA ARG A 923 -11.34 -46.72 -9.96
C ARG A 923 -12.77 -46.62 -10.51
N ASP A 924 -13.07 -47.44 -11.52
CA ASP A 924 -14.40 -47.44 -12.11
C ASP A 924 -15.43 -47.98 -11.13
N ARG A 925 -15.19 -49.19 -10.59
CA ARG A 925 -16.15 -49.83 -9.70
C ARG A 925 -16.37 -49.03 -8.42
N VAL A 926 -15.44 -48.16 -8.07
CA VAL A 926 -15.54 -47.33 -6.88
C VAL A 926 -16.08 -45.93 -7.18
N LYS A 927 -16.20 -45.56 -8.46
CA LYS A 927 -16.68 -44.24 -8.89
C LYS A 927 -15.78 -43.11 -8.40
N GLY A 928 -14.51 -43.21 -8.77
CA GLY A 928 -13.54 -42.16 -8.53
C GLY A 928 -13.18 -41.88 -7.08
N VAL A 929 -13.77 -42.58 -6.12
CA VAL A 929 -13.45 -42.31 -4.72
C VAL A 929 -12.05 -42.86 -4.43
N SER A 930 -11.13 -41.98 -4.03
CA SER A 930 -9.75 -42.38 -3.76
C SER A 930 -9.15 -41.79 -2.49
N ALA A 931 -9.87 -40.94 -1.77
CA ALA A 931 -9.32 -40.30 -0.58
C ALA A 931 -10.35 -40.31 0.53
N LYS A 932 -9.87 -40.55 1.76
CA LYS A 932 -10.73 -40.67 2.92
C LYS A 932 -11.34 -39.33 3.27
N PRO A 933 -12.62 -39.14 3.00
CA PRO A 933 -13.25 -37.86 3.29
C PRO A 933 -13.36 -37.68 4.79
N PHE A 934 -13.38 -36.42 5.22
CA PHE A 934 -13.52 -36.17 6.64
C PHE A 934 -14.44 -34.99 6.96
N MET A 935 -15.11 -34.41 5.97
CA MET A 935 -15.94 -33.22 6.17
C MET A 935 -17.31 -33.47 5.58
N GLU A 936 -18.32 -33.67 6.45
CA GLU A 936 -19.67 -33.91 5.96
C GLU A 936 -20.15 -32.68 5.21
N THR A 937 -20.25 -32.80 3.90
CA THR A 937 -20.72 -31.73 3.05
C THR A 937 -22.07 -32.11 2.47
N GLN A 938 -23.06 -31.25 2.70
CA GLN A 938 -24.31 -31.43 1.98
C GLN A 938 -24.02 -31.09 0.52
N PRO A 939 -23.96 -32.07 -0.36
CA PRO A 939 -23.46 -31.79 -1.70
C PRO A 939 -24.46 -30.97 -2.48
N THR A 940 -24.46 -29.67 -2.22
CA THR A 940 -25.47 -28.79 -2.79
C THR A 940 -24.90 -28.03 -3.97
N LEU A 941 -25.79 -27.69 -4.92
CA LEU A 941 -25.43 -26.80 -6.00
C LEU A 941 -25.04 -25.43 -5.44
N ASP A 942 -24.05 -24.81 -6.05
CA ASP A 942 -23.68 -23.44 -5.70
C ASP A 942 -24.52 -22.51 -6.55
N ALA A 943 -25.50 -21.87 -5.92
CA ALA A 943 -26.43 -21.01 -6.64
C ALA A 943 -25.75 -19.79 -7.23
N LEU A 944 -24.58 -19.39 -6.72
CA LEU A 944 -23.96 -18.14 -7.16
C LEU A 944 -23.63 -18.12 -8.64
N HIS A 945 -22.71 -18.95 -9.10
CA HIS A 945 -22.38 -18.93 -10.53
C HIS A 945 -23.47 -19.65 -11.31
N CYS A 946 -23.53 -20.98 -11.17
CA CYS A 946 -24.69 -21.80 -11.52
C CYS A 946 -25.15 -21.62 -12.96
N ASP A 947 -24.50 -20.69 -13.67
CA ASP A 947 -25.01 -20.24 -14.96
C ASP A 947 -23.92 -20.06 -16.01
N ILE A 948 -22.67 -19.83 -15.63
CA ILE A 948 -21.69 -19.34 -16.59
C ILE A 948 -21.39 -20.40 -17.65
N GLY A 949 -21.39 -21.68 -17.25
CA GLY A 949 -21.21 -22.74 -18.23
C GLY A 949 -22.33 -22.77 -19.26
N ASN A 950 -23.57 -22.60 -18.80
CA ASN A 950 -24.71 -22.57 -19.70
C ASN A 950 -24.59 -21.42 -20.71
N ALA A 951 -24.16 -20.25 -20.24
CA ALA A 951 -24.05 -19.08 -21.11
C ALA A 951 -22.93 -19.24 -22.12
N THR A 952 -21.75 -19.70 -21.67
CA THR A 952 -20.65 -19.89 -22.61
C THR A 952 -20.96 -21.00 -23.61
N GLU A 953 -21.78 -21.98 -23.22
CA GLU A 953 -22.16 -23.00 -24.19
C GLU A 953 -23.21 -22.50 -25.17
N PHE A 954 -24.10 -21.60 -24.74
CA PHE A 954 -24.96 -20.91 -25.70
C PHE A 954 -24.15 -20.05 -26.66
N TYR A 955 -23.06 -19.44 -26.15
CA TYR A 955 -22.13 -18.67 -26.99
C TYR A 955 -21.52 -19.55 -28.07
N LYS A 956 -20.97 -20.70 -27.67
CA LYS A 956 -20.40 -21.64 -28.63
C LYS A 956 -21.45 -22.17 -29.60
N ILE A 957 -22.67 -22.42 -29.10
CA ILE A 957 -23.76 -22.85 -29.96
C ILE A 957 -24.03 -21.82 -31.05
N PHE A 958 -24.24 -20.57 -30.65
CA PHE A 958 -24.52 -19.52 -31.63
C PHE A 958 -23.35 -19.37 -32.62
N GLN A 959 -22.11 -19.53 -32.14
CA GLN A 959 -20.96 -19.44 -33.03
C GLN A 959 -20.92 -20.61 -34.02
N ASP A 960 -21.41 -21.78 -33.61
CA ASP A 960 -21.49 -22.94 -34.48
C ASP A 960 -22.75 -22.96 -35.33
N GLU A 961 -23.69 -22.05 -35.07
CA GLU A 961 -24.86 -21.81 -35.91
C GLU A 961 -24.61 -20.74 -36.97
N ILE A 962 -23.75 -19.76 -36.69
CA ILE A 962 -23.17 -18.96 -37.77
C ILE A 962 -22.34 -19.84 -38.69
N GLY A 963 -21.48 -20.66 -38.11
CA GLY A 963 -20.90 -21.77 -38.84
C GLY A 963 -21.92 -22.87 -39.05
N GLU A 964 -21.51 -23.92 -39.75
CA GLU A 964 -22.37 -25.09 -39.95
C GLU A 964 -21.60 -26.33 -39.50
N VAL A 965 -21.86 -26.79 -38.26
CA VAL A 965 -21.19 -27.98 -37.75
C VAL A 965 -21.81 -29.25 -38.33
N TYR A 966 -23.14 -29.33 -38.38
CA TYR A 966 -23.83 -30.46 -38.97
C TYR A 966 -23.83 -30.42 -40.51
N GLN A 967 -23.11 -29.48 -41.12
CA GLN A 967 -22.74 -29.51 -42.53
C GLN A 967 -21.23 -29.59 -42.74
N LYS A 968 -20.45 -28.89 -41.91
CA LYS A 968 -18.99 -28.88 -41.95
C LYS A 968 -18.47 -29.34 -40.59
N PRO A 969 -18.48 -30.66 -40.32
CA PRO A 969 -18.14 -31.14 -38.97
C PRO A 969 -16.64 -31.10 -38.66
N ASN A 970 -15.87 -30.45 -39.51
CA ASN A 970 -14.43 -30.29 -39.32
C ASN A 970 -14.02 -28.86 -39.68
N PRO A 971 -14.38 -27.89 -38.84
CA PRO A 971 -13.93 -26.52 -39.08
C PRO A 971 -12.45 -26.38 -38.78
N SER A 972 -11.84 -25.37 -39.40
CA SER A 972 -10.41 -25.14 -39.27
C SER A 972 -10.14 -24.14 -38.14
N ARG A 973 -8.86 -23.78 -37.96
CA ARG A 973 -8.45 -22.92 -36.85
C ARG A 973 -9.11 -21.55 -36.87
N GLU A 974 -9.53 -21.08 -38.05
CA GLU A 974 -9.96 -19.69 -38.21
C GLU A 974 -11.40 -19.51 -38.65
N GLU A 975 -12.08 -20.54 -39.14
CA GLU A 975 -13.51 -20.42 -39.37
C GLU A 975 -14.24 -20.03 -38.09
N ARG A 976 -13.92 -20.71 -37.00
CA ARG A 976 -14.55 -20.42 -35.71
C ARG A 976 -14.30 -18.97 -35.30
N ARG A 977 -13.08 -18.48 -35.53
CA ARG A 977 -12.72 -17.14 -35.07
C ARG A 977 -13.44 -16.06 -35.89
N ARG A 978 -13.55 -16.25 -37.20
CA ARG A 978 -14.33 -15.34 -38.03
C ARG A 978 -15.81 -15.38 -37.64
N TRP A 979 -16.32 -16.56 -37.31
CA TRP A 979 -17.72 -16.68 -36.90
C TRP A 979 -17.97 -15.95 -35.59
N ARG A 980 -17.05 -16.10 -34.63
CA ARG A 980 -17.14 -15.35 -33.38
C ARG A 980 -17.08 -13.85 -33.63
N SER A 981 -16.22 -13.42 -34.56
CA SER A 981 -16.10 -11.99 -34.84
C SER A 981 -17.39 -11.43 -35.44
N THR A 982 -17.97 -12.11 -36.44
CA THR A 982 -19.19 -11.60 -37.06
C THR A 982 -20.35 -11.64 -36.07
N LEU A 983 -20.42 -12.68 -35.25
CA LEU A 983 -21.44 -12.73 -34.19
C LEU A 983 -21.28 -11.59 -33.20
N ASP A 984 -20.04 -11.32 -32.79
CA ASP A 984 -19.80 -10.31 -31.75
C ASP A 984 -20.15 -8.92 -32.26
N LYS A 985 -19.70 -8.57 -33.46
CA LYS A 985 -20.06 -7.26 -34.00
C LYS A 985 -21.52 -7.19 -34.45
N GLN A 986 -22.14 -8.34 -34.75
CA GLN A 986 -23.58 -8.37 -34.98
C GLN A 986 -24.34 -7.98 -33.71
N LEU A 987 -23.99 -8.62 -32.59
CA LEU A 987 -24.56 -8.22 -31.30
C LEU A 987 -24.25 -6.76 -31.00
N ARG A 988 -23.02 -6.33 -31.28
CA ARG A 988 -22.64 -4.93 -31.09
C ARG A 988 -23.56 -3.99 -31.86
N LYS A 989 -23.99 -4.41 -33.04
CA LYS A 989 -24.93 -3.60 -33.82
C LYS A 989 -26.30 -3.57 -33.17
N LYS A 990 -26.84 -4.74 -32.80
CA LYS A 990 -28.21 -4.77 -32.30
C LYS A 990 -28.30 -4.56 -30.79
N MET A 991 -27.66 -5.43 -30.00
CA MET A 991 -27.75 -5.33 -28.54
C MET A 991 -26.68 -4.44 -27.93
N LYS A 992 -25.69 -4.01 -28.70
CA LYS A 992 -24.61 -3.15 -28.23
C LYS A 992 -23.87 -3.78 -27.05
N LEU A 993 -23.30 -4.95 -27.31
CA LEU A 993 -22.59 -5.75 -26.32
C LEU A 993 -21.16 -5.95 -26.81
N LYS A 994 -20.25 -5.12 -26.31
CA LYS A 994 -18.86 -5.18 -26.74
C LYS A 994 -18.26 -6.55 -26.40
N PRO A 995 -17.23 -6.98 -27.13
CA PRO A 995 -16.65 -8.31 -26.87
C PRO A 995 -16.03 -8.40 -25.49
N VAL A 996 -15.95 -9.63 -24.98
CA VAL A 996 -15.44 -9.91 -23.65
C VAL A 996 -14.50 -11.10 -23.70
N MET A 997 -13.97 -11.45 -22.54
CA MET A 997 -13.17 -12.66 -22.35
C MET A 997 -13.91 -13.73 -21.56
N ARG A 998 -14.64 -13.34 -20.51
CA ARG A 998 -15.27 -14.30 -19.61
C ARG A 998 -16.63 -13.77 -19.20
N MET A 999 -17.54 -14.70 -18.91
CA MET A 999 -18.95 -14.38 -18.66
C MET A 999 -19.14 -14.07 -17.17
N ASN A 1000 -19.08 -12.79 -16.84
CA ASN A 1000 -19.43 -12.32 -15.51
C ASN A 1000 -20.97 -12.28 -15.42
N GLY A 1001 -21.48 -11.73 -14.31
CA GLY A 1001 -22.91 -11.70 -14.06
C GLY A 1001 -23.74 -10.92 -15.06
N ASN A 1002 -23.48 -9.62 -15.19
CA ASN A 1002 -24.34 -8.76 -16.01
C ASN A 1002 -24.32 -9.19 -17.48
N TYR A 1003 -23.12 -9.48 -18.00
CA TYR A 1003 -22.99 -9.96 -19.38
C TYR A 1003 -23.82 -11.21 -19.60
N ALA A 1004 -23.73 -12.17 -18.68
CA ALA A 1004 -24.50 -13.39 -18.78
C ALA A 1004 -26.00 -13.09 -18.76
N ARG A 1005 -26.44 -12.23 -17.84
CA ARG A 1005 -27.86 -11.88 -17.76
C ARG A 1005 -28.37 -11.33 -19.08
N ARG A 1006 -27.66 -10.36 -19.65
CA ARG A 1006 -28.15 -9.77 -20.90
C ARG A 1006 -28.05 -10.73 -22.08
N LEU A 1007 -27.15 -11.72 -22.00
CA LEU A 1007 -26.99 -12.62 -23.14
C LEU A 1007 -28.18 -13.56 -23.31
N MET A 1008 -28.87 -13.90 -22.22
CA MET A 1008 -29.96 -14.87 -22.25
C MET A 1008 -31.30 -14.12 -22.27
N THR A 1009 -31.62 -13.58 -23.44
CA THR A 1009 -32.88 -12.88 -23.65
C THR A 1009 -33.40 -13.24 -25.03
N ARG A 1010 -34.73 -13.28 -25.14
CA ARG A 1010 -35.38 -13.63 -26.39
C ARG A 1010 -34.97 -12.66 -27.51
N GLU A 1011 -34.77 -11.39 -27.17
CA GLU A 1011 -34.44 -10.40 -28.18
C GLU A 1011 -33.03 -10.62 -28.74
N ALA A 1012 -32.07 -10.93 -27.88
CA ALA A 1012 -30.73 -11.26 -28.37
C ALA A 1012 -30.73 -12.55 -29.19
N VAL A 1013 -31.64 -13.47 -28.86
CA VAL A 1013 -31.73 -14.72 -29.62
C VAL A 1013 -32.31 -14.46 -31.01
N GLU A 1014 -33.35 -13.63 -31.11
CA GLU A 1014 -33.84 -13.24 -32.44
C GLU A 1014 -32.84 -12.37 -33.17
N ALA A 1015 -31.95 -11.69 -32.45
CA ALA A 1015 -30.89 -10.91 -33.06
C ALA A 1015 -29.84 -11.81 -33.72
N VAL A 1016 -29.45 -12.88 -33.03
CA VAL A 1016 -28.55 -13.85 -33.66
C VAL A 1016 -29.27 -14.68 -34.72
N CYS A 1017 -30.60 -14.76 -34.64
CA CYS A 1017 -31.37 -15.42 -35.69
C CYS A 1017 -31.21 -14.72 -37.04
N GLU A 1018 -30.98 -13.41 -37.03
CA GLU A 1018 -30.79 -12.66 -38.28
C GLU A 1018 -29.68 -13.28 -39.14
N LEU A 1019 -28.60 -13.75 -38.52
CA LEU A 1019 -27.43 -14.20 -39.28
C LEU A 1019 -27.43 -15.69 -39.62
N VAL A 1020 -28.08 -16.53 -38.83
CA VAL A 1020 -28.08 -17.97 -39.14
C VAL A 1020 -28.79 -18.20 -40.49
N PRO A 1021 -28.20 -18.96 -41.42
CA PRO A 1021 -28.78 -19.05 -42.78
C PRO A 1021 -30.16 -19.69 -42.82
N SER A 1022 -30.33 -20.86 -42.23
CA SER A 1022 -31.63 -21.52 -42.21
C SER A 1022 -32.52 -20.92 -41.13
N GLU A 1023 -33.82 -21.17 -41.26
CA GLU A 1023 -34.82 -20.62 -40.36
C GLU A 1023 -35.54 -21.68 -39.54
N GLU A 1024 -35.24 -22.95 -39.73
CA GLU A 1024 -35.85 -23.97 -38.88
C GLU A 1024 -35.15 -24.04 -37.52
N ARG A 1025 -33.83 -24.18 -37.54
CA ARG A 1025 -33.06 -24.13 -36.30
C ARG A 1025 -33.22 -22.77 -35.63
N ARG A 1026 -33.59 -21.74 -36.38
CA ARG A 1026 -33.97 -20.45 -35.79
C ARG A 1026 -35.04 -20.65 -34.73
N GLU A 1027 -36.21 -21.15 -35.13
CA GLU A 1027 -37.31 -21.37 -34.19
C GLU A 1027 -36.94 -22.42 -33.14
N ALA A 1028 -36.11 -23.40 -33.53
CA ALA A 1028 -35.65 -24.39 -32.56
C ALA A 1028 -34.95 -23.72 -31.38
N LEU A 1029 -33.87 -22.98 -31.65
CA LEU A 1029 -33.15 -22.31 -30.58
C LEU A 1029 -33.99 -21.23 -29.91
N LEU A 1030 -34.97 -20.67 -30.63
CA LEU A 1030 -35.89 -19.72 -30.00
C LEU A 1030 -36.67 -20.38 -28.88
N LYS A 1031 -37.35 -21.49 -29.19
CA LYS A 1031 -38.03 -22.27 -28.15
C LYS A 1031 -37.06 -22.75 -27.07
N LEU A 1032 -35.83 -23.06 -27.46
CA LEU A 1032 -34.80 -23.47 -26.50
C LEU A 1032 -34.59 -22.39 -25.44
N MET A 1033 -34.18 -21.19 -25.87
CA MET A 1033 -33.95 -20.10 -24.94
C MET A 1033 -35.23 -19.70 -24.21
N ASP A 1034 -36.39 -19.91 -24.84
CA ASP A 1034 -37.66 -19.65 -24.17
C ASP A 1034 -37.82 -20.54 -22.94
N LEU A 1035 -37.70 -21.86 -23.14
CA LEU A 1035 -37.74 -22.78 -22.02
C LEU A 1035 -36.63 -22.49 -21.01
N TYR A 1036 -35.48 -22.02 -21.49
CA TYR A 1036 -34.39 -21.64 -20.61
C TYR A 1036 -34.82 -20.53 -19.66
N LEU A 1037 -35.36 -19.44 -20.21
CA LEU A 1037 -35.91 -18.37 -19.39
C LEU A 1037 -36.96 -18.91 -18.41
N GLN A 1038 -37.81 -19.82 -18.88
CA GLN A 1038 -38.86 -20.36 -18.01
C GLN A 1038 -38.28 -21.11 -16.82
N MET A 1039 -37.16 -21.79 -17.02
CA MET A 1039 -36.58 -22.60 -15.95
C MET A 1039 -35.47 -21.89 -15.18
N LYS A 1040 -35.04 -20.71 -15.64
CA LYS A 1040 -33.86 -20.08 -15.04
C LYS A 1040 -34.09 -19.66 -13.60
N PRO A 1041 -35.00 -18.70 -13.30
CA PRO A 1041 -35.03 -18.15 -11.93
C PRO A 1041 -35.47 -19.17 -10.90
N VAL A 1042 -35.79 -20.38 -11.35
CA VAL A 1042 -36.13 -21.47 -10.45
C VAL A 1042 -34.98 -21.73 -9.48
N TRP A 1043 -33.74 -21.54 -9.93
CA TRP A 1043 -32.57 -21.85 -9.12
C TRP A 1043 -32.02 -20.64 -8.35
N ARG A 1044 -32.20 -19.42 -8.86
CA ARG A 1044 -31.74 -18.23 -8.16
C ARG A 1044 -32.74 -17.74 -7.13
N SER A 1045 -33.82 -18.49 -6.90
CA SER A 1045 -34.89 -18.06 -6.02
C SER A 1045 -34.45 -18.15 -4.55
N THR A 1046 -35.36 -17.71 -3.68
CA THR A 1046 -35.20 -17.86 -2.24
C THR A 1046 -36.17 -18.87 -1.66
N CYS A 1047 -37.42 -18.91 -2.15
CA CYS A 1047 -38.36 -19.96 -1.82
C CYS A 1047 -39.41 -20.06 -2.92
N PRO A 1048 -39.11 -20.74 -4.02
CA PRO A 1048 -40.07 -20.82 -5.14
C PRO A 1048 -41.38 -21.53 -4.80
N SER A 1049 -41.45 -22.23 -3.66
CA SER A 1049 -42.71 -22.82 -3.22
C SER A 1049 -43.80 -21.76 -3.06
N ARG A 1050 -43.42 -20.51 -2.80
CA ARG A 1050 -44.33 -19.38 -2.78
C ARG A 1050 -43.94 -18.24 -3.72
N ASP A 1051 -42.66 -18.12 -4.09
CA ASP A 1051 -42.24 -17.05 -4.99
C ASP A 1051 -42.70 -17.32 -6.43
N CYS A 1052 -42.51 -18.55 -6.92
CA CYS A 1052 -42.92 -18.94 -8.26
C CYS A 1052 -43.15 -20.45 -8.34
N PRO A 1053 -44.23 -20.96 -7.74
CA PRO A 1053 -44.46 -22.41 -7.79
C PRO A 1053 -44.84 -22.93 -9.17
N ASP A 1054 -45.34 -22.06 -10.04
CA ASP A 1054 -45.64 -22.45 -11.42
C ASP A 1054 -44.40 -22.95 -12.13
N GLN A 1055 -43.29 -22.21 -12.01
CA GLN A 1055 -42.06 -22.60 -12.68
C GLN A 1055 -41.47 -23.87 -12.07
N LEU A 1056 -41.71 -24.12 -10.78
CA LEU A 1056 -41.30 -25.38 -10.17
C LEU A 1056 -42.12 -26.55 -10.72
N CYS A 1057 -43.43 -26.36 -10.83
CA CYS A 1057 -44.29 -27.44 -11.32
C CYS A 1057 -43.99 -27.77 -12.78
N GLN A 1058 -43.86 -26.75 -13.64
CA GLN A 1058 -43.57 -27.03 -15.05
C GLN A 1058 -42.14 -27.48 -15.29
N TYR A 1059 -41.28 -27.41 -14.28
CA TYR A 1059 -39.83 -27.55 -14.48
C TYR A 1059 -39.47 -28.94 -15.00
N SER A 1060 -40.14 -29.98 -14.52
CA SER A 1060 -39.80 -31.34 -14.93
C SER A 1060 -39.92 -31.48 -16.45
N TYR A 1061 -41.12 -31.29 -16.97
CA TYR A 1061 -41.34 -31.40 -18.42
C TYR A 1061 -40.59 -30.31 -19.18
N ASN A 1062 -40.34 -29.17 -18.53
CA ASN A 1062 -39.55 -28.10 -19.13
C ASN A 1062 -38.14 -28.60 -19.47
N SER A 1063 -37.40 -29.03 -18.45
CA SER A 1063 -36.07 -29.57 -18.65
C SER A 1063 -36.09 -30.81 -19.52
N GLN A 1064 -37.19 -31.57 -19.49
CA GLN A 1064 -37.29 -32.74 -20.36
C GLN A 1064 -37.27 -32.33 -21.83
N GLN A 1065 -38.17 -31.41 -22.22
CA GLN A 1065 -38.11 -30.87 -23.57
C GLN A 1065 -36.76 -30.25 -23.88
N PHE A 1066 -36.13 -29.63 -22.87
CA PHE A 1066 -34.82 -29.02 -23.08
C PHE A 1066 -33.80 -30.06 -23.49
N ALA A 1067 -33.73 -31.15 -22.74
CA ALA A 1067 -32.82 -32.24 -23.09
C ALA A 1067 -33.17 -32.84 -24.44
N ASP A 1068 -34.47 -33.02 -24.72
CA ASP A 1068 -34.89 -33.60 -25.99
C ASP A 1068 -34.41 -32.76 -27.17
N LEU A 1069 -34.56 -31.43 -27.07
CA LEU A 1069 -34.11 -30.57 -28.15
C LEU A 1069 -32.59 -30.55 -28.24
N LEU A 1070 -31.91 -30.47 -27.08
CA LEU A 1070 -30.45 -30.47 -27.10
C LEU A 1070 -29.90 -31.73 -27.73
N SER A 1071 -30.63 -32.84 -27.61
CA SER A 1071 -30.21 -34.08 -28.25
C SER A 1071 -30.55 -34.10 -29.73
N SER A 1072 -31.80 -33.75 -30.09
CA SER A 1072 -32.24 -33.93 -31.46
C SER A 1072 -31.54 -32.94 -32.40
N MET A 1073 -31.33 -31.72 -31.94
CA MET A 1073 -30.83 -30.65 -32.82
C MET A 1073 -29.35 -30.38 -32.65
N PHE A 1074 -28.79 -30.62 -31.46
CA PHE A 1074 -27.43 -30.20 -31.14
C PHE A 1074 -26.48 -31.35 -30.82
N LYS A 1075 -26.84 -32.60 -31.12
CA LYS A 1075 -26.01 -33.73 -30.72
C LYS A 1075 -24.69 -33.77 -31.48
N TYR A 1076 -24.47 -32.81 -32.38
CA TYR A 1076 -23.15 -32.66 -32.99
C TYR A 1076 -22.06 -32.39 -31.96
N ARG A 1077 -22.43 -31.95 -30.76
CA ARG A 1077 -21.49 -31.56 -29.72
C ARG A 1077 -21.63 -32.36 -28.42
N TYR A 1078 -22.85 -32.70 -28.01
CA TYR A 1078 -23.10 -33.36 -26.72
C TYR A 1078 -23.09 -34.87 -26.82
N ASP A 1079 -22.39 -35.42 -27.82
CA ASP A 1079 -22.28 -36.87 -27.94
C ASP A 1079 -21.64 -37.49 -26.70
N GLY A 1080 -20.47 -37.01 -26.31
CA GLY A 1080 -19.79 -37.56 -25.16
C GLY A 1080 -19.39 -36.53 -24.12
N LYS A 1081 -19.26 -35.26 -24.52
CA LYS A 1081 -18.77 -34.21 -23.65
C LYS A 1081 -19.92 -33.35 -23.13
N ILE A 1082 -19.88 -33.08 -21.82
CA ILE A 1082 -20.83 -32.19 -21.16
C ILE A 1082 -20.07 -31.39 -20.10
N THR A 1083 -20.42 -30.11 -19.95
CA THR A 1083 -19.93 -29.31 -18.83
C THR A 1083 -20.73 -29.69 -17.58
N ASN A 1084 -20.01 -29.83 -16.46
CA ASN A 1084 -20.63 -30.21 -15.20
C ASN A 1084 -21.87 -29.39 -14.91
N TYR A 1085 -21.74 -28.06 -15.02
CA TYR A 1085 -22.85 -27.14 -14.79
C TYR A 1085 -24.13 -27.61 -15.46
N LEU A 1086 -24.01 -28.03 -16.71
CA LEU A 1086 -25.15 -28.49 -17.48
C LEU A 1086 -25.81 -29.68 -16.80
N HIS A 1087 -25.01 -30.68 -16.43
CA HIS A 1087 -25.59 -31.86 -15.80
C HIS A 1087 -26.29 -31.50 -14.50
N LYS A 1088 -25.62 -30.73 -13.64
CA LYS A 1088 -26.20 -30.41 -12.34
C LYS A 1088 -27.50 -29.64 -12.49
N THR A 1089 -27.54 -28.69 -13.43
CA THR A 1089 -28.74 -27.88 -13.63
C THR A 1089 -29.84 -28.64 -14.37
N LEU A 1090 -29.51 -29.72 -15.08
CA LEU A 1090 -30.52 -30.48 -15.79
C LEU A 1090 -31.08 -31.64 -14.97
N ALA A 1091 -30.30 -32.24 -14.09
CA ALA A 1091 -30.71 -33.51 -13.50
C ALA A 1091 -31.52 -33.33 -12.21
N HIS A 1092 -30.95 -32.66 -11.22
CA HIS A 1092 -31.42 -32.81 -9.86
C HIS A 1092 -32.10 -31.58 -9.27
N VAL A 1093 -32.07 -30.45 -9.94
CA VAL A 1093 -32.54 -29.17 -9.40
C VAL A 1093 -33.90 -29.32 -8.72
N PRO A 1094 -34.93 -29.86 -9.37
CA PRO A 1094 -36.23 -29.94 -8.68
C PRO A 1094 -36.19 -30.83 -7.45
N GLU A 1095 -35.49 -31.96 -7.55
CA GLU A 1095 -35.30 -32.81 -6.39
C GLU A 1095 -34.55 -32.07 -5.29
N ILE A 1096 -33.57 -31.23 -5.66
CA ILE A 1096 -32.83 -30.48 -4.65
C ILE A 1096 -33.77 -29.53 -3.90
N VAL A 1097 -34.55 -28.75 -4.66
CA VAL A 1097 -35.47 -27.83 -4.02
C VAL A 1097 -36.49 -28.58 -3.18
N GLU A 1098 -36.89 -29.77 -3.60
CA GLU A 1098 -37.83 -30.56 -2.81
C GLU A 1098 -37.19 -31.02 -1.50
N ARG A 1099 -35.93 -31.44 -1.55
CA ARG A 1099 -35.25 -31.97 -0.37
C ARG A 1099 -34.90 -30.89 0.64
N ASP A 1100 -34.58 -29.69 0.17
CA ASP A 1100 -34.14 -28.64 1.07
C ASP A 1100 -35.18 -27.55 1.27
N GLY A 1101 -35.74 -27.01 0.19
CA GLY A 1101 -36.68 -25.91 0.26
C GLY A 1101 -36.24 -24.64 -0.47
N SER A 1102 -35.01 -24.54 -0.98
CA SER A 1102 -34.52 -23.41 -1.75
C SER A 1102 -33.23 -23.82 -2.45
N ILE A 1103 -32.60 -22.87 -3.14
CA ILE A 1103 -31.27 -23.07 -3.70
C ILE A 1103 -30.38 -21.92 -3.27
N GLY A 1104 -30.86 -20.69 -3.48
CA GLY A 1104 -30.06 -19.53 -3.10
C GLY A 1104 -29.78 -19.43 -1.62
N ALA A 1105 -30.64 -20.02 -0.78
CA ALA A 1105 -30.56 -19.88 0.69
C ALA A 1105 -29.34 -20.49 1.30
N TRP A 1106 -28.41 -21.04 0.50
CA TRP A 1106 -27.16 -21.55 1.01
C TRP A 1106 -25.98 -21.10 0.15
N ALA A 1107 -26.15 -20.01 -0.58
CA ALA A 1107 -25.08 -19.54 -1.45
C ALA A 1107 -23.84 -19.21 -0.63
N SER A 1108 -22.70 -19.75 -1.05
CA SER A 1108 -21.44 -19.44 -0.41
C SER A 1108 -21.09 -17.96 -0.58
N GLU A 1109 -21.63 -17.32 -1.62
CA GLU A 1109 -21.30 -15.94 -1.97
C GLU A 1109 -21.22 -15.01 -0.76
N GLY A 1110 -22.20 -15.09 0.12
CA GLY A 1110 -22.23 -14.32 1.35
C GLY A 1110 -20.88 -14.27 2.04
N ASN A 1111 -20.36 -15.43 2.44
CA ASN A 1111 -19.08 -15.47 3.12
C ASN A 1111 -17.98 -14.87 2.26
N GLU A 1112 -18.02 -15.09 0.94
CA GLU A 1112 -17.00 -14.51 0.07
C GLU A 1112 -17.09 -12.99 0.07
N SER A 1113 -18.31 -12.46 0.13
CA SER A 1113 -18.46 -11.04 0.36
C SER A 1113 -17.63 -10.60 1.57
N GLY A 1114 -17.76 -11.33 2.67
CA GLY A 1114 -17.07 -11.01 3.91
C GLY A 1114 -15.58 -10.82 3.77
N ASN A 1115 -14.99 -11.35 2.69
CA ASN A 1115 -13.57 -11.16 2.44
C ASN A 1115 -13.19 -9.69 2.45
N LYS A 1116 -13.95 -8.86 1.73
CA LYS A 1116 -13.58 -7.45 1.66
C LYS A 1116 -13.53 -6.81 3.04
N LEU A 1117 -14.24 -7.39 4.01
CA LEU A 1117 -14.09 -6.96 5.40
C LEU A 1117 -12.72 -7.32 5.92
N PHE A 1118 -12.43 -8.63 5.96
CA PHE A 1118 -11.26 -9.14 6.65
C PHE A 1118 -10.01 -8.37 6.24
N ARG A 1119 -9.72 -8.38 4.93
CA ARG A 1119 -8.54 -7.69 4.44
C ARG A 1119 -8.53 -6.24 4.91
N ARG A 1120 -9.63 -5.52 4.74
CA ARG A 1120 -9.61 -4.13 5.13
C ARG A 1120 -9.58 -3.98 6.65
N PHE A 1121 -10.18 -4.93 7.37
CA PHE A 1121 -10.04 -4.91 8.81
C PHE A 1121 -8.60 -5.07 9.25
N ARG A 1122 -7.78 -5.69 8.40
CA ARG A 1122 -6.36 -5.80 8.70
C ARG A 1122 -5.69 -4.44 8.65
N LYS A 1123 -6.15 -3.56 7.75
CA LYS A 1123 -5.38 -2.37 7.44
C LYS A 1123 -5.51 -1.30 8.51
N MET A 1124 -6.73 -1.02 8.94
CA MET A 1124 -6.99 0.12 9.79
C MET A 1124 -6.93 -0.19 11.27
N ASN A 1125 -7.19 -1.43 11.68
CA ASN A 1125 -7.21 -1.77 13.09
C ASN A 1125 -6.17 -2.85 13.40
N ALA A 1126 -4.98 -2.70 12.84
CA ALA A 1126 -3.88 -3.63 13.13
C ALA A 1126 -3.46 -3.50 14.60
N ARG A 1127 -2.58 -4.41 15.03
CA ARG A 1127 -2.15 -4.47 16.41
C ARG A 1127 -0.74 -3.94 16.69
N GLN A 1128 0.30 -4.30 15.92
CA GLN A 1128 0.32 -5.26 14.80
C GLN A 1128 1.50 -6.22 14.88
N SER A 1129 1.28 -7.33 15.56
CA SER A 1129 2.20 -8.45 15.61
C SER A 1129 1.37 -9.71 15.50
N LYS A 1130 1.78 -10.64 14.63
CA LYS A 1130 0.94 -11.76 14.24
C LYS A 1130 0.51 -12.65 15.41
N THR A 1131 1.20 -12.58 16.54
CA THR A 1131 0.72 -13.26 17.74
C THR A 1131 -0.59 -12.66 18.23
N PHE A 1132 -0.77 -11.35 18.04
CA PHE A 1132 -1.93 -10.61 18.52
C PHE A 1132 -2.89 -10.18 17.41
N GLU A 1133 -2.40 -10.02 16.19
CA GLU A 1133 -3.18 -9.43 15.11
C GLU A 1133 -4.54 -10.09 14.92
N LEU A 1134 -4.54 -11.43 14.83
CA LEU A 1134 -5.77 -12.17 14.65
C LEU A 1134 -6.75 -11.91 15.78
N GLU A 1135 -6.26 -11.80 17.01
CA GLU A 1135 -7.14 -11.56 18.15
C GLU A 1135 -8.06 -10.37 17.89
N ASP A 1136 -7.47 -9.22 17.58
CA ASP A 1136 -8.25 -8.01 17.34
C ASP A 1136 -9.06 -8.12 16.07
N ILE A 1137 -8.47 -8.67 15.00
CA ILE A 1137 -9.23 -8.83 13.74
C ILE A 1137 -10.53 -9.58 14.00
N LEU A 1138 -10.42 -10.75 14.62
CA LEU A 1138 -11.59 -11.56 14.90
C LEU A 1138 -12.56 -10.86 15.84
N LYS A 1139 -12.03 -10.27 16.91
CA LYS A 1139 -12.88 -9.52 17.83
C LYS A 1139 -13.76 -8.53 17.07
N HIS A 1140 -13.12 -7.72 16.24
CA HIS A 1140 -13.85 -6.66 15.56
C HIS A 1140 -14.80 -7.22 14.52
N HIS A 1141 -14.40 -8.26 13.79
CA HIS A 1141 -15.28 -8.86 12.81
C HIS A 1141 -16.56 -9.35 13.49
N TRP A 1142 -16.40 -10.15 14.56
CA TRP A 1142 -17.56 -10.60 15.31
C TRP A 1142 -18.43 -9.43 15.76
N LEU A 1143 -17.81 -8.43 16.36
CA LEU A 1143 -18.54 -7.24 16.76
C LEU A 1143 -19.39 -6.72 15.60
N TYR A 1144 -18.82 -6.72 14.40
CA TYR A 1144 -19.55 -6.22 13.23
C TYR A 1144 -20.77 -7.08 12.95
N THR A 1145 -20.64 -8.40 13.08
CA THR A 1145 -21.68 -9.29 12.56
C THR A 1145 -22.65 -9.74 13.63
N SER A 1146 -23.01 -8.88 14.57
CA SER A 1146 -24.00 -9.24 15.57
C SER A 1146 -25.32 -8.51 15.29
N LYS A 1147 -26.42 -9.23 15.50
CA LYS A 1147 -27.74 -8.63 15.36
C LYS A 1147 -27.91 -7.44 16.30
N TYR A 1148 -27.38 -7.55 17.51
CA TYR A 1148 -27.64 -6.54 18.55
C TYR A 1148 -27.16 -5.17 18.11
N LEU A 1149 -25.92 -5.09 17.67
CA LEU A 1149 -25.33 -3.80 17.35
C LEU A 1149 -25.89 -3.24 16.05
N GLN A 1150 -26.46 -4.08 15.19
CA GLN A 1150 -27.10 -3.59 13.98
C GLN A 1150 -28.50 -3.08 14.28
N LYS A 1151 -29.21 -3.75 15.18
CA LYS A 1151 -30.56 -3.33 15.54
C LYS A 1151 -30.61 -1.91 16.08
N PHE A 1152 -29.47 -1.39 16.52
CA PHE A 1152 -29.39 0.03 16.90
C PHE A 1152 -29.10 0.91 15.70
N MET A 1153 -28.39 0.39 14.70
CA MET A 1153 -28.09 1.13 13.48
C MET A 1153 -29.28 1.06 12.52
N GLU A 1154 -30.45 1.40 13.04
CA GLU A 1154 -31.69 1.25 12.30
C GLU A 1154 -31.73 2.15 11.08
N ALA A 1155 -31.76 3.46 11.30
CA ALA A 1155 -31.92 4.46 10.24
C ALA A 1155 -33.04 4.07 9.27
N HIS A 1156 -34.22 3.87 9.89
CA HIS A 1156 -35.45 3.36 9.31
C HIS A 1156 -35.52 3.30 7.78
N MET B 4 33.75 -38.28 1.35
CA MET B 4 32.88 -37.30 2.00
C MET B 4 32.81 -36.02 1.17
N SER B 5 32.12 -36.10 0.04
CA SER B 5 31.97 -34.96 -0.86
C SER B 5 30.49 -34.77 -1.17
N LEU B 6 30.12 -33.51 -1.40
CA LEU B 6 28.75 -33.10 -1.69
C LEU B 6 28.68 -32.42 -3.04
N GLN B 7 27.61 -32.70 -3.77
CA GLN B 7 27.28 -31.99 -5.00
C GLN B 7 25.85 -31.45 -4.85
N PRO B 8 25.65 -30.14 -4.97
CA PRO B 8 24.28 -29.61 -4.96
C PRO B 8 23.57 -29.97 -6.26
N LEU B 9 22.42 -30.62 -6.13
CA LEU B 9 21.61 -31.00 -7.27
C LEU B 9 20.66 -29.84 -7.60
N THR B 10 19.77 -30.05 -8.56
CA THR B 10 18.77 -29.05 -8.91
C THR B 10 17.44 -29.76 -9.13
N ALA B 11 16.36 -29.13 -8.66
CA ALA B 11 15.01 -29.66 -8.83
C ALA B 11 14.58 -29.42 -10.27
N VAL B 12 14.72 -30.44 -11.11
CA VAL B 12 14.33 -30.31 -12.51
C VAL B 12 12.82 -30.10 -12.63
N ASN B 13 12.02 -31.00 -12.08
CA ASN B 13 10.58 -30.87 -12.08
C ASN B 13 10.03 -31.66 -10.90
N CYS B 14 8.71 -31.56 -10.70
CA CYS B 14 8.01 -32.29 -9.64
C CYS B 14 8.58 -31.96 -8.25
N GLY B 15 8.98 -30.71 -8.06
CA GLY B 15 9.55 -30.27 -6.80
C GLY B 15 8.56 -29.83 -5.74
N SER B 16 7.28 -29.68 -6.10
CA SER B 16 6.22 -29.39 -5.14
C SER B 16 5.64 -30.65 -4.53
N LEU B 17 6.40 -31.75 -4.54
CA LEU B 17 5.86 -33.06 -4.23
C LEU B 17 6.60 -33.76 -3.08
N VAL B 18 7.49 -33.05 -2.39
CA VAL B 18 8.25 -33.60 -1.27
C VAL B 18 7.91 -32.81 -0.03
N GLN B 19 7.64 -33.52 1.05
CA GLN B 19 7.20 -32.95 2.31
C GLN B 19 8.25 -33.23 3.37
N PRO B 20 8.26 -32.46 4.47
CA PRO B 20 9.34 -32.60 5.47
C PRO B 20 9.58 -34.03 5.93
N GLY B 21 8.52 -34.79 6.21
CA GLY B 21 8.67 -36.21 6.46
C GLY B 21 8.46 -36.98 5.17
N PHE B 22 9.29 -38.01 4.97
CA PHE B 22 9.21 -38.86 3.80
C PHE B 22 10.22 -40.00 3.98
N SER B 23 10.10 -41.03 3.15
CA SER B 23 10.97 -42.20 3.24
C SER B 23 11.48 -42.60 1.85
N LEU B 24 12.68 -43.19 1.83
CA LEU B 24 13.30 -43.70 0.61
C LEU B 24 13.54 -45.19 0.79
N LEU B 25 13.01 -46.00 -0.13
CA LEU B 25 13.21 -47.44 -0.14
C LEU B 25 14.27 -47.78 -1.17
N ASP B 26 15.43 -48.23 -0.69
CA ASP B 26 16.54 -48.66 -1.52
C ASP B 26 16.40 -50.17 -1.76
N LEU B 27 16.10 -50.54 -2.99
CA LEU B 27 15.98 -51.94 -3.36
C LEU B 27 16.10 -52.06 -4.86
N GLU B 28 16.83 -53.08 -5.31
CA GLU B 28 16.97 -53.41 -6.72
C GLU B 28 17.39 -52.19 -7.54
N GLY B 29 18.61 -51.74 -7.26
CA GLY B 29 19.16 -50.61 -7.98
C GLY B 29 18.47 -49.30 -7.66
N ASP B 30 17.82 -48.71 -8.68
CA ASP B 30 17.16 -47.43 -8.51
C ASP B 30 16.12 -47.50 -7.40
N VAL B 31 16.03 -46.42 -6.63
CA VAL B 31 15.29 -46.42 -5.38
C VAL B 31 13.97 -45.67 -5.55
N TYR B 32 13.04 -45.93 -4.63
CA TYR B 32 11.67 -45.46 -4.73
C TYR B 32 11.35 -44.56 -3.54
N LEU B 33 10.87 -43.35 -3.81
CA LEU B 33 10.41 -42.46 -2.74
C LEU B 33 8.96 -42.79 -2.37
N PHE B 34 8.67 -42.67 -1.08
CA PHE B 34 7.36 -42.93 -0.52
C PHE B 34 7.02 -41.85 0.48
N GLY B 35 5.74 -41.48 0.53
CA GLY B 35 5.27 -40.45 1.44
C GLY B 35 5.11 -39.07 0.82
N GLN B 36 4.41 -38.99 -0.31
CA GLN B 36 4.12 -37.71 -0.94
C GLN B 36 3.20 -36.86 -0.07
N LYS B 37 3.26 -35.54 -0.30
CA LYS B 37 2.36 -34.61 0.37
C LYS B 37 1.02 -34.54 -0.36
N GLY B 38 -0.05 -34.51 0.42
CA GLY B 38 -1.39 -34.54 -0.14
C GLY B 38 -1.73 -35.89 -0.72
N TRP B 39 -3.03 -36.18 -0.84
CA TRP B 39 -3.49 -37.47 -1.32
C TRP B 39 -2.98 -37.72 -2.75
N PRO B 40 -2.96 -38.98 -3.19
CA PRO B 40 -2.47 -39.28 -4.55
C PRO B 40 -3.31 -38.61 -5.62
N LYS B 41 -2.67 -37.77 -6.44
CA LYS B 41 -3.35 -37.16 -7.58
C LYS B 41 -3.61 -38.22 -8.66
N ARG B 42 -4.40 -37.83 -9.67
CA ARG B 42 -4.73 -38.77 -10.74
C ARG B 42 -3.47 -39.16 -11.52
N SER B 43 -2.50 -38.24 -11.61
CA SER B 43 -1.25 -38.52 -12.31
C SER B 43 -0.57 -39.77 -11.77
N CYS B 44 -0.72 -40.06 -10.48
CA CYS B 44 -0.12 -41.25 -9.86
C CYS B 44 -1.04 -41.79 -8.78
N PRO B 45 -1.88 -42.78 -9.12
CA PRO B 45 -2.69 -43.45 -8.08
C PRO B 45 -1.87 -44.28 -7.11
N THR B 46 -0.61 -44.58 -7.44
CA THR B 46 0.28 -45.32 -6.56
C THR B 46 0.78 -44.43 -5.43
N GLY B 47 1.40 -43.30 -5.77
CA GLY B 47 2.04 -42.44 -4.80
C GLY B 47 3.54 -42.70 -4.72
N ILE B 48 3.92 -43.98 -4.78
CA ILE B 48 5.33 -44.35 -4.82
C ILE B 48 5.93 -43.85 -6.12
N PHE B 49 7.11 -43.24 -6.03
CA PHE B 49 7.81 -42.79 -7.22
C PHE B 49 9.15 -43.50 -7.34
N GLY B 50 9.69 -43.52 -8.55
CA GLY B 50 11.07 -43.91 -8.77
C GLY B 50 11.90 -42.66 -8.95
N VAL B 51 13.00 -42.56 -8.21
CA VAL B 51 13.88 -41.41 -8.28
C VAL B 51 15.19 -41.81 -8.95
N ARG B 52 15.64 -40.98 -9.90
CA ARG B 52 16.87 -41.21 -10.62
C ARG B 52 17.75 -39.98 -10.51
N ILE B 53 19.06 -40.19 -10.66
CA ILE B 53 20.03 -39.10 -10.65
C ILE B 53 20.70 -39.09 -12.01
N LYS B 54 20.47 -38.03 -12.78
CA LYS B 54 21.04 -37.86 -14.12
C LYS B 54 21.93 -36.63 -14.10
N LYS B 55 23.24 -36.84 -14.24
CA LYS B 55 24.27 -35.82 -14.10
C LYS B 55 23.95 -34.87 -12.95
N GLY B 56 23.78 -35.44 -11.76
CA GLY B 56 23.49 -34.65 -10.57
C GLY B 56 22.16 -33.94 -10.59
N GLU B 57 21.16 -34.47 -11.31
CA GLU B 57 19.83 -33.88 -11.35
C GLU B 57 18.79 -34.91 -10.93
N LEU B 58 17.70 -34.41 -10.35
CA LEU B 58 16.77 -35.20 -9.56
C LEU B 58 15.54 -35.53 -10.41
N LYS B 59 15.66 -36.58 -11.22
CA LYS B 59 14.56 -36.98 -12.09
C LYS B 59 13.57 -37.88 -11.34
N LEU B 60 12.29 -37.76 -11.71
CA LEU B 60 11.20 -38.39 -10.96
C LEU B 60 10.22 -39.06 -11.92
N ARG B 61 10.16 -40.38 -11.89
CA ARG B 61 9.20 -41.11 -12.71
C ARG B 61 8.16 -41.80 -11.84
N ALA B 62 7.03 -42.16 -12.45
CA ALA B 62 5.86 -42.65 -11.75
C ALA B 62 5.76 -44.16 -11.85
N ILE B 63 5.46 -44.81 -10.73
CA ILE B 63 5.34 -46.27 -10.66
C ILE B 63 3.90 -46.70 -10.66
N SER B 64 3.66 -47.99 -10.88
CA SER B 64 2.35 -48.59 -10.74
C SER B 64 2.45 -49.80 -9.82
N PHE B 65 1.30 -50.23 -9.32
CA PHE B 65 1.23 -51.40 -8.47
C PHE B 65 0.99 -52.64 -9.30
N SER B 66 0.80 -53.76 -8.61
CA SER B 66 0.33 -54.98 -9.26
C SER B 66 -1.18 -54.87 -9.43
N ASN B 67 -1.81 -55.98 -9.79
CA ASN B 67 -3.26 -56.04 -9.91
C ASN B 67 -3.92 -56.60 -8.66
N ASN B 68 -3.35 -57.66 -8.09
CA ASN B 68 -3.86 -58.29 -6.89
C ASN B 68 -3.26 -57.72 -5.62
N SER B 69 -2.74 -56.49 -5.67
CA SER B 69 -2.13 -55.83 -4.53
C SER B 69 -3.13 -54.91 -3.84
N SER B 70 -2.78 -54.47 -2.63
CA SER B 70 -3.56 -53.50 -1.87
C SER B 70 -2.93 -52.11 -1.95
N TYR B 71 -3.77 -51.08 -1.87
CA TYR B 71 -3.34 -49.70 -2.02
C TYR B 71 -3.13 -49.06 -0.66
N LEU B 72 -2.04 -48.29 -0.54
CA LEU B 72 -1.63 -47.71 0.72
C LEU B 72 -1.76 -46.21 0.71
N PRO B 73 -2.39 -45.62 1.72
CA PRO B 73 -2.37 -44.17 1.84
C PRO B 73 -0.97 -43.66 2.04
N PRO B 74 -0.67 -42.41 1.59
CA PRO B 74 0.70 -41.91 1.70
C PRO B 74 1.06 -41.47 3.11
N LEU B 75 1.46 -42.46 3.91
CA LEU B 75 1.84 -42.22 5.30
C LEU B 75 3.01 -41.23 5.36
N ARG B 76 3.08 -40.49 6.46
CA ARG B 76 4.00 -39.37 6.50
C ARG B 76 5.35 -39.71 7.12
N CYS B 77 5.34 -40.15 8.38
CA CYS B 77 6.56 -40.46 9.11
C CYS B 77 6.45 -41.87 9.69
N PRO B 78 6.42 -42.87 8.83
CA PRO B 78 6.26 -44.24 9.32
C PRO B 78 7.59 -44.79 9.81
N ALA B 79 7.61 -46.08 10.14
CA ALA B 79 8.86 -46.80 10.39
C ALA B 79 9.08 -47.82 9.29
N ILE B 80 10.26 -47.74 8.65
CA ILE B 80 10.65 -48.64 7.57
C ILE B 80 11.51 -49.72 8.19
N ALA B 81 11.35 -50.96 7.73
CA ALA B 81 12.16 -52.07 8.21
C ALA B 81 12.52 -52.94 7.02
N HIS B 82 13.81 -53.03 6.71
CA HIS B 82 14.26 -53.82 5.56
C HIS B 82 14.10 -55.30 5.87
N PHE B 83 13.03 -55.91 5.35
CA PHE B 83 12.90 -57.36 5.40
C PHE B 83 13.94 -57.93 4.44
N GLU B 84 15.06 -58.36 5.01
CA GLU B 84 16.21 -58.80 4.24
C GLU B 84 15.86 -59.98 3.35
N ALA B 85 16.56 -60.07 2.22
CA ALA B 85 16.32 -61.12 1.25
C ALA B 85 16.56 -62.49 1.87
N GLN B 86 15.53 -63.32 1.87
CA GLN B 86 15.63 -64.65 2.44
C GLN B 86 14.42 -65.46 2.03
N ASP B 87 14.51 -66.77 2.24
CA ASP B 87 13.35 -67.62 2.18
C ASP B 87 12.27 -67.11 3.14
N GLY B 88 11.02 -67.11 2.71
CA GLY B 88 10.61 -67.67 1.42
C GLY B 88 10.70 -66.74 0.23
N LYS B 89 10.00 -65.60 0.30
CA LYS B 89 9.95 -64.68 -0.83
C LYS B 89 10.70 -63.39 -0.52
N PRO B 90 11.96 -63.29 -0.89
CA PRO B 90 12.66 -62.01 -0.83
C PRO B 90 12.19 -61.12 -1.99
N GLU B 91 12.50 -59.83 -1.88
CA GLU B 91 13.04 -59.19 -0.67
C GLU B 91 12.10 -58.05 -0.38
N CYS B 92 11.91 -57.67 0.88
CA CYS B 92 10.74 -56.84 1.16
C CYS B 92 11.11 -55.65 2.06
N TYR B 93 10.14 -54.75 2.18
CA TYR B 93 10.18 -53.67 3.17
C TYR B 93 8.89 -53.71 3.98
N LEU B 94 9.03 -53.71 5.30
CA LEU B 94 7.87 -53.64 6.19
C LEU B 94 7.64 -52.19 6.57
N ILE B 95 6.40 -51.71 6.36
CA ILE B 95 6.00 -50.34 6.63
C ILE B 95 4.92 -50.37 7.70
N HIS B 96 5.14 -49.62 8.77
CA HIS B 96 4.18 -49.37 9.82
C HIS B 96 4.81 -48.37 10.77
N GLY B 97 4.00 -47.45 11.29
CA GLY B 97 2.62 -47.32 10.87
C GLY B 97 2.35 -45.93 10.36
N GLY B 98 3.14 -44.97 10.86
CA GLY B 98 3.01 -43.57 10.46
C GLY B 98 1.62 -42.98 10.63
N ARG B 99 1.35 -41.87 9.93
CA ARG B 99 0.07 -41.19 9.99
C ARG B 99 -0.32 -40.69 8.60
N THR B 100 -1.64 -40.58 8.38
CA THR B 100 -2.23 -40.32 7.07
C THR B 100 -2.19 -38.82 6.73
N PRO B 101 -2.46 -38.44 5.47
CA PRO B 101 -2.58 -37.01 5.16
C PRO B 101 -3.50 -36.25 6.10
N ASN B 102 -4.74 -36.72 6.25
CA ASN B 102 -5.54 -36.26 7.36
C ASN B 102 -4.88 -36.74 8.64
N ASN B 103 -4.73 -35.85 9.61
CA ASN B 103 -3.90 -36.22 10.76
C ASN B 103 -4.55 -37.26 11.66
N GLU B 104 -4.72 -38.44 11.12
CA GLU B 104 -5.11 -39.63 11.88
C GLU B 104 -4.05 -40.69 11.67
N LEU B 105 -4.00 -41.64 12.59
CA LEU B 105 -2.88 -42.56 12.69
C LEU B 105 -3.32 -43.94 12.20
N SER B 106 -2.35 -44.71 11.70
CA SER B 106 -2.67 -45.88 10.88
C SER B 106 -3.07 -47.09 11.73
N SER B 107 -2.15 -47.61 12.54
CA SER B 107 -2.30 -48.90 13.23
C SER B 107 -2.60 -50.01 12.22
N SER B 108 -1.73 -50.11 11.22
CA SER B 108 -1.92 -51.08 10.13
C SER B 108 -0.56 -51.46 9.54
N LEU B 109 -0.21 -52.74 9.65
CA LEU B 109 1.04 -53.25 9.11
C LEU B 109 0.93 -53.48 7.61
N TYR B 110 2.01 -53.18 6.91
CA TYR B 110 2.04 -53.35 5.45
C TYR B 110 3.36 -54.00 5.05
N MET B 111 3.30 -54.82 4.02
CA MET B 111 4.46 -55.47 3.44
C MET B 111 4.59 -55.04 1.98
N LEU B 112 5.80 -54.71 1.54
CA LEU B 112 6.04 -54.23 0.18
C LEU B 112 7.12 -55.08 -0.49
N SER B 113 6.87 -55.48 -1.74
CA SER B 113 7.82 -56.28 -2.50
C SER B 113 7.77 -55.90 -3.99
N VAL B 114 8.72 -56.42 -4.75
CA VAL B 114 8.78 -56.27 -6.19
C VAL B 114 8.25 -57.54 -6.83
N ASP B 115 7.74 -57.43 -8.06
CA ASP B 115 7.19 -58.59 -8.76
C ASP B 115 7.95 -58.93 -10.04
N SER B 116 8.09 -58.00 -10.99
CA SER B 116 8.65 -58.31 -12.29
C SER B 116 8.98 -57.00 -13.03
N ARG B 117 9.52 -57.15 -14.24
CA ARG B 117 10.05 -56.08 -15.07
C ARG B 117 10.50 -56.71 -16.39
N GLY B 118 10.73 -55.87 -17.41
CA GLY B 118 10.37 -54.47 -17.42
C GLY B 118 8.94 -54.13 -17.81
N CYS B 119 8.56 -54.38 -19.07
CA CYS B 119 9.44 -54.89 -20.11
C CYS B 119 10.55 -53.90 -20.51
N ASN B 120 10.21 -52.61 -20.58
CA ASN B 120 11.15 -51.56 -20.95
C ASN B 120 11.41 -50.70 -19.71
N ARG B 121 12.41 -51.11 -18.91
CA ARG B 121 12.91 -50.34 -17.78
C ARG B 121 11.86 -50.11 -16.70
N LYS B 122 10.68 -50.67 -16.88
CA LYS B 122 9.54 -50.38 -16.01
C LYS B 122 9.46 -51.42 -14.89
N VAL B 123 8.89 -51.00 -13.76
CA VAL B 123 8.87 -51.81 -12.56
C VAL B 123 7.43 -52.16 -12.22
N THR B 124 7.26 -53.34 -11.63
CA THR B 124 5.99 -53.78 -11.06
C THR B 124 6.18 -54.00 -9.56
N LEU B 125 5.38 -53.31 -8.75
CA LEU B 125 5.49 -53.38 -7.31
C LEU B 125 4.18 -53.85 -6.71
N ARG B 126 4.27 -54.44 -5.51
CA ARG B 126 3.09 -55.01 -4.85
C ARG B 126 3.13 -54.67 -3.37
N CYS B 127 1.92 -54.47 -2.82
CA CYS B 127 1.74 -54.07 -1.42
C CYS B 127 0.64 -54.93 -0.79
N GLU B 128 1.03 -55.79 0.15
CA GLU B 128 0.09 -56.67 0.85
C GLU B 128 -0.12 -56.20 2.28
N GLU B 129 -1.37 -55.93 2.64
CA GLU B 129 -1.70 -55.64 4.02
C GLU B 129 -1.78 -56.94 4.81
N LYS B 130 -1.16 -56.95 5.98
CA LYS B 130 -1.20 -58.09 6.87
C LYS B 130 -1.88 -57.67 8.16
N GLU B 131 -3.01 -58.31 8.47
CA GLU B 131 -3.69 -58.07 9.73
C GLU B 131 -2.76 -58.44 10.88
N LEU B 132 -2.95 -57.77 12.02
CA LEU B 132 -2.17 -58.01 13.24
C LEU B 132 -3.10 -58.51 14.34
N VAL B 133 -2.87 -59.73 14.82
CA VAL B 133 -3.66 -60.31 15.90
C VAL B 133 -2.84 -60.28 17.19
N GLY B 134 -3.53 -60.38 18.31
CA GLY B 134 -2.89 -60.36 19.62
C GLY B 134 -3.84 -59.93 20.72
N ASP B 135 -3.47 -59.00 21.60
CA ASP B 135 -2.18 -58.30 21.71
C ASP B 135 -1.75 -57.54 20.44
N VAL B 136 -2.54 -56.54 20.05
CA VAL B 136 -2.23 -55.72 18.89
C VAL B 136 -1.40 -54.52 19.34
N PRO B 137 -0.64 -53.89 18.46
CA PRO B 137 0.04 -52.65 18.81
C PRO B 137 -0.89 -51.46 18.62
N SER B 138 -0.46 -50.32 19.13
CA SER B 138 -1.22 -49.09 19.01
C SER B 138 -0.60 -48.20 17.95
N ALA B 139 -1.44 -47.50 17.21
CA ALA B 139 -0.99 -46.53 16.24
C ALA B 139 -0.18 -45.45 16.93
N ARG B 140 0.85 -44.97 16.24
CA ARG B 140 1.80 -44.00 16.75
C ARG B 140 2.75 -43.69 15.60
N TYR B 141 3.60 -42.69 15.78
CA TYR B 141 4.51 -42.27 14.72
C TYR B 141 5.87 -41.98 15.32
N GLY B 142 6.92 -42.13 14.51
CA GLY B 142 8.28 -41.93 14.96
C GLY B 142 8.91 -43.09 15.69
N HIS B 143 8.17 -44.19 15.88
CA HIS B 143 8.73 -45.38 16.50
C HIS B 143 9.69 -46.08 15.54
N THR B 144 10.21 -47.23 15.96
CA THR B 144 11.20 -47.94 15.15
C THR B 144 10.90 -49.42 15.09
N LEU B 145 11.11 -49.99 13.90
CA LEU B 145 10.96 -51.40 13.64
C LEU B 145 12.31 -51.99 13.25
N SER B 146 12.45 -53.31 13.44
CA SER B 146 13.64 -54.02 12.98
C SER B 146 13.30 -55.50 12.79
N VAL B 147 14.08 -56.15 11.94
CA VAL B 147 13.97 -57.59 11.66
C VAL B 147 15.20 -58.28 12.24
N ILE B 148 14.99 -59.40 12.92
CA ILE B 148 16.08 -60.16 13.52
C ILE B 148 15.86 -61.65 13.26
N ASN B 149 16.94 -62.43 13.40
CA ASN B 149 16.98 -63.84 13.04
C ASN B 149 17.61 -64.60 14.21
N SER B 150 16.79 -65.34 14.96
CA SER B 150 17.26 -66.08 16.13
C SER B 150 16.89 -67.56 15.96
N ARG B 151 17.84 -68.35 15.45
CA ARG B 151 17.94 -69.79 15.70
C ARG B 151 16.60 -70.52 15.60
N GLY B 152 15.99 -70.58 14.41
CA GLY B 152 16.45 -69.90 13.22
C GLY B 152 15.32 -69.04 12.73
N LYS B 153 14.47 -68.63 13.67
CA LYS B 153 13.22 -67.97 13.36
C LYS B 153 13.45 -66.47 13.15
N THR B 154 12.81 -65.92 12.13
CA THR B 154 12.93 -64.51 11.79
C THR B 154 11.70 -63.77 12.30
N ALA B 155 11.91 -62.85 13.23
CA ALA B 155 10.82 -62.07 13.83
C ALA B 155 11.11 -60.58 13.66
N CYS B 156 10.21 -59.75 14.21
CA CYS B 156 10.33 -58.31 14.10
C CYS B 156 10.08 -57.66 15.45
N VAL B 157 10.85 -56.60 15.76
CA VAL B 157 10.75 -55.90 17.03
C VAL B 157 10.32 -54.46 16.77
N LEU B 158 9.34 -53.99 17.52
CA LEU B 158 8.90 -52.61 17.45
C LEU B 158 9.10 -51.95 18.82
N PHE B 159 9.62 -50.72 18.81
CA PHE B 159 9.84 -50.02 20.07
C PHE B 159 9.63 -48.52 19.84
N GLY B 160 9.25 -47.84 20.92
CA GLY B 160 9.15 -46.40 20.93
C GLY B 160 7.85 -45.89 20.34
N GLY B 161 7.77 -44.58 20.21
CA GLY B 161 6.64 -43.95 19.57
C GLY B 161 5.97 -42.85 20.36
N ARG B 162 5.45 -41.86 19.65
CA ARG B 162 4.64 -40.79 20.22
C ARG B 162 3.21 -40.94 19.72
N SER B 163 2.25 -40.50 20.53
CA SER B 163 0.87 -40.66 20.14
C SER B 163 0.05 -39.55 20.79
N TYR B 164 -1.19 -39.41 20.32
CA TYR B 164 -2.09 -38.45 20.93
C TYR B 164 -2.55 -38.97 22.28
N MET B 165 -3.11 -38.07 23.08
CA MET B 165 -3.64 -38.43 24.39
C MET B 165 -4.59 -39.61 24.26
N PRO B 166 -4.61 -40.52 25.24
CA PRO B 166 -5.58 -41.61 25.22
C PRO B 166 -6.99 -41.05 25.20
N PRO B 167 -7.92 -41.72 24.54
CA PRO B 167 -9.24 -41.10 24.30
C PRO B 167 -10.08 -40.97 25.55
N THR B 168 -9.48 -40.44 26.62
CA THR B 168 -10.16 -40.06 27.83
C THR B 168 -10.07 -38.56 28.05
N GLU B 169 -8.87 -38.00 28.07
CA GLU B 169 -8.65 -36.56 28.16
C GLU B 169 -8.30 -35.95 26.81
N ARG B 170 -8.61 -36.65 25.72
CA ARG B 170 -8.33 -36.13 24.39
C ARG B 170 -9.27 -34.95 24.16
N THR B 171 -8.76 -33.75 24.40
CA THR B 171 -9.56 -32.53 24.48
C THR B 171 -9.29 -31.65 23.26
N THR B 172 -10.35 -31.03 22.73
CA THR B 172 -10.31 -30.20 21.53
C THR B 172 -9.58 -28.85 21.71
N GLN B 173 -8.93 -28.67 22.87
CA GLN B 173 -7.97 -27.62 23.05
C GLN B 173 -6.54 -28.16 23.05
N ASN B 174 -6.37 -29.47 23.22
CA ASN B 174 -5.10 -30.16 23.04
C ASN B 174 -5.19 -31.25 21.98
N TRP B 175 -6.25 -31.23 21.16
CA TRP B 175 -6.63 -32.33 20.29
C TRP B 175 -5.53 -32.73 19.32
N ASN B 176 -4.45 -31.94 19.22
CA ASN B 176 -3.29 -32.29 18.40
C ASN B 176 -2.00 -32.08 19.20
N SER B 177 -1.99 -32.50 20.47
CA SER B 177 -0.79 -32.59 21.28
C SER B 177 -0.37 -34.04 21.43
N VAL B 178 0.93 -34.26 21.68
CA VAL B 178 1.49 -35.60 21.67
C VAL B 178 1.97 -35.95 23.07
N VAL B 179 2.22 -37.24 23.26
CA VAL B 179 2.77 -37.77 24.50
C VAL B 179 3.48 -39.07 24.15
N ASP B 180 4.56 -39.36 24.87
CA ASP B 180 5.32 -40.58 24.63
C ASP B 180 4.42 -41.79 24.86
N CYS B 181 4.48 -42.74 23.94
CA CYS B 181 3.81 -44.00 24.18
C CYS B 181 4.50 -44.72 25.34
N PRO B 182 3.76 -45.54 26.08
CA PRO B 182 4.37 -46.29 27.19
C PRO B 182 5.41 -47.27 26.67
N PRO B 183 6.60 -47.33 27.30
CA PRO B 183 7.71 -48.12 26.72
C PRO B 183 7.53 -49.63 26.88
N GLN B 184 6.76 -50.24 25.97
CA GLN B 184 6.63 -51.69 25.92
C GLN B 184 6.96 -52.14 24.50
N VAL B 185 8.13 -52.77 24.32
CA VAL B 185 8.47 -53.31 23.02
C VAL B 185 7.49 -54.43 22.66
N TYR B 186 7.21 -54.55 21.35
CA TYR B 186 6.42 -55.66 20.84
C TYR B 186 7.27 -56.55 19.94
N LEU B 187 6.99 -57.85 20.01
CA LEU B 187 7.62 -58.84 19.16
C LEU B 187 6.56 -59.40 18.23
N ILE B 188 6.79 -59.28 16.93
CA ILE B 188 5.79 -59.52 15.89
C ILE B 188 6.32 -60.60 14.96
N ASP B 189 5.53 -61.64 14.77
CA ASP B 189 5.84 -62.66 13.77
C ASP B 189 5.19 -62.26 12.44
N LEU B 190 5.86 -62.60 11.34
CA LEU B 190 5.32 -62.26 10.03
C LEU B 190 4.12 -63.14 9.69
N GLU B 191 4.23 -64.45 9.93
CA GLU B 191 3.14 -65.39 9.66
C GLU B 191 3.16 -66.48 10.70
N PHE B 192 2.17 -66.52 11.57
CA PHE B 192 1.01 -65.62 11.52
C PHE B 192 1.33 -64.28 12.18
N GLY B 193 0.32 -63.41 12.28
CA GLY B 193 0.52 -62.11 12.89
C GLY B 193 0.25 -62.10 14.38
N CYS B 194 0.70 -63.14 15.10
CA CYS B 194 0.49 -63.24 16.53
C CYS B 194 1.47 -62.31 17.25
N CYS B 195 1.11 -61.03 17.29
CA CYS B 195 1.93 -60.04 17.98
C CYS B 195 1.91 -60.28 19.48
N THR B 196 2.99 -59.87 20.15
CA THR B 196 3.17 -60.08 21.57
C THR B 196 3.60 -58.80 22.26
N ALA B 197 3.03 -58.54 23.43
CA ALA B 197 3.41 -57.42 24.28
C ALA B 197 4.52 -57.86 25.24
N HIS B 198 5.40 -56.92 25.56
CA HIS B 198 6.53 -57.22 26.41
C HIS B 198 6.89 -55.98 27.22
N THR B 199 7.65 -56.21 28.29
CA THR B 199 8.18 -55.14 29.11
C THR B 199 9.54 -55.56 29.63
N LEU B 200 10.30 -54.57 30.11
CA LEU B 200 11.57 -54.83 30.76
C LEU B 200 11.78 -53.68 31.74
N PRO B 201 12.24 -53.99 32.95
CA PRO B 201 12.38 -52.94 33.98
C PRO B 201 13.44 -51.88 33.66
N GLU B 202 14.24 -52.04 32.61
CA GLU B 202 15.22 -51.03 32.24
C GLU B 202 14.65 -50.00 31.27
N LEU B 203 13.47 -50.24 30.73
CA LEU B 203 12.78 -49.32 29.84
C LEU B 203 12.22 -48.17 30.67
N THR B 204 13.13 -47.33 31.19
CA THR B 204 12.72 -46.29 32.13
C THR B 204 11.76 -45.29 31.48
N ASP B 205 11.86 -45.10 30.16
CA ASP B 205 10.95 -44.20 29.47
C ASP B 205 11.01 -44.49 27.98
N GLY B 206 9.90 -44.24 27.29
CA GLY B 206 9.84 -44.37 25.84
C GLY B 206 10.20 -43.05 25.16
N GLN B 207 11.13 -43.13 24.23
CA GLN B 207 11.60 -41.99 23.44
C GLN B 207 11.26 -42.23 21.97
N SER B 208 11.60 -41.25 21.12
CA SER B 208 11.24 -41.30 19.71
C SER B 208 12.36 -40.74 18.86
N PHE B 209 12.25 -40.99 17.55
CA PHE B 209 13.18 -40.47 16.54
C PHE B 209 14.59 -41.03 16.72
N HIS B 210 14.68 -42.25 17.22
CA HIS B 210 15.92 -42.92 17.54
C HIS B 210 16.14 -44.07 16.57
N VAL B 211 16.96 -43.85 15.54
CA VAL B 211 17.23 -44.91 14.58
C VAL B 211 17.94 -46.05 15.30
N ALA B 212 17.39 -47.25 15.17
CA ALA B 212 17.96 -48.45 15.78
C ALA B 212 18.86 -49.15 14.77
N LEU B 213 19.51 -50.23 15.21
CA LEU B 213 20.29 -51.06 14.31
C LEU B 213 20.46 -52.45 14.92
N ALA B 214 20.10 -53.47 14.15
CA ALA B 214 20.15 -54.86 14.60
C ALA B 214 21.15 -55.66 13.78
N ARG B 215 21.67 -56.72 14.41
CA ARG B 215 22.53 -57.68 13.71
C ARG B 215 22.57 -58.93 14.56
N GLN B 216 22.38 -60.09 13.93
CA GLN B 216 22.51 -61.38 14.59
C GLN B 216 21.76 -61.40 15.92
N ASP B 217 20.45 -61.16 15.83
CA ASP B 217 19.51 -61.05 16.96
C ASP B 217 20.10 -60.32 18.17
N CYS B 218 20.82 -59.22 17.92
CA CYS B 218 21.16 -58.26 18.97
C CYS B 218 20.95 -56.87 18.40
N VAL B 219 20.14 -56.06 19.09
CA VAL B 219 19.71 -54.77 18.56
C VAL B 219 20.23 -53.68 19.48
N TYR B 220 20.50 -52.51 18.89
CA TYR B 220 21.07 -51.38 19.59
C TYR B 220 20.30 -50.12 19.21
N PHE B 221 19.82 -49.40 20.22
CA PHE B 221 19.05 -48.18 20.04
C PHE B 221 19.93 -47.01 20.41
N LEU B 222 19.92 -45.99 19.58
CA LEU B 222 20.85 -44.88 19.68
C LEU B 222 20.13 -43.65 20.23
N GLY B 223 20.85 -42.53 20.29
CA GLY B 223 20.30 -41.28 20.75
C GLY B 223 18.94 -40.94 20.15
N GLY B 224 18.00 -40.57 21.01
CA GLY B 224 16.65 -40.23 20.63
C GLY B 224 16.19 -38.95 21.31
N HIS B 225 14.90 -38.91 21.60
CA HIS B 225 14.31 -37.71 22.17
C HIS B 225 13.25 -38.08 23.18
N ILE B 226 13.38 -37.55 24.39
CA ILE B 226 12.45 -37.75 25.48
C ILE B 226 11.80 -36.40 25.77
N LEU B 227 10.48 -36.40 25.95
CA LEU B 227 9.76 -35.19 26.28
C LEU B 227 9.44 -35.06 27.77
N SER B 228 9.26 -36.19 28.47
CA SER B 228 8.90 -36.18 29.89
C SER B 228 9.89 -35.32 30.70
N SER B 229 11.16 -35.74 30.74
CA SER B 229 12.21 -34.91 31.30
C SER B 229 12.71 -33.86 30.31
N ASP B 230 12.19 -33.89 29.08
CA ASP B 230 12.65 -33.02 27.99
C ASP B 230 14.14 -33.22 27.70
N CYS B 231 14.65 -34.40 27.99
CA CYS B 231 16.06 -34.71 27.75
C CYS B 231 16.25 -35.41 26.41
N ARG B 232 17.45 -35.29 25.88
CA ARG B 232 17.89 -36.03 24.71
C ARG B 232 19.03 -36.93 25.14
N PRO B 233 18.74 -37.95 25.94
CA PRO B 233 19.80 -38.61 26.70
C PRO B 233 20.72 -39.44 25.83
N SER B 234 21.98 -39.51 26.25
CA SER B 234 23.03 -40.25 25.56
C SER B 234 23.04 -41.73 25.89
N ARG B 235 22.12 -42.19 26.73
CA ARG B 235 22.15 -43.57 27.20
C ARG B 235 21.79 -44.49 26.04
N LEU B 236 22.81 -44.98 25.34
CA LEU B 236 22.58 -45.99 24.33
C LEU B 236 22.06 -47.26 24.99
N ILE B 237 21.08 -47.90 24.35
CA ILE B 237 20.48 -49.10 24.92
C ILE B 237 20.84 -50.27 24.02
N ARG B 238 21.01 -51.44 24.62
CA ARG B 238 21.24 -52.65 23.85
C ARG B 238 20.26 -53.71 24.34
N LEU B 239 19.84 -54.59 23.44
CA LEU B 239 18.97 -55.67 23.84
C LEU B 239 19.25 -56.89 22.97
N HIS B 240 18.83 -58.04 23.48
CA HIS B 240 19.04 -59.32 22.84
C HIS B 240 17.78 -60.15 23.04
N VAL B 241 17.18 -60.60 21.93
CA VAL B 241 15.96 -61.41 21.96
C VAL B 241 16.29 -62.78 21.40
N GLU B 242 15.52 -63.78 21.84
CA GLU B 242 15.67 -65.13 21.32
C GLU B 242 14.35 -65.87 21.47
N LEU B 243 13.91 -66.52 20.39
CA LEU B 243 12.67 -67.28 20.39
C LEU B 243 12.97 -68.70 20.86
N LEU B 244 13.00 -68.86 22.19
CA LEU B 244 13.11 -70.19 22.78
C LEU B 244 11.71 -70.81 22.82
N LEU B 245 11.17 -71.05 21.62
CA LEU B 245 9.76 -71.40 21.44
C LEU B 245 9.36 -72.59 22.31
N GLY B 246 8.17 -72.50 22.89
CA GLY B 246 7.26 -71.37 22.71
C GLY B 246 7.37 -70.24 23.71
N SER B 247 8.56 -69.66 23.83
CA SER B 247 8.82 -68.53 24.72
C SER B 247 9.67 -67.48 24.03
N PRO B 248 9.14 -66.31 23.72
CA PRO B 248 9.99 -65.23 23.20
C PRO B 248 10.77 -64.53 24.31
N VAL B 249 11.88 -65.14 24.72
CA VAL B 249 12.61 -64.62 25.87
C VAL B 249 13.45 -63.43 25.43
N LEU B 250 13.59 -62.45 26.33
CA LEU B 250 14.18 -61.17 25.98
C LEU B 250 15.08 -60.71 27.13
N THR B 251 16.09 -59.91 26.79
CA THR B 251 16.92 -59.24 27.79
C THR B 251 17.44 -57.95 27.19
N CYS B 252 17.93 -57.05 28.05
CA CYS B 252 18.52 -55.80 27.58
C CYS B 252 19.55 -55.34 28.61
N THR B 253 20.19 -54.20 28.31
CA THR B 253 21.20 -53.61 29.17
C THR B 253 21.45 -52.18 28.71
N ILE B 254 21.94 -51.36 29.66
CA ILE B 254 22.37 -50.00 29.38
C ILE B 254 23.83 -50.04 28.99
N LEU B 255 24.22 -49.18 28.05
CA LEU B 255 25.60 -49.05 27.65
C LEU B 255 26.07 -47.63 27.88
N HIS B 256 27.37 -47.44 27.82
CA HIS B 256 27.93 -46.11 28.08
C HIS B 256 27.66 -45.16 26.93
N GLU B 257 28.18 -45.47 25.75
CA GLU B 257 28.31 -44.49 24.67
C GLU B 257 27.15 -44.60 23.69
N GLY B 258 26.34 -43.55 23.61
CA GLY B 258 25.40 -43.33 22.53
C GLY B 258 25.29 -41.85 22.27
N LEU B 259 25.58 -41.41 21.04
CA LEU B 259 25.70 -39.99 20.80
C LEU B 259 24.34 -39.30 20.96
N THR B 260 24.40 -38.01 21.30
CA THR B 260 23.20 -37.20 21.54
C THR B 260 22.75 -36.60 20.21
N ILE B 261 22.07 -37.44 19.43
CA ILE B 261 21.61 -37.07 18.09
C ILE B 261 20.18 -37.58 17.91
N THR B 262 19.41 -36.86 17.10
CA THR B 262 18.00 -37.16 16.87
C THR B 262 17.73 -37.25 15.37
N SER B 263 16.77 -38.10 14.99
CA SER B 263 16.25 -38.16 13.62
C SER B 263 17.36 -38.46 12.61
N ALA B 264 17.93 -39.65 12.73
CA ALA B 264 19.13 -40.00 12.00
C ALA B 264 18.85 -40.42 10.55
N ILE B 265 19.85 -40.23 9.69
CA ILE B 265 19.80 -40.59 8.27
C ILE B 265 20.86 -41.67 8.07
N ALA B 266 20.46 -42.94 8.17
CA ALA B 266 21.40 -44.06 8.23
C ALA B 266 21.73 -44.55 6.82
N SER B 267 22.98 -44.37 6.39
CA SER B 267 23.43 -44.89 5.10
C SER B 267 24.38 -46.06 5.33
N PRO B 268 24.09 -47.24 4.81
CA PRO B 268 25.05 -48.34 4.90
C PRO B 268 26.02 -48.29 3.72
N ILE B 269 27.27 -48.55 4.02
CA ILE B 269 28.32 -48.63 3.01
C ILE B 269 28.80 -50.07 2.84
N GLY B 270 29.13 -50.74 3.94
CA GLY B 270 29.60 -52.09 3.92
C GLY B 270 28.62 -53.06 4.51
N TYR B 271 29.14 -54.22 4.90
CA TYR B 271 28.33 -55.26 5.50
C TYR B 271 27.57 -54.72 6.72
N HIS B 272 28.31 -54.33 7.75
CA HIS B 272 27.72 -53.76 8.96
C HIS B 272 28.52 -52.55 9.43
N GLU B 273 28.90 -51.70 8.48
CA GLU B 273 29.51 -50.42 8.78
C GLU B 273 28.54 -49.34 8.31
N TYR B 274 28.09 -48.50 9.24
CA TYR B 274 27.01 -47.57 8.97
C TYR B 274 27.46 -46.15 9.21
N ILE B 275 27.34 -45.31 8.18
CA ILE B 275 27.59 -43.88 8.34
C ILE B 275 26.27 -43.21 8.71
N ILE B 276 26.30 -42.44 9.78
CA ILE B 276 25.12 -41.81 10.35
C ILE B 276 25.35 -40.31 10.30
N PHE B 277 24.47 -39.61 9.56
CA PHE B 277 24.46 -38.15 9.56
C PHE B 277 23.77 -37.61 10.80
N GLY B 278 22.56 -38.06 11.06
CA GLY B 278 21.76 -37.53 12.15
C GLY B 278 21.03 -36.30 11.70
N GLY B 279 19.89 -36.02 12.32
CA GLY B 279 19.20 -34.76 12.11
C GLY B 279 19.77 -33.64 12.94
N TYR B 280 19.70 -33.76 14.26
CA TYR B 280 19.97 -32.63 15.13
C TYR B 280 20.64 -33.07 16.43
N GLN B 281 21.60 -32.26 16.91
CA GLN B 281 22.19 -32.54 18.22
C GLN B 281 21.22 -32.20 19.35
N SER B 282 20.81 -30.93 19.43
CA SER B 282 19.87 -30.43 20.42
C SER B 282 18.67 -29.76 19.76
N GLU B 283 17.62 -29.51 20.55
CA GLU B 283 16.35 -28.98 20.04
C GLU B 283 16.52 -27.70 19.26
N THR B 284 17.55 -26.92 19.57
CA THR B 284 17.87 -25.68 18.87
C THR B 284 19.08 -25.83 17.95
N GLN B 285 20.22 -26.27 18.48
CA GLN B 285 21.46 -26.32 17.71
C GLN B 285 21.59 -27.68 17.05
N LYS B 286 21.34 -27.73 15.74
CA LYS B 286 21.49 -28.95 14.97
C LYS B 286 22.93 -29.40 14.92
N ARG B 287 23.15 -30.70 14.96
CA ARG B 287 24.49 -31.20 14.66
C ARG B 287 24.81 -30.97 13.18
N MET B 288 26.11 -30.97 12.86
CA MET B 288 26.57 -30.66 11.51
C MET B 288 27.48 -31.74 10.95
N GLU B 289 28.14 -32.49 11.83
CA GLU B 289 29.21 -33.39 11.43
C GLU B 289 28.69 -34.74 10.95
N CYS B 290 29.60 -35.68 10.76
CA CYS B 290 29.30 -37.04 10.36
C CYS B 290 29.45 -37.98 11.56
N THR B 291 29.18 -39.27 11.35
CA THR B 291 29.48 -40.28 12.35
C THR B 291 29.64 -41.62 11.63
N TYR B 292 30.60 -42.41 12.08
CA TYR B 292 30.82 -43.75 11.55
C TYR B 292 30.67 -44.72 12.71
N VAL B 293 29.92 -45.80 12.48
CA VAL B 293 29.71 -46.81 13.50
C VAL B 293 29.96 -48.17 12.88
N GLY B 294 31.00 -48.84 13.34
CA GLY B 294 31.10 -50.26 13.15
C GLY B 294 30.39 -51.01 14.25
N LEU B 295 30.08 -52.28 13.98
CA LEU B 295 29.34 -53.07 14.95
C LEU B 295 29.48 -54.54 14.62
N ASP B 296 29.56 -55.35 15.66
CA ASP B 296 29.56 -56.81 15.57
C ASP B 296 29.29 -57.31 16.98
N ASP B 297 29.45 -58.62 17.18
CA ASP B 297 29.31 -59.18 18.52
C ASP B 297 30.31 -58.57 19.51
N VAL B 298 31.34 -57.89 19.01
CA VAL B 298 32.18 -57.06 19.88
C VAL B 298 31.37 -55.88 20.43
N GLY B 299 30.80 -55.10 19.53
CA GLY B 299 29.99 -53.95 19.92
C GLY B 299 30.18 -52.84 18.91
N VAL B 300 29.66 -51.67 19.26
CA VAL B 300 29.79 -50.48 18.43
C VAL B 300 31.18 -49.89 18.60
N HIS B 301 31.83 -49.60 17.48
CA HIS B 301 33.08 -48.86 17.46
C HIS B 301 32.84 -47.53 16.74
N MET B 302 33.29 -46.45 17.36
CA MET B 302 32.97 -45.12 16.91
C MET B 302 34.03 -44.57 15.96
N GLU B 303 33.64 -43.56 15.21
CA GLU B 303 34.56 -42.77 14.40
C GLU B 303 33.85 -41.50 13.96
N SER B 304 34.63 -40.45 13.72
CA SER B 304 34.13 -39.17 13.19
C SER B 304 34.90 -38.87 11.90
N ARG B 305 34.33 -39.24 10.76
CA ARG B 305 34.99 -39.04 9.47
C ARG B 305 35.01 -37.55 9.11
N GLU B 306 35.53 -37.26 7.93
CA GLU B 306 35.66 -35.88 7.50
C GLU B 306 34.29 -35.28 7.23
N PRO B 307 33.95 -34.15 7.84
CA PRO B 307 32.70 -33.46 7.50
C PRO B 307 32.83 -32.73 6.17
N PRO B 308 32.07 -33.12 5.16
CA PRO B 308 32.11 -32.38 3.88
C PRO B 308 31.74 -30.93 4.11
N GLN B 309 32.38 -30.05 3.36
CA GLN B 309 32.28 -28.60 3.58
C GLN B 309 30.86 -28.15 3.26
N TRP B 310 30.06 -27.91 4.30
CA TRP B 310 28.71 -27.40 4.11
C TRP B 310 28.74 -26.02 3.48
N THR B 311 27.74 -25.76 2.63
CA THR B 311 27.52 -24.41 2.13
C THR B 311 27.11 -23.49 3.28
N SER B 312 27.11 -22.18 3.00
CA SER B 312 26.76 -21.21 4.02
C SER B 312 25.32 -21.38 4.49
N GLU B 313 24.40 -21.60 3.55
CA GLU B 313 22.99 -21.69 3.90
C GLU B 313 22.70 -22.90 4.79
N ILE B 314 23.16 -24.09 4.38
CA ILE B 314 22.90 -25.31 5.15
C ILE B 314 23.51 -25.23 6.54
N SER B 315 24.65 -24.55 6.67
CA SER B 315 25.21 -24.30 7.99
C SER B 315 24.39 -23.29 8.77
N HIS B 316 23.70 -22.38 8.07
CA HIS B 316 22.91 -21.33 8.71
C HIS B 316 21.40 -21.52 8.63
N SER B 317 20.92 -22.52 7.89
CA SER B 317 19.49 -22.78 7.83
C SER B 317 19.02 -23.43 9.13
N ARG B 318 17.73 -23.25 9.44
CA ARG B 318 17.18 -23.75 10.69
C ARG B 318 17.22 -25.27 10.73
N THR B 319 16.52 -25.92 9.81
CA THR B 319 16.32 -27.35 9.83
C THR B 319 16.79 -27.95 8.52
N TRP B 320 16.88 -29.29 8.52
CA TRP B 320 17.14 -30.04 7.30
C TRP B 320 16.82 -31.50 7.56
N PHE B 321 16.48 -32.22 6.50
CA PHE B 321 16.10 -33.62 6.61
C PHE B 321 16.71 -34.36 5.43
N GLY B 322 16.24 -35.57 5.15
CA GLY B 322 16.70 -36.27 3.96
C GLY B 322 16.52 -37.77 4.13
N GLY B 323 17.23 -38.49 3.26
CA GLY B 323 17.11 -39.94 3.20
C GLY B 323 18.38 -40.60 2.73
N SER B 324 18.43 -41.91 2.90
CA SER B 324 19.58 -42.72 2.51
C SER B 324 19.43 -43.07 1.04
N LEU B 325 20.20 -42.39 0.20
CA LEU B 325 20.21 -42.73 -1.22
C LEU B 325 20.84 -44.10 -1.45
N GLY B 326 21.58 -44.62 -0.46
CA GLY B 326 22.14 -45.96 -0.53
C GLY B 326 23.56 -46.05 -1.05
N LYS B 327 24.36 -46.94 -0.45
CA LYS B 327 25.76 -47.16 -0.80
C LYS B 327 26.58 -45.89 -0.61
N GLY B 328 26.58 -45.38 0.62
CA GLY B 328 27.36 -44.21 0.98
C GLY B 328 26.77 -42.90 0.51
N THR B 329 25.93 -42.98 -0.54
CA THR B 329 25.21 -41.83 -1.04
C THR B 329 24.05 -41.50 -0.10
N ALA B 330 23.76 -40.22 0.06
CA ALA B 330 22.66 -39.78 0.89
C ALA B 330 22.13 -38.47 0.32
N LEU B 331 20.81 -38.29 0.39
CA LEU B 331 20.17 -37.09 -0.08
C LEU B 331 19.79 -36.21 1.12
N VAL B 332 20.44 -35.06 1.25
CA VAL B 332 20.09 -34.07 2.26
C VAL B 332 19.26 -32.99 1.59
N ALA B 333 18.21 -32.53 2.27
CA ALA B 333 17.31 -31.51 1.77
C ALA B 333 17.17 -30.41 2.80
N ILE B 334 17.32 -29.18 2.33
CA ILE B 334 17.23 -27.99 3.16
C ILE B 334 15.99 -27.24 2.72
N PRO B 335 15.16 -26.80 3.64
CA PRO B 335 14.07 -25.90 3.23
C PRO B 335 14.65 -24.56 2.86
N SER B 336 14.74 -24.29 1.56
CA SER B 336 15.42 -23.11 1.05
C SER B 336 14.50 -21.92 1.19
N GLU B 337 14.88 -20.96 2.03
CA GLU B 337 14.07 -19.79 2.28
C GLU B 337 14.70 -18.59 1.59
N GLY B 338 13.97 -18.01 0.65
CA GLY B 338 14.41 -16.82 -0.06
C GLY B 338 13.23 -16.20 -0.77
N ASN B 339 13.41 -14.93 -1.12
CA ASN B 339 12.35 -14.17 -1.79
C ASN B 339 12.68 -14.03 -3.27
N PRO B 340 11.80 -14.47 -4.19
CA PRO B 340 10.53 -15.11 -3.83
C PRO B 340 10.64 -16.63 -3.72
N THR B 341 9.57 -17.28 -3.26
CA THR B 341 9.53 -18.74 -3.25
C THR B 341 9.26 -19.24 -4.66
N PRO B 342 10.03 -20.20 -5.17
CA PRO B 342 10.01 -20.52 -6.62
C PRO B 342 8.71 -21.12 -7.12
N PRO B 343 7.90 -21.82 -6.29
CA PRO B 343 7.78 -22.21 -4.88
C PRO B 343 8.62 -23.43 -4.50
N GLU B 344 9.60 -23.76 -5.31
CA GLU B 344 10.52 -24.84 -4.95
C GLU B 344 11.40 -24.34 -3.82
N ALA B 345 10.97 -24.59 -2.57
CA ALA B 345 11.64 -24.11 -1.38
C ALA B 345 12.51 -25.18 -0.71
N TYR B 346 12.99 -26.17 -1.46
CA TYR B 346 13.79 -27.26 -0.90
C TYR B 346 14.99 -27.54 -1.82
N HIS B 347 16.18 -27.21 -1.35
CA HIS B 347 17.40 -27.48 -2.12
C HIS B 347 18.01 -28.80 -1.68
N PHE B 348 18.50 -29.57 -2.66
CA PHE B 348 18.95 -30.94 -2.44
C PHE B 348 20.44 -31.05 -2.71
N TYR B 349 21.16 -31.70 -1.79
CA TYR B 349 22.56 -32.04 -1.99
C TYR B 349 22.70 -33.56 -1.90
N GLN B 350 23.51 -34.13 -2.79
CA GLN B 350 23.88 -35.53 -2.70
C GLN B 350 25.28 -35.62 -2.09
N VAL B 351 25.44 -36.49 -1.11
CA VAL B 351 26.70 -36.63 -0.38
C VAL B 351 27.14 -38.09 -0.44
N SER B 352 28.45 -38.31 -0.54
CA SER B 352 28.99 -39.66 -0.64
C SER B 352 30.27 -39.75 0.19
N PHE B 353 30.52 -40.95 0.72
CA PHE B 353 31.74 -41.19 1.47
C PHE B 353 32.90 -41.43 0.50
N GLN B 354 34.12 -41.14 0.96
CA GLN B 354 35.36 -41.34 0.20
C GLN B 354 35.39 -40.49 -1.08
N GLY C 536 -73.18 12.23 23.14
CA GLY C 536 -72.02 11.76 23.88
C GLY C 536 -70.70 12.12 23.22
N GLY C 537 -69.75 11.20 23.23
CA GLY C 537 -68.46 11.44 22.62
C GLY C 537 -67.34 10.54 23.10
N ARG C 538 -66.42 10.21 22.20
CA ARG C 538 -65.21 9.51 22.63
C ARG C 538 -64.41 10.42 23.57
N PRO C 539 -63.87 9.88 24.66
CA PRO C 539 -63.31 10.74 25.71
C PRO C 539 -62.31 11.76 25.17
N ARG C 540 -62.41 12.98 25.67
CA ARG C 540 -61.47 14.03 25.30
C ARG C 540 -60.08 13.67 25.79
N GLN C 541 -59.17 13.41 24.86
CA GLN C 541 -57.83 12.98 25.20
C GLN C 541 -56.96 14.19 25.55
N HIS C 542 -55.88 13.92 26.29
CA HIS C 542 -55.00 14.99 26.74
C HIS C 542 -54.30 15.63 25.54
N LEU C 543 -54.09 16.95 25.63
CA LEU C 543 -53.68 17.74 24.46
C LEU C 543 -52.34 17.27 23.87
N LEU C 544 -51.43 16.79 24.71
CA LEU C 544 -50.06 16.56 24.25
C LEU C 544 -49.93 15.32 23.37
N SER C 545 -50.54 14.20 23.78
CA SER C 545 -50.37 12.94 23.06
C SER C 545 -51.15 12.89 21.74
N LEU C 546 -51.80 13.99 21.33
CA LEU C 546 -52.58 13.99 20.11
C LEU C 546 -51.69 14.14 18.87
N THR C 547 -52.31 13.97 17.70
CA THR C 547 -51.63 14.17 16.43
C THR C 547 -51.62 15.65 16.05
N ARG C 548 -50.72 16.00 15.14
CA ARG C 548 -50.65 17.38 14.67
C ARG C 548 -51.98 17.85 14.11
N ARG C 549 -52.64 17.00 13.33
CA ARG C 549 -53.99 17.31 12.84
C ARG C 549 -54.95 17.57 14.00
N ALA C 550 -54.93 16.70 15.01
CA ALA C 550 -55.86 16.82 16.13
C ALA C 550 -55.54 18.04 16.98
N GLN C 551 -54.26 18.28 17.27
CA GLN C 551 -53.88 19.46 18.06
C GLN C 551 -54.27 20.73 17.33
N LYS C 552 -54.01 20.79 16.02
CA LYS C 552 -54.43 21.95 15.22
C LYS C 552 -55.94 22.13 15.29
N HIS C 553 -56.71 21.05 15.13
CA HIS C 553 -58.17 21.14 15.18
C HIS C 553 -58.64 21.71 16.52
N ARG C 554 -58.09 21.19 17.62
CA ARG C 554 -58.55 21.62 18.94
C ARG C 554 -58.12 23.04 19.28
N LEU C 555 -56.95 23.47 18.80
CA LEU C 555 -56.41 24.76 19.20
C LEU C 555 -56.67 25.87 18.20
N ARG C 556 -57.24 25.57 17.03
CA ARG C 556 -57.46 26.54 15.96
C ARG C 556 -58.06 27.86 16.43
N ASP C 557 -59.07 27.81 17.30
CA ASP C 557 -59.74 29.04 17.73
C ASP C 557 -58.78 29.93 18.52
N LEU C 558 -58.13 29.37 19.54
CA LEU C 558 -57.15 30.13 20.30
C LEU C 558 -55.99 30.58 19.42
N LYS C 559 -55.64 29.80 18.40
CA LYS C 559 -54.56 30.19 17.51
C LYS C 559 -54.95 31.40 16.67
N ASN C 560 -56.21 31.47 16.22
CA ASN C 560 -56.68 32.67 15.54
C ASN C 560 -56.74 33.88 16.48
N GLN C 561 -57.09 33.66 17.75
CA GLN C 561 -57.03 34.74 18.72
C GLN C 561 -55.61 35.28 18.89
N VAL C 562 -54.63 34.38 19.01
CA VAL C 562 -53.23 34.81 19.09
C VAL C 562 -52.80 35.49 17.79
N LYS C 563 -53.30 34.99 16.65
CA LYS C 563 -52.96 35.59 15.37
C LYS C 563 -53.43 37.03 15.29
N THR C 564 -54.71 37.28 15.62
CA THR C 564 -55.22 38.65 15.57
C THR C 564 -54.57 39.52 16.65
N PHE C 565 -54.23 38.94 17.80
CA PHE C 565 -53.49 39.70 18.82
C PHE C 565 -52.13 40.14 18.29
N ALA C 566 -51.43 39.24 17.60
CA ALA C 566 -50.14 39.59 17.03
C ALA C 566 -50.27 40.65 15.96
N GLU C 567 -51.29 40.54 15.10
CA GLU C 567 -51.51 41.59 14.10
C GLU C 567 -51.78 42.94 14.75
N LYS C 568 -52.54 42.96 15.84
CA LYS C 568 -52.93 44.21 16.46
C LYS C 568 -51.75 44.86 17.21
N GLU C 569 -50.91 44.06 17.86
CA GLU C 569 -49.87 44.62 18.72
C GLU C 569 -48.46 44.49 18.14
N GLU C 570 -48.05 43.30 17.71
CA GLU C 570 -46.66 43.05 17.30
C GLU C 570 -46.53 42.77 15.81
N GLY C 571 -47.55 43.06 15.01
CA GLY C 571 -47.45 42.90 13.57
C GLY C 571 -47.28 41.49 13.09
N GLY C 572 -48.06 40.55 13.64
CA GLY C 572 -48.04 39.18 13.17
C GLY C 572 -46.83 38.36 13.54
N ASP C 573 -45.96 38.86 14.42
CA ASP C 573 -44.80 38.10 14.87
C ASP C 573 -45.24 37.10 15.96
N VAL C 574 -46.10 36.17 15.54
CA VAL C 574 -46.70 35.21 16.47
C VAL C 574 -45.62 34.35 17.11
N LYS C 575 -44.54 34.07 16.37
CA LYS C 575 -43.47 33.21 16.87
C LYS C 575 -42.86 33.76 18.16
N SER C 576 -42.35 34.99 18.11
CA SER C 576 -41.74 35.59 19.30
C SER C 576 -42.76 35.77 20.43
N VAL C 577 -44.02 36.03 20.10
CA VAL C 577 -45.05 36.21 21.12
C VAL C 577 -45.26 34.92 21.92
N CYS C 578 -45.54 33.81 21.22
CA CYS C 578 -45.74 32.55 21.93
C CYS C 578 -44.44 32.08 22.59
N LEU C 579 -43.29 32.44 22.03
CA LEU C 579 -42.02 32.15 22.69
C LEU C 579 -41.93 32.84 24.04
N THR C 580 -42.28 34.13 24.09
CA THR C 580 -42.24 34.86 25.36
C THR C 580 -43.28 34.31 26.34
N LEU C 581 -44.45 33.91 25.82
CA LEU C 581 -45.44 33.24 26.66
C LEU C 581 -44.85 32.01 27.33
N PHE C 582 -44.18 31.17 26.53
CA PHE C 582 -43.54 29.97 27.08
C PHE C 582 -42.46 30.34 28.09
N LEU C 583 -41.64 31.33 27.77
CA LEU C 583 -40.55 31.73 28.67
C LEU C 583 -41.07 32.13 30.03
N LEU C 584 -42.10 32.98 30.07
CA LEU C 584 -42.61 33.44 31.35
C LEU C 584 -43.44 32.38 32.05
N ALA C 585 -44.19 31.56 31.30
CA ALA C 585 -44.91 30.45 31.94
C ALA C 585 -43.94 29.45 32.56
N LEU C 586 -42.75 29.28 31.96
CA LEU C 586 -41.72 28.42 32.57
C LEU C 586 -41.13 29.08 33.81
N ARG C 587 -40.70 30.33 33.69
CA ARG C 587 -40.11 31.02 34.84
C ARG C 587 -41.09 31.12 36.00
N ALA C 588 -42.40 31.03 35.73
CA ALA C 588 -43.37 30.89 36.81
C ALA C 588 -43.32 29.49 37.43
N GLY C 589 -43.02 28.46 36.62
CA GLY C 589 -42.97 27.10 37.13
C GLY C 589 -41.77 26.76 37.97
N ASN C 590 -40.79 27.67 38.05
CA ASN C 590 -39.58 27.64 38.90
C ASN C 590 -38.47 26.74 38.36
N GLU C 591 -38.65 26.06 37.22
CA GLU C 591 -37.57 25.23 36.66
C GLU C 591 -36.70 26.09 35.74
N HIS C 592 -36.07 27.11 36.33
CA HIS C 592 -35.39 28.14 35.55
C HIS C 592 -34.20 27.60 34.76
N LYS C 593 -33.70 26.41 35.10
CA LYS C 593 -32.72 25.76 34.22
C LYS C 593 -33.25 25.66 32.80
N GLN C 594 -34.48 25.16 32.66
CA GLN C 594 -35.08 24.99 31.34
C GLN C 594 -35.34 26.33 30.66
N ALA C 595 -35.66 27.36 31.44
CA ALA C 595 -35.82 28.69 30.85
C ALA C 595 -34.51 29.23 30.30
N ASP C 596 -33.41 29.02 31.03
CA ASP C 596 -32.10 29.42 30.53
C ASP C 596 -31.72 28.65 29.29
N GLU C 597 -31.96 27.34 29.27
CA GLU C 597 -31.69 26.54 28.08
C GLU C 597 -32.52 27.02 26.89
N LEU C 598 -33.79 27.36 27.13
CA LEU C 598 -34.65 27.83 26.06
C LEU C 598 -34.14 29.15 25.49
N GLU C 599 -33.80 30.09 26.37
CA GLU C 599 -33.23 31.35 25.91
C GLU C 599 -31.91 31.11 25.17
N ALA C 600 -31.14 30.10 25.59
CA ALA C 600 -29.95 29.72 24.86
C ALA C 600 -30.28 29.11 23.50
N MET C 601 -31.50 28.60 23.32
CA MET C 601 -31.89 28.06 22.02
C MET C 601 -32.23 29.16 21.03
N MET C 602 -33.16 30.04 21.39
CA MET C 602 -33.54 31.14 20.51
C MET C 602 -32.45 32.20 20.52
N GLN C 603 -31.95 32.54 19.32
CA GLN C 603 -30.94 33.58 19.10
C GLN C 603 -29.57 33.10 19.58
N GLY C 604 -29.52 31.95 20.25
CA GLY C 604 -28.28 31.32 20.61
C GLY C 604 -27.84 30.33 19.56
N ARG C 605 -26.92 29.44 19.95
CA ARG C 605 -26.52 28.35 19.08
C ARG C 605 -27.46 27.14 19.25
N GLY C 606 -28.75 27.43 19.12
CA GLY C 606 -29.81 26.51 19.54
C GLY C 606 -30.00 25.26 18.70
N PHE C 607 -28.99 24.90 17.90
CA PHE C 607 -28.99 23.66 17.15
C PHE C 607 -28.13 22.57 17.79
N GLY C 608 -27.59 22.83 18.99
CA GLY C 608 -26.92 21.80 19.77
C GLY C 608 -25.42 21.94 19.89
N LEU C 609 -24.77 22.29 18.77
CA LEU C 609 -23.31 22.29 18.71
C LEU C 609 -22.85 23.14 17.54
N HIS C 610 -21.89 24.04 17.77
CA HIS C 610 -21.44 24.97 16.73
C HIS C 610 -20.81 24.21 15.56
N PRO C 611 -21.34 24.35 14.30
CA PRO C 611 -20.82 23.56 13.17
C PRO C 611 -19.32 23.67 12.95
N ALA C 612 -18.73 24.71 13.52
CA ALA C 612 -17.28 24.90 13.39
C ALA C 612 -16.51 23.78 14.08
N VAL C 613 -16.84 23.50 15.35
CA VAL C 613 -16.18 22.41 16.06
C VAL C 613 -16.54 21.06 15.43
N CYS C 614 -17.70 20.99 14.78
CA CYS C 614 -18.06 19.79 14.04
C CYS C 614 -17.10 19.55 12.86
N LEU C 615 -16.79 20.60 12.11
CA LEU C 615 -15.82 20.46 11.03
C LEU C 615 -14.44 20.11 11.59
N ALA C 616 -14.04 20.76 12.70
CA ALA C 616 -12.77 20.45 13.33
C ALA C 616 -12.67 18.96 13.67
N ILE C 617 -13.73 18.40 14.25
CA ILE C 617 -13.74 16.97 14.56
C ILE C 617 -13.85 16.10 13.33
N ARG C 618 -14.33 16.61 12.19
CA ARG C 618 -14.15 15.82 10.97
C ARG C 618 -12.68 15.74 10.60
N VAL C 619 -12.01 16.88 10.60
CA VAL C 619 -10.64 16.92 10.11
C VAL C 619 -9.65 16.52 11.19
N ASN C 620 -9.76 17.12 12.39
CA ASN C 620 -8.69 17.01 13.38
C ASN C 620 -8.48 15.57 13.83
N THR C 621 -9.35 14.66 13.39
CA THR C 621 -9.14 13.23 13.60
C THR C 621 -9.27 12.46 12.29
N PHE C 622 -8.95 13.11 11.17
CA PHE C 622 -8.72 12.45 9.89
C PHE C 622 -9.92 11.64 9.41
N LEU C 623 -11.09 11.81 10.04
CA LEU C 623 -12.25 11.03 9.68
C LEU C 623 -12.64 11.27 8.23
N SER C 624 -13.10 10.21 7.58
CA SER C 624 -13.52 10.27 6.19
C SER C 624 -14.89 10.95 6.11
N CYS C 625 -15.44 10.99 4.90
CA CYS C 625 -16.65 11.74 4.61
C CYS C 625 -17.90 10.87 4.70
N SER C 626 -17.97 9.81 3.89
CA SER C 626 -19.08 8.89 4.04
C SER C 626 -19.13 8.35 5.47
N GLN C 627 -17.95 8.19 6.07
CA GLN C 627 -17.78 7.95 7.50
C GLN C 627 -18.64 8.87 8.34
N TYR C 628 -18.45 10.16 8.10
CA TYR C 628 -19.16 11.19 8.84
C TYR C 628 -20.67 11.05 8.69
N HIS C 629 -21.16 10.82 7.47
CA HIS C 629 -22.61 10.74 7.25
C HIS C 629 -23.20 9.52 7.94
N LYS C 630 -22.49 8.40 7.90
CA LYS C 630 -22.98 7.22 8.62
C LYS C 630 -23.06 7.50 10.11
N MET C 631 -21.98 8.04 10.67
CA MET C 631 -21.97 8.42 12.07
C MET C 631 -23.12 9.37 12.40
N TYR C 632 -23.39 10.32 11.50
CA TYR C 632 -24.45 11.29 11.73
C TYR C 632 -25.81 10.60 11.74
N ARG C 633 -26.07 9.75 10.74
CA ARG C 633 -27.28 8.93 10.76
C ARG C 633 -27.45 8.26 12.10
N THR C 634 -26.38 7.68 12.60
CA THR C 634 -26.42 6.95 13.86
C THR C 634 -26.87 7.86 14.99
N VAL C 635 -26.13 8.95 15.22
CA VAL C 635 -26.39 9.78 16.38
C VAL C 635 -27.78 10.40 16.30
N LYS C 636 -28.23 10.74 15.09
CA LYS C 636 -29.57 11.31 14.92
C LYS C 636 -30.63 10.31 15.31
N ALA C 637 -30.62 9.14 14.67
CA ALA C 637 -31.63 8.14 14.95
C ALA C 637 -31.56 7.62 16.39
N THR C 638 -30.41 7.74 17.05
CA THR C 638 -30.22 7.09 18.34
C THR C 638 -31.01 7.78 19.44
N SER C 639 -30.65 9.01 19.80
CA SER C 639 -31.28 9.68 20.92
C SER C 639 -31.79 11.05 20.48
N GLY C 640 -32.94 11.03 19.82
CA GLY C 640 -33.90 12.11 19.87
C GLY C 640 -33.42 13.52 19.59
N ARG C 641 -32.14 13.71 19.29
CA ARG C 641 -31.60 15.06 19.17
C ARG C 641 -30.69 15.14 17.95
N GLN C 642 -30.59 16.36 17.43
CA GLN C 642 -29.68 16.72 16.33
C GLN C 642 -28.43 17.33 16.95
N ILE C 643 -27.41 16.50 17.13
CA ILE C 643 -26.17 16.92 17.76
C ILE C 643 -25.11 17.28 16.72
N PHE C 644 -25.04 16.52 15.63
CA PHE C 644 -24.01 16.66 14.61
C PHE C 644 -24.61 17.25 13.36
N GLN C 645 -24.12 18.42 12.97
CA GLN C 645 -24.67 19.12 11.82
C GLN C 645 -24.47 18.30 10.56
N PRO C 646 -25.45 18.24 9.67
CA PRO C 646 -25.31 17.44 8.44
C PRO C 646 -24.28 17.96 7.47
N LEU C 647 -24.21 17.32 6.31
CA LEU C 647 -23.07 17.46 5.43
C LEU C 647 -23.06 18.81 4.72
N HIS C 648 -24.11 19.07 3.94
CA HIS C 648 -24.04 20.20 3.01
C HIS C 648 -23.91 21.52 3.76
N THR C 649 -24.59 21.63 4.90
CA THR C 649 -24.41 22.80 5.76
C THR C 649 -22.99 22.86 6.31
N LEU C 650 -22.41 21.71 6.60
CA LEU C 650 -21.02 21.66 7.04
C LEU C 650 -20.08 22.26 6.00
N ARG C 651 -20.19 21.78 4.75
CA ARG C 651 -19.32 22.29 3.70
C ARG C 651 -19.54 23.78 3.48
N ASN C 652 -20.81 24.21 3.37
CA ASN C 652 -21.12 25.60 3.11
C ASN C 652 -20.63 26.51 4.24
N ALA C 653 -20.71 26.04 5.49
CA ALA C 653 -20.21 26.82 6.62
C ALA C 653 -18.70 26.86 6.62
N GLU C 654 -18.06 25.78 6.14
CA GLU C 654 -16.61 25.73 6.08
C GLU C 654 -16.06 26.67 5.00
N LYS C 655 -16.75 26.76 3.87
CA LYS C 655 -16.23 27.42 2.66
C LYS C 655 -15.70 28.82 2.92
N GLU C 656 -16.10 29.43 4.03
CA GLU C 656 -15.59 30.75 4.35
C GLU C 656 -14.13 30.70 4.80
N LEU C 657 -13.69 29.58 5.37
CA LEU C 657 -12.38 29.54 6.01
C LEU C 657 -11.22 29.38 5.03
N LEU C 658 -11.45 28.76 3.87
CA LEU C 658 -10.44 28.63 2.82
C LEU C 658 -9.98 29.99 2.31
N PRO C 659 -8.84 30.04 1.60
CA PRO C 659 -8.45 31.30 0.97
C PRO C 659 -9.39 31.70 -0.16
N GLY C 660 -9.38 32.99 -0.47
CA GLY C 660 -10.18 33.54 -1.54
C GLY C 660 -11.63 33.72 -1.14
N PHE C 661 -11.87 34.39 -0.02
CA PHE C 661 -13.25 34.66 0.35
C PHE C 661 -13.49 36.11 0.73
N HIS C 662 -12.52 36.78 1.35
CA HIS C 662 -12.75 38.07 2.00
C HIS C 662 -12.18 39.19 1.17
N GLN C 663 -13.05 40.06 0.67
CA GLN C 663 -12.63 41.23 -0.09
C GLN C 663 -11.67 42.08 0.73
N PHE C 664 -10.65 42.60 0.05
CA PHE C 664 -9.66 43.47 0.65
C PHE C 664 -9.24 44.49 -0.40
N GLU C 665 -8.25 45.32 -0.06
CA GLU C 665 -7.72 46.24 -1.04
C GLU C 665 -6.22 46.41 -0.83
N TRP C 666 -5.56 46.99 -1.84
CA TRP C 666 -4.11 47.07 -1.82
C TRP C 666 -3.66 48.45 -2.31
N GLN C 667 -2.92 49.17 -1.47
CA GLN C 667 -2.43 50.52 -1.77
C GLN C 667 -0.90 50.55 -1.69
N PRO C 668 -0.20 50.73 -2.81
CA PRO C 668 -0.78 50.75 -4.16
C PRO C 668 -1.18 49.35 -4.65
N ALA C 669 -1.80 49.24 -5.82
CA ALA C 669 -2.01 47.93 -6.42
C ALA C 669 -0.65 47.29 -6.72
N LEU C 670 -0.61 45.95 -6.67
CA LEU C 670 0.65 45.24 -6.80
C LEU C 670 1.15 45.26 -8.23
N LYS C 671 2.41 44.86 -8.39
CA LYS C 671 3.05 44.83 -9.69
C LYS C 671 2.74 43.52 -10.40
N ASN C 672 2.17 43.62 -11.61
CA ASN C 672 1.90 42.48 -12.50
C ASN C 672 1.23 41.31 -11.77
N VAL C 673 0.26 41.63 -10.91
CA VAL C 673 -0.51 40.64 -10.18
C VAL C 673 -1.99 40.89 -10.46
N SER C 674 -2.76 39.82 -10.54
CA SER C 674 -4.18 39.89 -10.89
C SER C 674 -4.95 40.80 -9.93
N THR C 675 -6.12 41.26 -10.37
CA THR C 675 -6.95 42.16 -9.59
C THR C 675 -7.99 41.42 -8.76
N SER C 676 -8.27 40.16 -9.07
CA SER C 676 -9.29 39.41 -8.37
C SER C 676 -8.87 39.10 -6.94
N TRP C 677 -9.85 38.72 -6.12
CA TRP C 677 -9.60 38.29 -4.76
C TRP C 677 -10.44 37.07 -4.38
N ASP C 678 -11.22 36.52 -5.30
CA ASP C 678 -12.10 35.40 -5.00
C ASP C 678 -11.54 34.06 -5.43
N VAL C 679 -10.56 34.05 -6.34
CA VAL C 679 -10.05 32.82 -6.92
C VAL C 679 -9.46 31.95 -5.82
N GLY C 680 -9.84 30.67 -5.81
CA GLY C 680 -9.36 29.71 -4.83
C GLY C 680 -8.13 28.94 -5.28
N ILE C 681 -8.25 27.61 -5.40
CA ILE C 681 -7.12 26.74 -5.71
C ILE C 681 -6.76 26.92 -7.17
N ILE C 682 -5.61 27.56 -7.43
CA ILE C 682 -5.09 27.73 -8.79
C ILE C 682 -4.24 26.51 -9.10
N ASP C 683 -4.46 25.92 -10.28
CA ASP C 683 -3.61 24.85 -10.77
C ASP C 683 -2.15 25.32 -10.86
N GLY C 684 -1.24 24.58 -10.23
CA GLY C 684 0.15 25.00 -10.16
C GLY C 684 0.93 24.90 -11.46
N LEU C 685 0.35 24.29 -12.51
CA LEU C 685 0.98 24.25 -13.82
C LEU C 685 1.39 25.64 -14.29
N SER C 686 0.65 26.67 -13.88
CA SER C 686 0.90 28.06 -14.25
C SER C 686 0.80 28.27 -15.76
N GLY C 687 -0.22 27.66 -16.37
CA GLY C 687 -0.53 27.88 -17.77
C GLY C 687 0.58 27.55 -18.74
N TRP C 688 0.96 26.28 -18.83
CA TRP C 688 1.94 25.83 -19.81
C TRP C 688 1.24 25.44 -21.11
N THR C 689 1.77 25.92 -22.22
CA THR C 689 1.27 25.49 -23.53
C THR C 689 1.61 24.02 -23.68
N VAL C 690 0.61 23.15 -23.56
CA VAL C 690 0.80 21.71 -23.46
C VAL C 690 1.54 21.14 -24.66
N SER C 691 1.79 21.96 -25.69
CA SER C 691 2.49 21.55 -26.90
C SER C 691 3.74 20.72 -26.60
N VAL C 692 3.76 19.50 -27.13
CA VAL C 692 4.72 18.46 -26.70
C VAL C 692 6.03 18.67 -27.45
N ASP C 693 6.14 19.76 -28.20
CA ASP C 693 7.40 20.10 -28.86
C ASP C 693 8.43 20.63 -27.86
N ASP C 694 7.98 21.44 -26.90
CA ASP C 694 8.83 22.02 -25.86
C ASP C 694 9.04 20.98 -24.75
N VAL C 695 9.63 21.40 -23.63
CA VAL C 695 9.61 20.52 -22.44
C VAL C 695 8.16 20.30 -22.04
N PRO C 696 7.75 19.06 -21.79
CA PRO C 696 6.32 18.80 -21.64
C PRO C 696 5.73 19.54 -20.45
N ALA C 697 4.40 19.57 -20.44
CA ALA C 697 3.59 20.11 -19.34
C ALA C 697 3.23 19.02 -18.34
N ASP C 698 4.09 18.01 -18.18
CA ASP C 698 3.74 16.83 -17.39
C ASP C 698 3.60 17.15 -15.91
N THR C 699 4.54 17.92 -15.35
CA THR C 699 4.61 18.16 -13.92
C THR C 699 3.27 18.62 -13.35
N ILE C 700 2.68 17.81 -12.45
CA ILE C 700 1.40 18.12 -11.82
C ILE C 700 1.63 18.76 -10.46
N SER C 701 0.90 19.83 -10.19
CA SER C 701 1.11 20.62 -8.98
C SER C 701 -0.12 21.50 -8.74
N ARG C 702 -0.30 21.87 -7.48
CA ARG C 702 -1.42 22.70 -7.08
C ARG C 702 -0.95 23.64 -5.98
N ARG C 703 -1.54 24.84 -5.95
CA ARG C 703 -1.13 25.84 -5.00
C ARG C 703 -2.20 26.89 -4.87
N PHE C 704 -1.98 27.81 -3.95
CA PHE C 704 -2.84 28.95 -3.72
C PHE C 704 -2.23 30.19 -4.36
N ARG C 705 -2.89 31.32 -4.19
CA ARG C 705 -2.31 32.62 -4.52
C ARG C 705 -1.71 33.18 -3.24
N TYR C 706 -0.38 33.37 -3.24
CA TYR C 706 0.39 33.71 -2.05
C TYR C 706 -0.28 34.79 -1.20
N ASP C 707 -0.48 35.97 -1.80
CA ASP C 707 -1.14 37.08 -1.13
C ASP C 707 -2.48 36.68 -0.53
N VAL C 708 -3.28 35.92 -1.28
CA VAL C 708 -4.63 35.60 -0.83
C VAL C 708 -4.58 34.72 0.41
N ALA C 709 -3.69 33.73 0.43
CA ALA C 709 -3.52 32.89 1.61
C ALA C 709 -3.04 33.71 2.79
N LEU C 710 -2.14 34.66 2.53
CA LEU C 710 -1.65 35.50 3.61
C LEU C 710 -2.79 36.29 4.24
N VAL C 711 -3.66 36.90 3.42
CA VAL C 711 -4.79 37.64 3.97
C VAL C 711 -5.76 36.71 4.67
N SER C 712 -5.90 35.48 4.19
CA SER C 712 -6.73 34.50 4.86
C SER C 712 -6.23 34.27 6.28
N ALA C 713 -4.94 33.99 6.43
CA ALA C 713 -4.35 33.72 7.75
C ALA C 713 -4.43 34.94 8.65
N LEU C 714 -4.13 36.11 8.10
CA LEU C 714 -4.12 37.30 8.92
C LEU C 714 -5.53 37.58 9.45
N LYS C 715 -6.53 37.55 8.57
CA LYS C 715 -7.90 37.73 9.04
C LYS C 715 -8.33 36.63 9.99
N ASP C 716 -7.84 35.40 9.78
CA ASP C 716 -8.08 34.32 10.72
C ASP C 716 -7.59 34.69 12.11
N LEU C 717 -6.51 35.45 12.20
CA LEU C 717 -5.97 35.84 13.49
C LEU C 717 -6.66 37.09 14.10
N GLU C 718 -7.91 37.38 13.71
CA GLU C 718 -8.58 38.62 14.12
C GLU C 718 -8.83 38.64 15.63
N GLU C 719 -9.22 37.49 16.20
CA GLU C 719 -9.48 37.44 17.63
C GLU C 719 -8.20 37.72 18.41
N ASP C 720 -7.08 37.14 17.98
CA ASP C 720 -5.83 37.32 18.71
C ASP C 720 -5.29 38.74 18.57
N ILE C 721 -5.46 39.37 17.40
CA ILE C 721 -4.98 40.75 17.29
C ILE C 721 -5.86 41.68 18.13
N MET C 722 -7.18 41.46 18.12
CA MET C 722 -8.05 42.29 18.94
C MET C 722 -7.76 42.09 20.42
N GLU C 723 -7.44 40.86 20.82
CA GLU C 723 -7.10 40.59 22.21
C GLU C 723 -5.76 41.24 22.58
N GLY C 724 -4.79 41.22 21.66
CA GLY C 724 -3.56 41.94 21.91
C GLY C 724 -3.75 43.43 22.07
N LEU C 725 -4.70 44.01 21.32
CA LEU C 725 -5.02 45.42 21.51
C LEU C 725 -5.70 45.67 22.85
N ARG C 726 -6.58 44.76 23.28
CA ARG C 726 -7.27 44.94 24.57
C ARG C 726 -6.32 44.79 25.75
N GLU C 727 -5.48 43.76 25.73
CA GLU C 727 -4.54 43.53 26.84
C GLU C 727 -3.59 44.71 26.99
N ARG C 728 -2.99 45.14 25.89
CA ARG C 728 -2.15 46.34 25.92
C ARG C 728 -2.97 47.59 26.20
N ALA C 729 -4.30 47.52 26.10
CA ALA C 729 -5.20 48.63 26.36
C ALA C 729 -4.87 49.82 25.47
N LEU C 730 -4.45 49.53 24.24
CA LEU C 730 -4.10 50.58 23.31
C LEU C 730 -5.37 51.21 22.75
N ASP C 731 -5.18 52.27 21.96
CA ASP C 731 -6.29 52.98 21.36
C ASP C 731 -7.01 52.08 20.35
N ASP C 732 -8.15 52.58 19.87
CA ASP C 732 -9.02 51.86 18.94
C ASP C 732 -9.09 52.50 17.57
N SER C 733 -9.37 53.80 17.50
CA SER C 733 -9.30 54.52 16.23
C SER C 733 -7.88 54.90 15.85
N MET C 734 -6.88 54.61 16.69
CA MET C 734 -5.48 54.92 16.44
C MET C 734 -4.64 53.68 16.18
N CYS C 735 -5.27 52.62 15.65
CA CYS C 735 -4.57 51.43 15.21
C CYS C 735 -4.93 51.11 13.77
N THR C 736 -4.91 52.13 12.89
CA THR C 736 -5.33 51.96 11.51
C THR C 736 -4.18 51.92 10.51
N SER C 737 -2.98 52.35 10.88
CA SER C 737 -1.85 52.46 9.95
C SER C 737 -0.71 51.49 10.27
N GLY C 738 -0.19 51.52 11.49
CA GLY C 738 1.07 50.87 11.81
C GLY C 738 1.02 49.43 12.27
N PHE C 739 0.79 48.50 11.35
CA PHE C 739 0.88 47.08 11.63
C PHE C 739 1.95 46.44 10.76
N THR C 740 2.77 45.59 11.38
CA THR C 740 3.91 44.97 10.71
C THR C 740 3.97 43.51 11.12
N VAL C 741 3.62 42.61 10.20
CA VAL C 741 3.66 41.18 10.42
C VAL C 741 4.96 40.63 9.83
N VAL C 742 5.71 39.87 10.64
CA VAL C 742 6.91 39.18 10.18
C VAL C 742 6.51 37.76 9.81
N VAL C 743 7.08 37.25 8.71
CA VAL C 743 6.67 35.97 8.13
C VAL C 743 7.90 35.09 7.94
N LYS C 744 7.79 33.81 8.33
CA LYS C 744 8.86 32.83 8.18
C LYS C 744 8.52 31.85 7.06
N GLU C 745 9.53 31.52 6.26
CA GLU C 745 9.41 30.62 5.12
C GLU C 745 9.91 29.23 5.48
N SER C 746 9.52 28.26 4.66
CA SER C 746 10.12 26.93 4.72
C SER C 746 9.79 26.16 3.45
N CYS C 747 10.82 25.72 2.74
CA CYS C 747 10.61 24.85 1.59
C CYS C 747 11.48 23.63 1.77
N ASP C 748 10.88 22.45 1.74
CA ASP C 748 11.60 21.21 2.01
C ASP C 748 11.14 20.12 1.06
N GLY C 749 12.06 19.20 0.75
CA GLY C 749 11.74 18.03 -0.04
C GLY C 749 11.38 16.84 0.83
N MET C 750 10.23 16.26 0.55
CA MET C 750 9.75 15.04 1.20
C MET C 750 9.54 14.01 0.11
N GLY C 751 10.24 12.91 0.20
CA GLY C 751 10.30 11.96 -0.89
C GLY C 751 9.51 10.68 -0.65
N ASP C 752 9.20 10.03 -1.77
CA ASP C 752 8.82 8.62 -1.83
C ASP C 752 7.61 8.33 -0.94
N VAL C 753 6.48 8.93 -1.32
CA VAL C 753 5.20 8.50 -0.77
C VAL C 753 5.03 7.01 -1.04
N SER C 754 4.95 6.21 0.02
CA SER C 754 4.93 4.76 -0.10
C SER C 754 3.51 4.30 -0.40
N GLU C 755 3.37 3.52 -1.47
CA GLU C 755 2.06 3.04 -1.88
C GLU C 755 2.26 1.67 -2.53
N LYS C 756 1.26 1.19 -3.24
CA LYS C 756 1.30 -0.13 -3.86
C LYS C 756 2.23 -0.14 -5.06
N PRO C 764 4.96 8.45 -8.90
CA PRO C 764 4.63 9.33 -7.78
C PRO C 764 5.45 9.03 -6.54
N GLU C 765 6.71 9.48 -6.49
CA GLU C 765 7.54 9.29 -5.31
C GLU C 765 7.88 10.61 -4.64
N LYS C 766 8.51 11.55 -5.36
CA LYS C 766 9.05 12.73 -4.70
C LYS C 766 7.97 13.81 -4.56
N ALA C 767 8.24 14.75 -3.67
CA ALA C 767 7.37 15.90 -3.48
C ALA C 767 8.15 17.01 -2.79
N VAL C 768 7.70 18.24 -2.99
CA VAL C 768 8.25 19.37 -2.27
C VAL C 768 7.07 20.13 -1.66
N ARG C 769 7.30 20.73 -0.50
CA ARG C 769 6.25 21.44 0.22
C ARG C 769 6.76 22.81 0.62
N PHE C 770 6.11 23.85 0.13
CA PHE C 770 6.44 25.23 0.46
C PHE C 770 5.38 25.75 1.42
N SER C 771 5.79 26.20 2.61
CA SER C 771 4.87 26.61 3.66
C SER C 771 5.45 27.76 4.46
N PHE C 772 4.57 28.63 4.95
CA PHE C 772 5.00 29.78 5.75
C PHE C 772 4.28 29.78 7.09
N THR C 773 4.73 30.65 7.97
CA THR C 773 4.10 30.79 9.28
C THR C 773 4.25 32.24 9.76
N ILE C 774 3.18 32.75 10.36
CA ILE C 774 3.15 34.12 10.86
C ILE C 774 3.92 34.13 12.17
N MET C 775 5.08 34.77 12.19
CA MET C 775 5.91 34.71 13.39
C MET C 775 5.41 35.68 14.44
N SER C 776 5.29 36.96 14.08
CA SER C 776 4.93 37.98 15.08
C SER C 776 4.29 39.17 14.39
N ILE C 777 3.36 39.81 15.10
CA ILE C 777 2.76 41.09 14.69
C ILE C 777 2.96 42.08 15.82
N SER C 778 3.51 43.26 15.49
CA SER C 778 3.81 44.34 16.44
C SER C 778 3.03 45.60 16.05
N ILE C 779 3.32 46.68 16.77
CA ILE C 779 2.63 47.95 16.53
C ILE C 779 3.65 49.00 16.14
N ARG C 780 3.15 50.06 15.51
CA ARG C 780 3.98 51.13 14.98
C ARG C 780 3.50 52.53 15.31
N LEU C 781 2.20 52.75 15.55
CA LEU C 781 1.70 54.11 15.74
C LEU C 781 2.13 54.68 17.10
N GLU C 782 2.78 55.85 17.07
CA GLU C 782 3.18 56.51 15.82
C GLU C 782 4.60 57.09 15.94
N GLY C 783 5.20 56.95 17.12
CA GLY C 783 6.51 57.50 17.40
C GLY C 783 7.66 56.61 17.00
N GLU C 784 8.59 56.36 17.92
CA GLU C 784 9.75 55.54 17.62
C GLU C 784 9.38 54.06 17.52
N ASP C 785 8.67 53.55 18.52
CA ASP C 785 8.16 52.17 18.59
C ASP C 785 9.15 51.16 18.02
N ASP C 786 10.39 51.21 18.53
CA ASP C 786 11.40 50.25 18.13
C ASP C 786 10.91 48.81 18.24
N GLY C 787 10.01 48.55 19.20
CA GLY C 787 9.31 47.29 19.26
C GLY C 787 8.22 47.24 20.31
N ILE C 788 6.99 46.96 19.89
CA ILE C 788 5.86 46.72 20.80
C ILE C 788 5.17 45.47 20.28
N THR C 789 5.54 44.30 20.81
CA THR C 789 4.99 43.04 20.33
C THR C 789 3.51 42.94 20.73
N ILE C 790 2.65 42.76 19.74
CA ILE C 790 1.22 42.56 19.98
C ILE C 790 0.90 41.08 20.09
N PHE C 791 1.44 40.28 19.18
CA PHE C 791 1.28 38.82 19.26
C PHE C 791 2.54 38.19 18.73
N GLN C 792 3.27 37.50 19.60
CA GLN C 792 4.45 36.74 19.23
C GLN C 792 4.11 35.27 19.42
N GLU C 793 4.18 34.50 18.33
CA GLU C 793 3.72 33.12 18.35
C GLU C 793 4.54 32.30 19.34
N GLN C 794 3.86 31.43 20.10
CA GLN C 794 4.47 30.71 21.22
C GLN C 794 5.17 29.42 20.79
N LYS C 795 4.58 28.64 19.89
CA LYS C 795 5.09 27.34 19.48
C LYS C 795 5.40 27.34 17.97
N PRO C 796 6.32 28.19 17.52
CA PRO C 796 6.51 28.38 16.08
C PRO C 796 7.10 27.19 15.36
N ASN C 797 7.36 26.09 16.05
CA ASN C 797 7.94 24.89 15.47
C ASN C 797 6.92 23.79 15.24
N SER C 798 6.19 23.38 16.27
CA SER C 798 5.20 22.34 16.10
C SER C 798 4.26 22.69 14.96
N GLU C 799 4.08 21.74 14.03
CA GLU C 799 3.45 22.01 12.74
C GLU C 799 2.07 22.64 12.83
N LEU C 800 1.44 22.63 13.99
CA LEU C 800 0.13 23.27 14.15
C LEU C 800 0.19 24.77 13.91
N SER C 801 1.39 25.31 13.66
CA SER C 801 1.56 26.63 13.05
C SER C 801 2.55 26.47 11.89
N CYS C 802 2.04 25.97 10.76
CA CYS C 802 2.81 25.85 9.53
C CYS C 802 1.79 25.69 8.40
N ARG C 803 1.53 26.77 7.66
CA ARG C 803 0.48 26.76 6.65
C ARG C 803 1.09 26.51 5.28
N PRO C 804 0.68 25.45 4.59
CA PRO C 804 1.23 25.15 3.28
C PRO C 804 0.57 25.99 2.21
N LEU C 805 1.34 26.27 1.18
CA LEU C 805 0.88 27.16 0.14
C LEU C 805 1.14 26.65 -1.27
N CYS C 806 2.10 25.77 -1.46
CA CYS C 806 2.33 25.18 -2.78
C CYS C 806 2.72 23.72 -2.62
N LEU C 807 2.39 22.91 -3.63
CA LEU C 807 2.75 21.51 -3.64
C LEU C 807 2.99 21.06 -5.07
N MET C 808 4.08 20.31 -5.28
CA MET C 808 4.47 19.87 -6.60
C MET C 808 5.03 18.45 -6.53
N PHE C 809 4.69 17.65 -7.54
CA PHE C 809 5.23 16.30 -7.70
C PHE C 809 6.55 16.34 -8.44
N VAL C 810 7.53 17.00 -7.82
CA VAL C 810 8.87 17.12 -8.36
C VAL C 810 9.85 16.68 -7.29
N ASP C 811 11.12 16.57 -7.66
CA ASP C 811 12.19 16.23 -6.74
C ASP C 811 12.98 17.49 -6.38
N GLU C 812 13.57 17.46 -5.19
CA GLU C 812 14.38 18.56 -4.70
C GLU C 812 15.58 18.84 -5.59
N SER C 813 16.06 17.83 -6.33
CA SER C 813 17.35 17.94 -7.01
C SER C 813 17.27 18.82 -8.25
N ASP C 814 16.42 18.44 -9.22
CA ASP C 814 16.50 19.04 -10.55
C ASP C 814 16.03 20.48 -10.52
N HIS C 815 17.01 21.39 -10.51
CA HIS C 815 16.79 22.81 -10.45
C HIS C 815 15.72 23.25 -11.45
N GLU C 816 15.64 22.53 -12.56
CA GLU C 816 14.77 22.92 -13.66
C GLU C 816 13.31 23.09 -13.26
N THR C 817 12.66 21.99 -12.92
CA THR C 817 11.22 22.06 -12.72
C THR C 817 10.90 22.83 -11.45
N LEU C 818 11.78 22.76 -10.47
CA LEU C 818 11.55 23.48 -9.22
C LEU C 818 11.49 24.97 -9.47
N THR C 819 12.48 25.53 -10.16
CA THR C 819 12.41 26.95 -10.54
C THR C 819 11.18 27.22 -11.38
N ALA C 820 10.96 26.37 -12.39
CA ALA C 820 9.88 26.60 -13.34
C ALA C 820 8.52 26.73 -12.68
N ILE C 821 8.31 26.01 -11.58
CA ILE C 821 7.04 26.17 -10.88
C ILE C 821 7.11 27.28 -9.83
N LEU C 822 8.20 27.35 -9.06
CA LEU C 822 8.27 28.26 -7.92
C LEU C 822 8.33 29.73 -8.32
N GLY C 823 8.73 30.02 -9.56
CA GLY C 823 8.85 31.39 -10.04
C GLY C 823 7.77 32.37 -9.62
N PRO C 824 6.52 32.07 -10.00
CA PRO C 824 5.41 32.93 -9.58
C PRO C 824 5.44 33.35 -8.11
N VAL C 825 5.77 32.42 -7.22
CA VAL C 825 5.79 32.75 -5.80
C VAL C 825 6.90 33.75 -5.52
N VAL C 826 8.03 33.62 -6.21
CA VAL C 826 9.12 34.58 -6.08
C VAL C 826 8.66 35.96 -6.55
N ALA C 827 7.91 35.99 -7.64
CA ALA C 827 7.39 37.27 -8.13
C ALA C 827 6.46 37.91 -7.11
N GLU C 828 5.64 37.10 -6.43
CA GLU C 828 4.75 37.64 -5.39
C GLU C 828 5.55 38.19 -4.22
N ARG C 829 6.56 37.44 -3.78
CA ARG C 829 7.48 37.91 -2.75
C ARG C 829 8.02 39.30 -3.10
N LYS C 830 8.65 39.41 -4.27
CA LYS C 830 9.29 40.66 -4.65
C LYS C 830 8.28 41.80 -4.82
N ALA C 831 7.06 41.49 -5.25
CA ALA C 831 6.06 42.53 -5.45
C ALA C 831 5.35 42.95 -4.18
N MET C 832 5.42 42.13 -3.13
CA MET C 832 4.63 42.39 -1.94
C MET C 832 5.32 43.28 -0.92
N MET C 833 6.65 43.21 -0.84
CA MET C 833 7.36 43.80 0.29
C MET C 833 7.21 45.31 0.38
N GLU C 834 6.87 45.96 -0.74
CA GLU C 834 6.79 47.42 -0.74
C GLU C 834 5.38 47.92 -0.48
N SER C 835 4.44 47.55 -1.34
CA SER C 835 3.08 48.06 -1.22
C SER C 835 2.46 47.60 0.09
N ARG C 836 1.35 48.23 0.46
CA ARG C 836 0.73 48.00 1.76
C ARG C 836 -0.71 47.53 1.57
N LEU C 837 -1.22 46.83 2.58
CA LEU C 837 -2.46 46.07 2.50
C LEU C 837 -3.54 46.72 3.34
N ILE C 838 -4.80 46.63 2.89
CA ILE C 838 -5.95 47.15 3.63
C ILE C 838 -6.93 46.01 3.84
N ILE C 839 -7.21 45.70 5.11
CA ILE C 839 -8.05 44.58 5.54
C ILE C 839 -9.09 45.08 6.52
N SER C 840 -10.34 44.64 6.33
CA SER C 840 -11.43 44.97 7.25
C SER C 840 -11.45 43.94 8.37
N VAL C 841 -10.92 44.32 9.53
CA VAL C 841 -10.90 43.46 10.71
C VAL C 841 -11.52 44.22 11.88
N GLY C 842 -12.35 43.53 12.65
CA GLY C 842 -13.06 44.14 13.76
C GLY C 842 -13.88 45.36 13.38
N GLY C 843 -14.44 45.37 12.18
CA GLY C 843 -15.18 46.51 11.67
C GLY C 843 -14.33 47.64 11.15
N LEU C 844 -13.04 47.67 11.46
CA LEU C 844 -12.15 48.75 11.07
C LEU C 844 -11.27 48.29 9.90
N LEU C 845 -11.21 49.11 8.87
CA LEU C 845 -10.28 48.88 7.78
C LEU C 845 -8.90 49.42 8.17
N ARG C 846 -7.90 48.54 8.19
CA ARG C 846 -6.58 48.88 8.70
C ARG C 846 -5.51 48.51 7.67
N SER C 847 -4.33 49.10 7.88
CA SER C 847 -3.17 48.97 7.00
C SER C 847 -2.21 47.90 7.51
N PHE C 848 -1.41 47.36 6.58
CA PHE C 848 -0.51 46.25 6.88
C PHE C 848 0.73 46.33 6.00
N ARG C 849 1.90 46.14 6.61
CA ARG C 849 3.17 46.00 5.93
C ARG C 849 3.77 44.65 6.28
N PHE C 850 4.89 44.31 5.63
CA PHE C 850 5.46 42.98 5.81
C PHE C 850 6.97 43.00 5.59
N PHE C 851 7.65 42.16 6.36
CA PHE C 851 9.02 41.74 6.10
C PHE C 851 8.99 40.25 5.76
N PHE C 852 10.17 39.69 5.51
CA PHE C 852 10.27 38.26 5.21
C PHE C 852 11.61 37.75 5.70
N ARG C 853 11.57 36.70 6.51
CA ARG C 853 12.77 36.05 7.01
C ARG C 853 12.78 34.63 6.46
N GLY C 854 13.55 34.42 5.40
CA GLY C 854 13.67 33.11 4.78
C GLY C 854 14.73 32.23 5.43
N THR C 855 14.29 31.22 6.19
CA THR C 855 15.17 30.34 6.96
C THR C 855 14.99 28.86 6.65
N GLY C 856 13.76 28.43 6.42
CA GLY C 856 13.43 27.01 6.38
C GLY C 856 13.92 26.33 5.13
N TYR C 857 15.24 26.15 5.04
CA TYR C 857 15.86 25.43 3.94
C TYR C 857 17.00 24.58 4.48
N ASP C 858 17.17 23.40 3.88
CA ASP C 858 18.35 22.58 4.16
C ASP C 858 19.59 23.22 3.53
N GLU C 859 20.74 22.97 4.15
CA GLU C 859 21.99 23.58 3.70
C GLU C 859 22.21 23.37 2.21
N LYS C 860 21.91 22.17 1.72
CA LYS C 860 21.94 21.93 0.27
C LYS C 860 21.07 22.94 -0.45
N MET C 861 19.80 23.05 -0.04
CA MET C 861 18.92 24.04 -0.65
C MET C 861 19.36 25.46 -0.35
N VAL C 862 19.91 25.72 0.83
CA VAL C 862 20.43 27.05 1.12
C VAL C 862 21.40 27.48 0.04
N ARG C 863 22.43 26.67 -0.22
CA ARG C 863 23.38 27.07 -1.27
C ARG C 863 22.80 26.93 -2.67
N GLU C 864 21.80 26.07 -2.88
CA GLU C 864 21.19 25.96 -4.20
C GLU C 864 20.40 27.21 -4.56
N MET C 865 19.56 27.69 -3.64
CA MET C 865 18.88 28.95 -3.87
C MET C 865 19.87 30.09 -3.89
N GLU C 866 20.94 29.98 -3.12
CA GLU C 866 22.02 30.95 -3.15
C GLU C 866 22.93 30.76 -4.36
N GLY C 867 22.69 29.73 -5.18
CA GLY C 867 23.47 29.51 -6.37
C GLY C 867 24.89 29.05 -6.16
N LEU C 868 25.39 29.11 -4.93
CA LEU C 868 26.76 28.70 -4.66
C LEU C 868 26.94 27.21 -4.92
N GLU C 869 28.20 26.79 -4.91
CA GLU C 869 28.55 25.42 -5.18
C GLU C 869 27.97 24.51 -4.09
N ALA C 870 28.00 23.21 -4.37
CA ALA C 870 27.47 22.24 -3.43
C ALA C 870 28.20 20.92 -3.66
N SER C 871 28.50 20.21 -2.56
CA SER C 871 28.22 20.72 -1.22
C SER C 871 29.49 20.71 -0.37
N GLY C 872 30.30 19.66 -0.52
CA GLY C 872 31.57 19.57 0.18
C GLY C 872 32.64 20.42 -0.46
N SER C 873 32.30 21.69 -0.71
CA SER C 873 33.19 22.62 -1.38
C SER C 873 34.19 23.17 -0.37
N THR C 874 34.87 24.23 -0.74
CA THR C 874 35.87 24.86 0.10
C THR C 874 35.45 26.20 0.67
N TYR C 875 34.32 26.75 0.20
CA TYR C 875 33.77 27.99 0.74
C TYR C 875 32.69 27.63 1.75
N ILE C 876 33.13 27.05 2.86
CA ILE C 876 32.25 26.37 3.80
C ILE C 876 31.22 27.33 4.39
N CYS C 877 31.63 28.55 4.73
CA CYS C 877 30.73 29.45 5.42
C CYS C 877 29.60 29.91 4.52
N THR C 878 28.59 30.47 5.16
CA THR C 878 27.49 31.07 4.46
C THR C 878 27.36 32.56 4.72
N LEU C 879 28.10 33.11 5.66
CA LEU C 879 28.13 34.54 5.87
C LEU C 879 29.52 35.16 5.76
N CYS C 880 30.53 34.52 6.31
CA CYS C 880 31.89 34.91 5.95
C CYS C 880 32.25 34.26 4.62
N ASP C 881 33.38 34.71 4.05
CA ASP C 881 33.81 34.22 2.75
C ASP C 881 35.18 33.55 2.79
N SER C 882 35.72 33.29 3.98
CA SER C 882 36.96 32.55 4.09
C SER C 882 36.77 31.10 3.64
N THR C 883 37.86 30.50 3.17
CA THR C 883 37.83 29.11 2.73
C THR C 883 38.02 28.17 3.92
N ARG C 884 38.28 26.90 3.65
CA ARG C 884 38.49 25.92 4.72
C ARG C 884 39.70 26.26 5.57
N ALA C 885 40.87 26.42 4.92
CA ALA C 885 42.12 26.52 5.65
C ALA C 885 42.24 27.84 6.41
N GLU C 886 41.95 28.97 5.76
CA GLU C 886 42.08 30.25 6.44
C GLU C 886 41.09 30.38 7.60
N ALA C 887 39.97 29.65 7.53
CA ALA C 887 39.09 29.53 8.68
C ALA C 887 39.69 28.59 9.73
N SER C 888 40.50 27.63 9.30
CA SER C 888 41.15 26.74 10.26
C SER C 888 42.25 27.43 11.05
N GLN C 889 42.91 28.43 10.46
CA GLN C 889 43.98 29.14 11.15
C GLN C 889 43.47 29.87 12.39
N ASN C 890 42.59 30.85 12.20
CA ASN C 890 41.90 31.52 13.29
C ASN C 890 40.42 31.21 13.17
N MET C 891 39.77 30.98 14.30
CA MET C 891 38.39 30.51 14.33
C MET C 891 37.38 31.59 14.68
N VAL C 892 37.62 32.36 15.72
CA VAL C 892 36.60 33.25 16.26
C VAL C 892 36.81 34.71 15.84
N LEU C 893 37.51 34.94 14.73
CA LEU C 893 37.73 36.29 14.22
C LEU C 893 37.25 36.35 12.77
N HIS C 894 35.94 36.59 12.61
CA HIS C 894 35.36 36.79 11.29
C HIS C 894 34.16 37.73 11.43
N SER C 895 33.89 38.47 10.36
CA SER C 895 32.79 39.41 10.30
C SER C 895 31.81 38.96 9.22
N ILE C 896 30.52 39.18 9.46
CA ILE C 896 29.48 38.72 8.56
C ILE C 896 29.42 39.62 7.33
N THR C 897 29.54 39.03 6.16
CA THR C 897 29.57 39.76 4.89
C THR C 897 28.44 39.36 3.95
N ARG C 898 28.15 38.06 3.83
CA ARG C 898 27.21 37.59 2.80
C ARG C 898 25.82 38.21 2.93
N SER C 899 25.26 38.61 1.79
CA SER C 899 23.85 38.97 1.65
C SER C 899 23.48 38.83 0.18
N HIS C 900 22.21 38.54 -0.07
CA HIS C 900 21.76 38.14 -1.41
C HIS C 900 22.25 39.09 -2.49
N ASP C 901 22.16 40.40 -2.22
CA ASP C 901 22.43 41.39 -3.26
C ASP C 901 23.87 41.32 -3.75
N GLU C 902 24.83 41.31 -2.82
CA GLU C 902 26.23 41.27 -3.25
C GLU C 902 26.63 39.93 -3.83
N ASN C 903 25.91 38.85 -3.51
CA ASN C 903 26.12 37.59 -4.20
C ASN C 903 25.66 37.69 -5.65
N LEU C 904 24.51 38.34 -5.87
CA LEU C 904 24.11 38.69 -7.23
C LEU C 904 25.20 39.50 -7.93
N GLU C 905 25.77 40.47 -7.22
CA GLU C 905 26.82 41.32 -7.77
C GLU C 905 28.04 40.48 -8.18
N ARG C 906 28.49 39.59 -7.30
CA ARG C 906 29.65 38.75 -7.58
C ARG C 906 29.38 37.83 -8.77
N TYR C 907 28.15 37.30 -8.88
CA TYR C 907 27.82 36.49 -10.04
C TYR C 907 27.91 37.31 -11.32
N GLU C 908 27.45 38.56 -11.28
CA GLU C 908 27.57 39.41 -12.46
C GLU C 908 29.04 39.59 -12.85
N ILE C 909 29.90 39.85 -11.85
CA ILE C 909 31.34 39.95 -12.11
C ILE C 909 31.86 38.67 -12.75
N TRP C 910 31.38 37.51 -12.26
CA TRP C 910 31.73 36.24 -12.89
C TRP C 910 31.32 36.21 -14.35
N ARG C 911 30.05 36.50 -14.63
CA ARG C 911 29.51 36.38 -15.98
C ARG C 911 30.28 37.25 -16.96
N LYS C 912 30.44 38.53 -16.66
CA LYS C 912 31.18 39.40 -17.57
C LYS C 912 32.66 39.06 -17.59
N ASN C 913 33.22 38.68 -16.44
CA ASN C 913 34.63 38.32 -16.31
C ASN C 913 35.52 39.42 -16.89
N PRO C 914 35.49 40.63 -16.30
CA PRO C 914 36.10 41.78 -16.97
C PRO C 914 37.63 41.82 -16.89
N PHE C 915 38.25 40.72 -16.44
CA PHE C 915 39.70 40.74 -16.27
C PHE C 915 40.38 39.49 -16.84
N SER C 916 39.68 38.69 -17.66
CA SER C 916 40.27 37.58 -18.40
C SER C 916 41.14 36.68 -17.51
N GLU C 917 40.67 36.46 -16.29
CA GLU C 917 41.43 35.70 -15.32
C GLU C 917 41.33 34.21 -15.62
N SER C 918 42.06 33.40 -14.86
CA SER C 918 41.98 31.96 -15.01
C SER C 918 40.67 31.46 -14.44
N ALA C 919 40.44 30.15 -14.61
CA ALA C 919 39.28 29.52 -14.01
C ALA C 919 39.33 29.63 -12.48
N ASP C 920 40.37 29.05 -11.87
CA ASP C 920 40.45 29.04 -10.41
C ASP C 920 40.75 30.42 -9.85
N GLU C 921 41.52 31.24 -10.57
CA GLU C 921 41.85 32.57 -10.06
C GLU C 921 40.59 33.42 -9.89
N LEU C 922 39.71 33.41 -10.89
CA LEU C 922 38.43 34.12 -10.75
C LEU C 922 37.53 33.42 -9.75
N ARG C 923 37.45 32.09 -9.82
CA ARG C 923 36.69 31.32 -8.84
C ARG C 923 37.02 31.74 -7.41
N ASP C 924 38.28 32.07 -7.15
CA ASP C 924 38.70 32.48 -5.82
C ASP C 924 38.43 33.97 -5.58
N ARG C 925 38.78 34.82 -6.56
CA ARG C 925 38.63 36.26 -6.38
C ARG C 925 37.18 36.65 -6.15
N VAL C 926 36.24 35.94 -6.79
CA VAL C 926 34.82 36.25 -6.71
C VAL C 926 34.11 35.43 -5.64
N LYS C 927 34.83 34.59 -4.90
CA LYS C 927 34.29 33.80 -3.79
C LYS C 927 33.23 32.80 -4.25
N GLY C 928 33.65 31.94 -5.17
CA GLY C 928 32.89 30.75 -5.54
C GLY C 928 31.47 30.99 -6.02
N VAL C 929 31.13 32.20 -6.44
CA VAL C 929 29.80 32.45 -6.98
C VAL C 929 29.76 32.02 -8.44
N SER C 930 28.92 31.03 -8.76
CA SER C 930 28.88 30.42 -10.09
C SER C 930 27.50 30.32 -10.72
N ALA C 931 26.44 30.62 -9.99
CA ALA C 931 25.09 30.50 -10.52
C ALA C 931 24.23 31.61 -9.97
N LYS C 932 23.40 32.19 -10.83
CA LYS C 932 22.60 33.35 -10.45
C LYS C 932 21.55 32.96 -9.43
N PRO C 933 21.68 33.39 -8.19
CA PRO C 933 20.68 33.03 -7.18
C PRO C 933 19.38 33.72 -7.49
N PHE C 934 18.29 33.14 -6.99
CA PHE C 934 16.98 33.66 -7.38
C PHE C 934 15.97 33.75 -6.24
N MET C 935 16.39 33.56 -4.99
CA MET C 935 15.49 33.84 -3.85
C MET C 935 16.31 34.36 -2.68
N GLU C 936 16.08 35.62 -2.33
CA GLU C 936 16.73 36.24 -1.18
C GLU C 936 16.31 35.52 0.09
N THR C 937 17.25 34.83 0.72
CA THR C 937 17.02 34.16 2.00
C THR C 937 18.11 34.59 2.97
N GLN C 938 17.69 35.11 4.13
CA GLN C 938 18.67 35.44 5.17
C GLN C 938 19.29 34.14 5.66
N PRO C 939 20.54 33.87 5.31
CA PRO C 939 21.12 32.54 5.53
C PRO C 939 21.47 32.36 7.00
N THR C 940 20.46 32.01 7.79
CA THR C 940 20.66 31.82 9.21
C THR C 940 20.94 30.36 9.51
N LEU C 941 21.64 30.12 10.63
CA LEU C 941 22.00 28.77 11.05
C LEU C 941 20.76 27.92 11.29
N ASP C 942 20.84 26.66 10.88
CA ASP C 942 19.80 25.69 11.21
C ASP C 942 20.06 25.17 12.62
N ALA C 943 19.26 25.63 13.57
CA ALA C 943 19.43 25.22 14.96
C ALA C 943 19.25 23.72 15.16
N LEU C 944 18.64 23.03 14.20
CA LEU C 944 18.26 21.62 14.41
C LEU C 944 19.47 20.74 14.69
N HIS C 945 20.36 20.59 13.72
CA HIS C 945 21.44 19.64 13.95
C HIS C 945 22.43 20.26 14.91
N CYS C 946 23.18 21.25 14.43
CA CYS C 946 23.94 22.20 15.24
C CYS C 946 24.87 21.52 16.23
N ASP C 947 24.79 20.19 16.32
CA ASP C 947 25.46 19.36 17.30
C ASP C 947 26.08 18.10 16.72
N ILE C 948 25.55 17.56 15.63
CA ILE C 948 25.99 16.26 15.16
C ILE C 948 27.45 16.34 14.72
N GLY C 949 27.81 17.40 14.01
CA GLY C 949 29.22 17.64 13.73
C GLY C 949 30.03 17.79 15.00
N ASN C 950 29.52 18.53 15.98
CA ASN C 950 30.19 18.70 17.25
C ASN C 950 30.27 17.37 18.03
N ALA C 951 29.22 16.56 17.95
CA ALA C 951 29.20 15.27 18.65
C ALA C 951 30.27 14.33 18.09
N THR C 952 30.26 14.12 16.77
CA THR C 952 31.30 13.29 16.17
C THR C 952 32.67 13.92 16.30
N GLU C 953 32.74 15.23 16.50
CA GLU C 953 34.02 15.87 16.73
C GLU C 953 34.58 15.50 18.10
N PHE C 954 33.74 15.53 19.13
CA PHE C 954 34.17 15.03 20.45
C PHE C 954 34.49 13.54 20.39
N TYR C 955 33.75 12.79 19.58
CA TYR C 955 34.05 11.37 19.33
C TYR C 955 35.47 11.21 18.82
N LYS C 956 35.85 12.02 17.82
CA LYS C 956 37.21 11.97 17.27
C LYS C 956 38.25 12.44 18.29
N ILE C 957 37.91 13.47 19.08
CA ILE C 957 38.80 13.92 20.16
C ILE C 957 39.13 12.76 21.08
N PHE C 958 38.11 12.02 21.51
CA PHE C 958 38.35 10.91 22.44
C PHE C 958 39.07 9.74 21.75
N GLN C 959 38.78 9.51 20.47
CA GLN C 959 39.46 8.46 19.73
C GLN C 959 40.94 8.75 19.55
N ASP C 960 41.32 10.03 19.48
CA ASP C 960 42.72 10.42 19.44
C ASP C 960 43.29 10.69 20.82
N GLU C 961 42.45 10.66 21.85
CA GLU C 961 42.95 10.75 23.23
C GLU C 961 43.27 9.38 23.81
N ILE C 962 42.54 8.33 23.42
CA ILE C 962 42.91 6.98 23.86
C ILE C 962 44.29 6.63 23.32
N GLY C 963 44.47 6.74 22.01
CA GLY C 963 45.79 6.59 21.42
C GLY C 963 46.58 7.87 21.53
N GLU C 964 47.73 7.83 22.20
CA GLU C 964 48.52 9.03 22.44
C GLU C 964 49.01 9.55 21.09
N VAL C 965 48.42 10.66 20.64
CA VAL C 965 48.52 11.04 19.24
C VAL C 965 49.81 11.81 18.94
N TYR C 966 50.11 12.84 19.72
CA TYR C 966 51.22 13.71 19.35
C TYR C 966 52.58 13.04 19.44
N GLN C 967 52.67 11.86 20.07
CA GLN C 967 53.88 11.05 20.00
C GLN C 967 53.88 10.09 18.83
N LYS C 968 52.71 9.74 18.31
CA LYS C 968 52.57 8.83 17.17
C LYS C 968 51.58 9.46 16.20
N PRO C 969 52.06 10.21 15.21
CA PRO C 969 51.15 11.02 14.37
C PRO C 969 50.34 10.23 13.36
N ASN C 970 50.40 8.90 13.35
CA ASN C 970 49.67 8.11 12.37
C ASN C 970 49.16 6.82 13.00
N PRO C 971 47.95 6.82 13.53
CA PRO C 971 47.31 5.54 13.90
C PRO C 971 47.08 4.69 12.67
N SER C 972 47.03 3.38 12.88
CA SER C 972 46.93 2.43 11.79
C SER C 972 45.46 2.13 11.48
N ARG C 973 45.24 1.12 10.63
CA ARG C 973 43.89 0.82 10.16
C ARG C 973 42.98 0.40 11.30
N GLU C 974 43.44 -0.51 12.17
CA GLU C 974 42.62 -1.03 13.24
C GLU C 974 42.91 -0.41 14.60
N GLU C 975 44.09 0.18 14.78
CA GLU C 975 44.38 0.87 16.03
C GLU C 975 43.32 1.92 16.33
N ARG C 976 42.92 2.68 15.31
CA ARG C 976 41.82 3.64 15.49
C ARG C 976 40.54 2.93 15.88
N ARG C 977 40.21 1.84 15.18
CA ARG C 977 38.99 1.09 15.48
C ARG C 977 39.06 0.39 16.83
N ARG C 978 40.25 -0.10 17.21
CA ARG C 978 40.42 -0.72 18.52
C ARG C 978 40.27 0.32 19.64
N TRP C 979 40.79 1.53 19.41
CA TRP C 979 40.61 2.60 20.40
C TRP C 979 39.14 2.99 20.52
N ARG C 980 38.43 3.09 19.40
CA ARG C 980 36.99 3.34 19.48
C ARG C 980 36.27 2.20 20.20
N SER C 981 36.74 0.97 20.02
CA SER C 981 36.09 -0.17 20.70
C SER C 981 36.29 -0.11 22.21
N THR C 982 37.52 0.17 22.67
CA THR C 982 37.75 0.24 24.11
C THR C 982 37.06 1.46 24.73
N LEU C 983 37.02 2.57 23.99
CA LEU C 983 36.23 3.72 24.43
C LEU C 983 34.75 3.37 24.52
N ASP C 984 34.24 2.59 23.58
CA ASP C 984 32.83 2.24 23.54
C ASP C 984 32.46 1.36 24.72
N LYS C 985 33.26 0.32 24.99
CA LYS C 985 33.00 -0.49 26.18
C LYS C 985 33.30 0.27 27.47
N GLN C 986 34.13 1.30 27.43
CA GLN C 986 34.34 2.16 28.58
C GLN C 986 33.06 2.91 28.94
N LEU C 987 32.50 3.64 27.97
CA LEU C 987 31.26 4.35 28.20
C LEU C 987 30.08 3.42 28.36
N ARG C 988 30.22 2.16 27.91
CA ARG C 988 29.27 1.12 28.27
C ARG C 988 29.43 0.72 29.73
N LYS C 989 30.64 0.81 30.28
CA LYS C 989 30.86 0.47 31.68
C LYS C 989 30.27 1.54 32.61
N LYS C 990 30.54 2.81 32.34
CA LYS C 990 30.05 3.84 33.27
C LYS C 990 28.69 4.40 32.87
N MET C 991 28.59 5.02 31.70
CA MET C 991 27.34 5.66 31.29
C MET C 991 26.41 4.74 30.53
N LYS C 992 26.86 3.55 30.16
CA LYS C 992 26.02 2.50 29.57
C LYS C 992 25.31 2.98 28.31
N LEU C 993 26.10 3.28 27.29
CA LEU C 993 25.60 3.65 25.97
C LEU C 993 26.15 2.66 24.95
N LYS C 994 25.24 1.89 24.35
CA LYS C 994 25.55 0.92 23.31
C LYS C 994 26.32 1.57 22.17
N PRO C 995 27.13 0.81 21.44
CA PRO C 995 27.83 1.38 20.27
C PRO C 995 26.85 1.91 19.24
N VAL C 996 27.06 3.16 18.83
CA VAL C 996 26.17 3.81 17.88
C VAL C 996 26.93 4.06 16.58
N MET C 997 26.17 4.15 15.49
CA MET C 997 26.73 4.43 14.18
C MET C 997 26.80 5.93 13.91
N ARG C 998 25.65 6.61 13.96
CA ARG C 998 25.56 8.02 13.62
C ARG C 998 24.97 8.80 14.78
N MET C 999 25.57 9.96 15.06
CA MET C 999 25.29 10.73 16.28
C MET C 999 23.96 11.48 16.08
N ASN C 1000 22.87 10.75 16.22
CA ASN C 1000 21.55 11.36 16.24
C ASN C 1000 21.35 12.13 17.54
N GLY C 1001 20.13 12.65 17.73
CA GLY C 1001 19.88 13.52 18.87
C GLY C 1001 20.18 12.87 20.21
N ASN C 1002 19.68 11.65 20.42
CA ASN C 1002 19.73 11.02 21.75
C ASN C 1002 21.16 10.82 22.23
N TYR C 1003 21.95 10.06 21.47
CA TYR C 1003 23.31 9.77 21.87
C TYR C 1003 24.14 11.04 21.96
N ALA C 1004 23.94 11.96 21.02
CA ALA C 1004 24.70 13.21 21.06
C ALA C 1004 24.40 13.99 22.33
N ARG C 1005 23.12 14.09 22.71
CA ARG C 1005 22.76 14.80 23.94
C ARG C 1005 23.37 14.14 25.15
N ARG C 1006 23.15 12.83 25.31
CA ARG C 1006 23.62 12.16 26.53
C ARG C 1006 25.15 12.17 26.61
N LEU C 1007 25.84 12.14 25.47
CA LEU C 1007 27.30 12.14 25.50
C LEU C 1007 27.88 13.50 25.85
N MET C 1008 27.18 14.57 25.51
CA MET C 1008 27.64 15.93 25.78
C MET C 1008 27.51 16.22 27.26
N THR C 1009 28.33 15.57 28.08
CA THR C 1009 28.18 15.61 29.52
C THR C 1009 29.56 15.58 30.16
N ARG C 1010 29.67 16.28 31.29
CA ARG C 1010 30.90 16.24 32.07
C ARG C 1010 31.22 14.84 32.57
N GLU C 1011 30.22 13.98 32.68
CA GLU C 1011 30.40 12.69 33.34
C GLU C 1011 31.09 11.67 32.42
N ALA C 1012 30.57 11.47 31.21
CA ALA C 1012 31.30 10.67 30.24
C ALA C 1012 32.64 11.31 29.89
N VAL C 1013 32.77 12.62 30.09
CA VAL C 1013 34.05 13.29 29.89
C VAL C 1013 35.07 12.84 30.93
N GLU C 1014 34.68 12.80 32.21
CA GLU C 1014 35.57 12.26 33.24
C GLU C 1014 35.79 10.76 33.05
N ALA C 1015 34.81 10.09 32.44
CA ALA C 1015 34.99 8.68 32.08
C ALA C 1015 36.12 8.52 31.07
N VAL C 1016 36.16 9.36 30.04
CA VAL C 1016 37.25 9.29 29.07
C VAL C 1016 38.55 9.81 29.69
N CYS C 1017 38.45 10.69 30.70
CA CYS C 1017 39.62 11.05 31.49
C CYS C 1017 40.24 9.82 32.12
N GLU C 1018 39.41 8.98 32.74
CA GLU C 1018 39.88 7.73 33.34
C GLU C 1018 40.76 6.94 32.38
N LEU C 1019 40.27 6.71 31.15
CA LEU C 1019 40.99 5.86 30.20
C LEU C 1019 42.23 6.55 29.63
N VAL C 1020 42.22 7.86 29.47
CA VAL C 1020 43.37 8.54 28.85
C VAL C 1020 44.58 8.43 29.79
N PRO C 1021 45.79 8.12 29.27
CA PRO C 1021 46.93 7.86 30.16
C PRO C 1021 47.42 9.09 30.92
N SER C 1022 47.58 10.23 30.24
CA SER C 1022 47.98 11.45 30.93
C SER C 1022 46.82 12.01 31.74
N GLU C 1023 47.16 12.81 32.75
CA GLU C 1023 46.17 13.39 33.64
C GLU C 1023 46.04 14.90 33.50
N GLU C 1024 46.82 15.51 32.60
CA GLU C 1024 46.60 16.90 32.27
C GLU C 1024 45.69 17.08 31.07
N ARG C 1025 45.68 16.12 30.14
CA ARG C 1025 44.66 16.10 29.09
C ARG C 1025 43.26 16.02 29.69
N ARG C 1026 43.12 15.26 30.79
CA ARG C 1026 41.86 15.20 31.52
C ARG C 1026 41.33 16.60 31.83
N GLU C 1027 42.16 17.43 32.46
CA GLU C 1027 41.72 18.76 32.84
C GLU C 1027 41.39 19.62 31.62
N ALA C 1028 42.19 19.48 30.56
CA ALA C 1028 41.97 20.30 29.36
C ALA C 1028 40.62 20.00 28.72
N LEU C 1029 40.34 18.72 28.45
CA LEU C 1029 39.05 18.36 27.87
C LEU C 1029 37.90 18.56 28.85
N LEU C 1030 38.18 18.53 30.16
CA LEU C 1030 37.18 18.93 31.14
C LEU C 1030 36.76 20.38 30.92
N LYS C 1031 37.75 21.29 30.90
CA LYS C 1031 37.48 22.68 30.58
C LYS C 1031 36.77 22.82 29.24
N LEU C 1032 37.16 22.01 28.27
CA LEU C 1032 36.56 22.02 26.93
C LEU C 1032 35.06 21.78 26.98
N MET C 1033 34.66 20.60 27.49
CA MET C 1033 33.25 20.25 27.53
C MET C 1033 32.48 21.16 28.49
N ASP C 1034 33.15 21.68 29.53
CA ASP C 1034 32.49 22.59 30.46
C ASP C 1034 32.12 23.90 29.76
N LEU C 1035 33.07 24.52 29.06
CA LEU C 1035 32.76 25.71 28.30
C LEU C 1035 31.78 25.42 27.17
N TYR C 1036 31.80 24.20 26.64
CA TYR C 1036 30.85 23.85 25.59
C TYR C 1036 29.42 23.79 26.13
N LEU C 1037 29.24 23.24 27.33
CA LEU C 1037 27.93 23.27 27.97
C LEU C 1037 27.57 24.68 28.41
N GLN C 1038 28.57 25.51 28.71
CA GLN C 1038 28.32 26.92 28.97
C GLN C 1038 27.77 27.62 27.74
N MET C 1039 28.20 27.19 26.56
CA MET C 1039 27.90 27.90 25.32
C MET C 1039 26.70 27.34 24.56
N LYS C 1040 26.40 26.04 24.69
CA LYS C 1040 25.37 25.45 23.83
C LYS C 1040 23.98 25.98 24.13
N PRO C 1041 23.45 25.86 25.36
CA PRO C 1041 22.09 26.35 25.61
C PRO C 1041 21.93 27.84 25.36
N VAL C 1042 23.02 28.56 25.14
CA VAL C 1042 22.91 29.98 24.80
C VAL C 1042 22.14 30.14 23.48
N TRP C 1043 22.35 29.22 22.53
CA TRP C 1043 21.71 29.34 21.22
C TRP C 1043 20.42 28.53 21.08
N ARG C 1044 20.33 27.36 21.71
CA ARG C 1044 19.07 26.62 21.67
C ARG C 1044 18.00 27.26 22.55
N SER C 1045 18.35 28.28 23.33
CA SER C 1045 17.38 29.02 24.12
C SER C 1045 16.25 29.50 23.22
N THR C 1046 15.01 29.23 23.66
CA THR C 1046 13.85 29.67 22.89
C THR C 1046 13.81 31.18 22.73
N CYS C 1047 14.32 31.91 23.72
CA CYS C 1047 14.54 33.34 23.61
C CYS C 1047 15.63 33.76 24.60
N PRO C 1048 16.90 33.84 24.17
CA PRO C 1048 17.96 34.26 25.11
C PRO C 1048 17.77 35.65 25.65
N SER C 1049 17.06 36.53 24.93
CA SER C 1049 16.63 37.82 25.46
C SER C 1049 15.61 37.68 26.58
N ARG C 1050 15.02 36.49 26.74
CA ARG C 1050 14.04 36.20 27.80
C ARG C 1050 14.48 35.07 28.72
N ASP C 1051 15.00 33.97 28.17
CA ASP C 1051 15.27 32.78 29.00
C ASP C 1051 16.56 32.92 29.80
N CYS C 1052 17.70 33.03 29.14
CA CYS C 1052 19.01 33.00 29.79
C CYS C 1052 19.93 34.08 29.21
N PRO C 1053 19.76 35.34 29.62
CA PRO C 1053 20.71 36.38 29.20
C PRO C 1053 22.06 36.28 29.89
N ASP C 1054 22.20 35.38 30.87
CA ASP C 1054 23.42 35.27 31.66
C ASP C 1054 24.63 34.91 30.83
N GLN C 1055 24.63 33.72 30.21
CA GLN C 1055 25.74 33.29 29.39
C GLN C 1055 25.81 34.02 28.05
N LEU C 1056 24.76 34.76 27.69
CA LEU C 1056 24.84 35.63 26.52
C LEU C 1056 25.90 36.71 26.72
N CYS C 1057 25.87 37.38 27.87
CA CYS C 1057 26.92 38.35 28.21
C CYS C 1057 28.28 37.71 28.38
N GLN C 1058 28.36 36.38 28.44
CA GLN C 1058 29.61 35.66 28.59
C GLN C 1058 30.05 34.91 27.34
N TYR C 1059 29.18 34.79 26.32
CA TYR C 1059 29.42 33.84 25.24
C TYR C 1059 30.62 34.23 24.39
N SER C 1060 30.80 35.53 24.11
CA SER C 1060 31.89 35.95 23.24
C SER C 1060 33.24 35.49 23.81
N TYR C 1061 33.55 35.93 25.03
CA TYR C 1061 34.79 35.52 25.69
C TYR C 1061 34.84 34.01 25.92
N ASN C 1062 33.68 33.37 26.12
CA ASN C 1062 33.64 31.92 26.34
C ASN C 1062 34.12 31.17 25.11
N SER C 1063 33.49 31.42 23.96
CA SER C 1063 33.93 30.82 22.71
C SER C 1063 35.33 31.26 22.35
N GLN C 1064 35.74 32.45 22.79
CA GLN C 1064 37.11 32.87 22.59
C GLN C 1064 38.09 31.90 23.25
N GLN C 1065 37.95 31.72 24.57
CA GLN C 1065 38.74 30.72 25.28
C GLN C 1065 38.58 29.33 24.69
N PHE C 1066 37.39 29.03 24.15
CA PHE C 1066 37.16 27.74 23.51
C PHE C 1066 38.12 27.53 22.35
N ALA C 1067 38.12 28.46 21.41
CA ALA C 1067 39.03 28.38 20.27
C ALA C 1067 40.48 28.43 20.72
N ASP C 1068 40.79 29.20 21.77
CA ASP C 1068 42.15 29.22 22.29
C ASP C 1068 42.61 27.84 22.76
N LEU C 1069 41.73 27.11 23.44
CA LEU C 1069 42.06 25.77 23.88
C LEU C 1069 42.20 24.81 22.69
N LEU C 1070 41.25 24.90 21.75
CA LEU C 1070 41.34 24.06 20.56
C LEU C 1070 42.67 24.25 19.84
N SER C 1071 43.16 25.50 19.78
CA SER C 1071 44.46 25.76 19.18
C SER C 1071 45.63 25.43 20.09
N SER C 1072 45.44 25.45 21.41
CA SER C 1072 46.53 25.19 22.33
C SER C 1072 46.84 23.71 22.44
N MET C 1073 45.81 22.88 22.58
CA MET C 1073 46.01 21.44 22.78
C MET C 1073 45.75 20.62 21.52
N PHE C 1074 44.61 20.83 20.88
CA PHE C 1074 44.17 20.00 19.77
C PHE C 1074 44.64 20.52 18.42
N LYS C 1075 45.65 21.38 18.39
CA LYS C 1075 46.16 21.84 17.10
C LYS C 1075 46.90 20.74 16.35
N TYR C 1076 47.06 19.56 16.96
CA TYR C 1076 47.58 18.40 16.23
C TYR C 1076 46.72 18.08 15.01
N ARG C 1077 45.44 18.38 15.06
CA ARG C 1077 44.46 17.95 14.06
C ARG C 1077 43.89 19.08 13.21
N TYR C 1078 43.69 20.26 13.79
CA TYR C 1078 43.01 21.36 13.11
C TYR C 1078 43.99 22.37 12.52
N ASP C 1079 45.14 21.89 12.06
CA ASP C 1079 46.06 22.75 11.33
C ASP C 1079 45.40 23.37 10.11
N GLY C 1080 44.64 22.57 9.34
CA GLY C 1080 44.02 23.07 8.12
C GLY C 1080 42.60 22.63 7.84
N LYS C 1081 42.03 21.76 8.68
CA LYS C 1081 40.69 21.25 8.47
C LYS C 1081 39.75 21.71 9.58
N ILE C 1082 38.52 22.05 9.21
CA ILE C 1082 37.44 22.35 10.15
C ILE C 1082 36.14 21.75 9.61
N THR C 1083 35.36 21.11 10.50
CA THR C 1083 34.00 20.71 10.16
C THR C 1083 33.12 21.95 10.04
N ASN C 1084 32.21 21.90 9.07
CA ASN C 1084 31.44 23.08 8.69
C ASN C 1084 30.79 23.74 9.90
N TYR C 1085 29.99 22.97 10.64
CA TYR C 1085 29.22 23.50 11.76
C TYR C 1085 30.06 24.32 12.70
N LEU C 1086 31.31 23.91 12.91
CA LEU C 1086 32.16 24.56 13.88
C LEU C 1086 32.38 26.03 13.55
N HIS C 1087 32.63 26.33 12.27
CA HIS C 1087 32.92 27.70 11.91
C HIS C 1087 31.76 28.62 12.25
N LYS C 1088 30.55 28.26 11.84
CA LYS C 1088 29.40 29.13 12.08
C LYS C 1088 29.05 29.19 13.56
N THR C 1089 29.27 28.09 14.31
CA THR C 1089 28.96 28.11 15.72
C THR C 1089 29.99 28.89 16.54
N LEU C 1090 31.19 29.08 16.00
CA LEU C 1090 32.22 29.84 16.70
C LEU C 1090 32.30 31.30 16.30
N ALA C 1091 31.98 31.64 15.05
CA ALA C 1091 32.18 33.00 14.56
C ALA C 1091 30.93 33.87 14.66
N HIS C 1092 29.82 33.43 14.06
CA HIS C 1092 28.70 34.31 13.79
C HIS C 1092 27.59 34.26 14.84
N VAL C 1093 27.68 33.39 15.83
CA VAL C 1093 26.59 33.17 16.77
C VAL C 1093 26.12 34.48 17.41
N PRO C 1094 26.99 35.29 18.05
CA PRO C 1094 26.45 36.48 18.74
C PRO C 1094 25.81 37.49 17.81
N GLU C 1095 26.45 37.77 16.68
CA GLU C 1095 25.84 38.66 15.70
C GLU C 1095 24.53 38.08 15.19
N ILE C 1096 24.47 36.76 15.00
CA ILE C 1096 23.23 36.13 14.55
C ILE C 1096 22.09 36.41 15.52
N VAL C 1097 22.34 36.18 16.81
CA VAL C 1097 21.30 36.42 17.79
C VAL C 1097 20.97 37.90 17.91
N GLU C 1098 21.93 38.78 17.61
CA GLU C 1098 21.63 40.21 17.60
C GLU C 1098 20.69 40.56 16.45
N ARG C 1099 20.94 39.99 15.25
CA ARG C 1099 20.18 40.38 14.06
C ARG C 1099 18.71 40.04 14.18
N ASP C 1100 18.39 38.94 14.85
CA ASP C 1100 17.02 38.49 15.01
C ASP C 1100 16.55 38.56 16.46
N GLY C 1101 17.24 37.88 17.37
CA GLY C 1101 16.81 37.76 18.76
C GLY C 1101 16.65 36.34 19.27
N SER C 1102 16.88 35.31 18.44
CA SER C 1102 16.85 33.91 18.86
C SER C 1102 17.46 33.08 17.73
N ILE C 1103 17.61 31.78 17.97
CA ILE C 1103 18.03 30.82 16.95
C ILE C 1103 16.98 29.74 16.73
N GLY C 1104 16.38 29.23 17.81
CA GLY C 1104 15.27 28.31 17.67
C GLY C 1104 14.03 28.94 17.07
N ALA C 1105 13.94 30.27 17.07
CA ALA C 1105 12.73 30.95 16.58
C ALA C 1105 12.50 30.81 15.07
N TRP C 1106 13.35 30.08 14.34
CA TRP C 1106 13.13 29.86 12.92
C TRP C 1106 13.48 28.44 12.51
N ALA C 1107 13.56 27.52 13.46
CA ALA C 1107 13.97 26.15 13.18
C ALA C 1107 13.16 25.58 12.03
N SER C 1108 13.87 25.11 11.00
CA SER C 1108 13.22 24.47 9.87
C SER C 1108 12.57 23.15 10.27
N GLU C 1109 13.14 22.46 11.27
CA GLU C 1109 12.59 21.19 11.75
C GLU C 1109 11.10 21.29 12.01
N GLY C 1110 10.62 22.47 12.39
CA GLY C 1110 9.20 22.72 12.51
C GLY C 1110 8.40 22.14 11.36
N ASN C 1111 8.67 22.60 10.14
CA ASN C 1111 7.95 22.09 8.97
C ASN C 1111 8.17 20.59 8.79
N GLU C 1112 9.34 20.08 9.19
CA GLU C 1112 9.61 18.65 9.11
C GLU C 1112 8.55 17.85 9.86
N SER C 1113 8.09 18.38 11.01
CA SER C 1113 7.04 17.73 11.76
C SER C 1113 5.84 17.41 10.87
N GLY C 1114 5.47 18.35 10.00
CA GLY C 1114 4.28 18.19 9.18
C GLY C 1114 4.38 17.14 8.09
N ASN C 1115 5.59 16.65 7.80
CA ASN C 1115 5.75 15.73 6.67
C ASN C 1115 4.86 14.50 6.83
N LYS C 1116 4.96 13.82 7.98
CA LYS C 1116 4.11 12.66 8.22
C LYS C 1116 2.66 13.00 7.92
N LEU C 1117 2.22 14.19 8.38
CA LEU C 1117 0.87 14.69 8.09
C LEU C 1117 0.48 14.41 6.65
N PHE C 1118 1.29 14.94 5.74
CA PHE C 1118 1.06 14.78 4.31
C PHE C 1118 0.67 13.36 3.95
N ARG C 1119 1.56 12.40 4.23
CA ARG C 1119 1.31 11.06 3.73
C ARG C 1119 0.08 10.47 4.36
N ARG C 1120 -0.20 10.82 5.62
CA ARG C 1120 -1.41 10.29 6.24
C ARG C 1120 -2.64 10.77 5.49
N PHE C 1121 -2.66 12.05 5.15
CA PHE C 1121 -3.76 12.58 4.34
C PHE C 1121 -3.88 11.84 3.03
N ARG C 1122 -2.77 11.34 2.50
CA ARG C 1122 -2.85 10.64 1.23
C ARG C 1122 -3.49 9.27 1.40
N LYS C 1123 -3.34 8.65 2.57
CA LYS C 1123 -3.79 7.28 2.76
C LYS C 1123 -5.29 7.19 3.01
N MET C 1124 -5.86 8.18 3.67
CA MET C 1124 -7.24 8.12 4.14
C MET C 1124 -8.19 9.05 3.41
N ASN C 1125 -7.75 10.23 2.97
CA ASN C 1125 -8.64 11.22 2.37
C ASN C 1125 -8.23 11.55 0.94
N ALA C 1126 -7.80 10.54 0.20
CA ALA C 1126 -7.47 10.72 -1.21
C ALA C 1126 -8.78 10.82 -2.00
N ARG C 1127 -8.67 10.84 -3.33
CA ARG C 1127 -9.84 10.97 -4.20
C ARG C 1127 -10.16 9.72 -5.03
N GLN C 1128 -9.23 9.15 -5.82
CA GLN C 1128 -7.81 9.49 -5.92
C GLN C 1128 -7.29 9.44 -7.35
N SER C 1129 -7.26 10.62 -7.98
CA SER C 1129 -6.64 10.82 -9.28
C SER C 1129 -5.70 12.02 -9.15
N LYS C 1130 -4.49 11.90 -9.72
CA LYS C 1130 -3.42 12.87 -9.51
C LYS C 1130 -3.81 14.30 -9.85
N THR C 1131 -4.93 14.47 -10.57
CA THR C 1131 -5.45 15.81 -10.80
C THR C 1131 -6.04 16.41 -9.52
N PHE C 1132 -6.92 15.66 -8.84
CA PHE C 1132 -7.70 16.14 -7.71
C PHE C 1132 -7.07 15.82 -6.36
N GLU C 1133 -6.48 14.62 -6.23
CA GLU C 1133 -5.85 14.17 -5.00
C GLU C 1133 -5.04 15.27 -4.33
N LEU C 1134 -4.22 15.99 -5.11
CA LEU C 1134 -3.51 17.15 -4.60
C LEU C 1134 -4.46 18.17 -4.00
N GLU C 1135 -5.35 18.74 -4.82
CA GLU C 1135 -6.34 19.71 -4.36
C GLU C 1135 -6.94 19.35 -3.00
N ASP C 1136 -7.36 18.08 -2.86
CA ASP C 1136 -7.99 17.64 -1.60
C ASP C 1136 -6.99 17.63 -0.45
N ILE C 1137 -5.79 17.07 -0.66
CA ILE C 1137 -4.78 17.08 0.39
C ILE C 1137 -4.50 18.50 0.86
N LEU C 1138 -4.33 19.41 -0.09
CA LEU C 1138 -4.07 20.80 0.25
C LEU C 1138 -5.21 21.38 1.07
N LYS C 1139 -6.44 21.14 0.63
CA LYS C 1139 -7.59 21.68 1.36
C LYS C 1139 -7.59 21.19 2.79
N HIS C 1140 -7.51 19.88 2.98
CA HIS C 1140 -7.53 19.32 4.33
C HIS C 1140 -6.37 19.83 5.17
N HIS C 1141 -5.17 19.90 4.59
CA HIS C 1141 -4.01 20.34 5.35
C HIS C 1141 -4.21 21.77 5.83
N TRP C 1142 -4.55 22.68 4.92
CA TRP C 1142 -4.76 24.07 5.31
C TRP C 1142 -5.85 24.17 6.37
N LEU C 1143 -6.91 23.38 6.23
CA LEU C 1143 -7.91 23.30 7.28
C LEU C 1143 -7.27 22.98 8.62
N TYR C 1144 -6.38 21.98 8.63
CA TYR C 1144 -5.77 21.53 9.86
C TYR C 1144 -4.87 22.60 10.46
N THR C 1145 -4.30 23.45 9.65
CA THR C 1145 -3.31 24.35 10.23
C THR C 1145 -3.84 25.76 10.36
N SER C 1146 -5.09 25.91 10.72
CA SER C 1146 -5.59 27.24 11.04
C SER C 1146 -5.63 27.42 12.56
N LYS C 1147 -5.74 28.68 12.98
CA LYS C 1147 -5.80 29.00 14.41
C LYS C 1147 -7.23 28.87 14.95
N TYR C 1148 -8.20 29.40 14.20
CA TYR C 1148 -9.60 29.43 14.64
C TYR C 1148 -10.10 28.04 15.02
N LEU C 1149 -9.97 27.09 14.10
CA LEU C 1149 -10.46 25.75 14.33
C LEU C 1149 -9.69 25.03 15.43
N GLN C 1150 -8.54 25.57 15.85
CA GLN C 1150 -7.78 24.96 16.94
C GLN C 1150 -8.21 25.49 18.30
N LYS C 1151 -8.68 26.73 18.37
CA LYS C 1151 -9.28 27.20 19.62
C LYS C 1151 -10.53 26.39 19.94
N PHE C 1152 -11.36 26.12 18.94
CA PHE C 1152 -12.50 25.22 19.15
C PHE C 1152 -12.06 23.81 19.53
N MET C 1153 -10.81 23.46 19.26
CA MET C 1153 -10.22 22.23 19.79
C MET C 1153 -9.40 22.57 21.04
N GLU C 1154 -10.13 22.82 22.12
CA GLU C 1154 -9.50 23.23 23.37
C GLU C 1154 -8.62 22.12 23.95
N ALA C 1155 -9.24 21.02 24.35
CA ALA C 1155 -8.56 19.96 25.10
C ALA C 1155 -7.89 20.54 26.34
N HIS C 1156 -8.72 21.08 27.23
CA HIS C 1156 -8.28 21.73 28.46
C HIS C 1156 -7.41 20.80 29.29
N MET D 4 21.95 4.76 -44.13
CA MET D 4 20.64 4.94 -43.53
C MET D 4 20.29 3.79 -42.59
N SER D 5 20.88 3.81 -41.41
CA SER D 5 20.65 2.72 -40.46
C SER D 5 21.00 3.19 -39.07
N LEU D 6 20.45 2.49 -38.08
CA LEU D 6 20.64 2.77 -36.67
C LEU D 6 21.53 1.71 -36.03
N GLN D 7 22.30 2.13 -35.02
CA GLN D 7 22.98 1.21 -34.12
C GLN D 7 22.79 1.68 -32.68
N PRO D 8 22.22 0.85 -31.82
CA PRO D 8 22.09 1.22 -30.41
C PRO D 8 23.44 1.33 -29.73
N LEU D 9 23.53 2.28 -28.81
CA LEU D 9 24.72 2.51 -28.02
C LEU D 9 24.40 2.19 -26.56
N THR D 10 25.38 2.44 -25.69
CA THR D 10 25.21 2.26 -24.26
C THR D 10 25.80 3.47 -23.55
N ALA D 11 25.04 4.04 -22.61
CA ALA D 11 25.49 5.20 -21.85
C ALA D 11 26.47 4.73 -20.77
N VAL D 12 27.74 5.09 -20.96
CA VAL D 12 28.79 4.62 -20.07
C VAL D 12 28.63 5.24 -18.68
N ASN D 13 28.57 6.58 -18.62
CA ASN D 13 28.49 7.35 -17.38
C ASN D 13 28.09 8.76 -17.77
N CYS D 14 28.03 9.62 -16.75
CA CYS D 14 27.58 11.01 -16.86
C CYS D 14 26.20 11.09 -17.52
N GLY D 15 25.37 10.07 -17.28
CA GLY D 15 24.08 9.93 -17.92
C GLY D 15 23.01 10.91 -17.44
N SER D 16 23.26 11.63 -16.35
CA SER D 16 22.32 12.58 -15.81
C SER D 16 22.61 14.02 -16.27
N LEU D 17 23.32 14.18 -17.38
CA LEU D 17 23.78 15.50 -17.82
C LEU D 17 23.27 15.86 -19.21
N VAL D 18 22.30 15.12 -19.73
CA VAL D 18 21.67 15.42 -21.00
C VAL D 18 20.18 15.60 -20.77
N GLN D 19 19.59 16.51 -21.52
CA GLN D 19 18.21 16.88 -21.37
C GLN D 19 17.56 16.98 -22.75
N PRO D 20 16.24 16.85 -22.82
CA PRO D 20 15.56 16.93 -24.12
C PRO D 20 15.94 18.12 -24.98
N GLY D 21 16.19 19.30 -24.39
CA GLY D 21 16.70 20.43 -25.13
C GLY D 21 18.19 20.56 -24.93
N PHE D 22 18.94 20.56 -26.03
CA PHE D 22 20.39 20.76 -26.01
C PHE D 22 20.85 21.03 -27.45
N SER D 23 22.13 21.33 -27.61
CA SER D 23 22.72 21.59 -28.92
C SER D 23 24.10 20.93 -29.03
N LEU D 24 24.57 20.78 -30.25
CA LEU D 24 25.86 20.16 -30.55
C LEU D 24 26.65 21.09 -31.47
N LEU D 25 27.86 21.45 -31.06
CA LEU D 25 28.78 22.24 -31.86
C LEU D 25 29.78 21.27 -32.48
N ASP D 26 29.71 21.12 -33.79
CA ASP D 26 30.59 20.22 -34.54
C ASP D 26 31.66 21.07 -35.21
N LEU D 27 32.92 20.84 -34.83
CA LEU D 27 34.01 21.62 -35.36
C LEU D 27 35.32 20.91 -35.05
N GLU D 28 36.19 20.86 -36.05
CA GLU D 28 37.56 20.35 -35.92
C GLU D 28 37.60 19.00 -35.20
N GLY D 29 37.02 18.00 -35.85
CA GLY D 29 37.02 16.68 -35.27
C GLY D 29 36.16 16.61 -34.03
N ASP D 30 36.81 16.61 -32.87
CA ASP D 30 36.12 16.50 -31.58
C ASP D 30 34.93 17.47 -31.53
N VAL D 31 33.75 16.90 -31.26
CA VAL D 31 32.48 17.62 -31.22
C VAL D 31 32.05 17.78 -29.76
N TYR D 32 31.30 18.85 -29.49
CA TYR D 32 31.01 19.25 -28.12
C TYR D 32 29.52 19.46 -27.90
N LEU D 33 29.00 18.84 -26.84
CA LEU D 33 27.62 19.04 -26.40
C LEU D 33 27.53 20.28 -25.52
N PHE D 34 26.50 21.11 -25.78
CA PHE D 34 26.20 22.31 -25.02
C PHE D 34 24.75 22.25 -24.56
N GLY D 35 24.50 22.74 -23.34
CA GLY D 35 23.17 22.73 -22.77
C GLY D 35 22.91 21.62 -21.77
N GLN D 36 23.83 21.45 -20.83
CA GLN D 36 23.64 20.48 -19.75
C GLN D 36 22.54 20.94 -18.80
N LYS D 37 21.74 19.98 -18.35
CA LYS D 37 20.69 20.30 -17.39
C LYS D 37 21.31 20.67 -16.04
N GLY D 38 20.71 21.66 -15.39
CA GLY D 38 21.23 22.14 -14.13
C GLY D 38 22.47 22.99 -14.28
N TRP D 39 22.76 23.79 -13.24
CA TRP D 39 23.88 24.71 -13.30
C TRP D 39 25.20 23.95 -13.40
N PRO D 40 26.28 24.63 -13.79
CA PRO D 40 27.56 23.93 -13.96
C PRO D 40 28.01 23.30 -12.66
N LYS D 41 28.34 22.02 -12.73
CA LYS D 41 28.92 21.31 -11.60
C LYS D 41 30.42 21.62 -11.50
N ARG D 42 31.00 21.29 -10.35
CA ARG D 42 32.43 21.55 -10.14
C ARG D 42 33.29 20.67 -11.03
N SER D 43 32.80 19.47 -11.36
CA SER D 43 33.47 18.59 -12.31
C SER D 43 33.73 19.26 -13.65
N CYS D 44 33.00 20.35 -13.97
CA CYS D 44 33.23 21.12 -15.19
C CYS D 44 32.67 22.53 -15.05
N PRO D 45 33.50 23.51 -14.63
CA PRO D 45 33.02 24.90 -14.61
C PRO D 45 32.67 25.45 -15.98
N THR D 46 33.09 24.77 -17.05
CA THR D 46 32.73 25.14 -18.40
C THR D 46 31.28 24.76 -18.71
N GLY D 47 30.91 23.53 -18.42
CA GLY D 47 29.61 22.98 -18.80
C GLY D 47 29.61 22.29 -20.16
N ILE D 48 30.31 22.88 -21.13
CA ILE D 48 30.47 22.26 -22.44
C ILE D 48 31.23 20.96 -22.29
N PHE D 49 30.75 19.90 -22.91
CA PHE D 49 31.44 18.62 -22.83
C PHE D 49 31.95 18.21 -24.20
N GLY D 50 33.05 17.46 -24.22
CA GLY D 50 33.54 16.85 -25.44
C GLY D 50 33.05 15.41 -25.49
N VAL D 51 32.45 15.04 -26.62
CA VAL D 51 31.82 13.73 -26.77
C VAL D 51 32.73 12.84 -27.61
N ARG D 52 32.95 11.62 -27.13
CA ARG D 52 33.76 10.63 -27.81
C ARG D 52 32.93 9.36 -27.99
N ILE D 53 33.03 8.74 -29.16
CA ILE D 53 32.37 7.49 -29.45
C ILE D 53 33.43 6.44 -29.75
N LYS D 54 33.38 5.33 -29.01
CA LYS D 54 34.33 4.23 -29.19
C LYS D 54 33.62 2.92 -28.94
N LYS D 55 33.53 2.09 -29.98
CA LYS D 55 32.74 0.85 -29.99
C LYS D 55 31.39 1.03 -29.31
N GLY D 56 30.63 2.01 -29.80
CA GLY D 56 29.31 2.29 -29.27
C GLY D 56 29.29 2.93 -27.90
N GLU D 57 30.45 3.30 -27.35
CA GLU D 57 30.55 3.91 -26.03
C GLU D 57 30.55 5.41 -26.18
N LEU D 58 29.74 6.07 -25.36
CA LEU D 58 29.48 7.50 -25.47
C LEU D 58 30.04 8.19 -24.22
N LYS D 59 31.32 8.56 -24.29
CA LYS D 59 31.99 9.18 -23.14
C LYS D 59 32.00 10.70 -23.28
N LEU D 60 32.04 11.38 -22.14
CA LEU D 60 31.98 12.83 -22.07
C LEU D 60 33.10 13.34 -21.18
N ARG D 61 34.01 14.12 -21.76
CA ARG D 61 35.07 14.73 -20.99
C ARG D 61 34.79 16.22 -20.80
N ALA D 62 35.36 16.76 -19.72
CA ALA D 62 35.09 18.14 -19.30
C ALA D 62 36.04 19.08 -20.02
N ILE D 63 35.57 19.68 -21.12
CA ILE D 63 36.37 20.65 -21.85
C ILE D 63 36.66 21.85 -20.95
N SER D 64 37.85 22.41 -21.08
CA SER D 64 38.24 23.56 -20.29
C SER D 64 37.96 24.84 -21.07
N PHE D 65 38.46 25.96 -20.56
CA PHE D 65 38.31 27.27 -21.19
C PHE D 65 39.68 27.87 -21.46
N SER D 66 39.64 29.07 -22.03
CA SER D 66 40.80 29.93 -22.10
C SER D 66 40.92 30.69 -20.78
N ASN D 67 41.83 31.66 -20.72
CA ASN D 67 41.81 32.68 -19.70
C ASN D 67 41.12 33.94 -20.17
N ASN D 68 41.25 34.27 -21.46
CA ASN D 68 40.69 35.46 -22.07
C ASN D 68 39.21 35.35 -22.29
N SER D 69 38.60 34.29 -21.79
CA SER D 69 37.22 33.92 -22.10
C SER D 69 36.27 34.34 -20.97
N SER D 70 35.04 34.68 -21.37
CA SER D 70 33.92 34.87 -20.45
C SER D 70 33.14 33.57 -20.32
N TYR D 71 32.33 33.48 -19.28
CA TYR D 71 31.71 32.21 -18.88
C TYR D 71 30.22 32.23 -19.19
N LEU D 72 29.75 31.15 -19.85
CA LEU D 72 28.42 31.05 -20.42
C LEU D 72 27.54 30.16 -19.56
N PRO D 73 26.41 30.66 -19.07
CA PRO D 73 25.44 29.79 -18.42
C PRO D 73 24.90 28.76 -19.40
N PRO D 74 24.41 27.61 -18.89
CA PRO D 74 24.01 26.53 -19.82
C PRO D 74 22.66 26.83 -20.43
N LEU D 75 22.69 27.63 -21.49
CA LEU D 75 21.48 27.98 -22.21
C LEU D 75 20.83 26.73 -22.80
N ARG D 76 19.51 26.74 -22.89
CA ARG D 76 18.75 25.52 -23.19
C ARG D 76 18.45 25.35 -24.68
N CYS D 77 17.72 26.27 -25.27
CA CYS D 77 17.33 26.19 -26.68
C CYS D 77 17.65 27.49 -27.38
N PRO D 78 18.93 27.77 -27.58
CA PRO D 78 19.32 28.95 -28.34
C PRO D 78 19.25 28.67 -29.84
N ALA D 79 19.53 29.70 -30.63
CA ALA D 79 19.62 29.57 -32.08
C ALA D 79 21.09 29.43 -32.46
N ILE D 80 21.45 28.28 -33.00
CA ILE D 80 22.83 27.98 -33.35
C ILE D 80 23.08 28.49 -34.76
N ALA D 81 24.30 28.94 -35.02
CA ALA D 81 24.68 29.37 -36.37
C ALA D 81 26.17 29.12 -36.54
N HIS D 82 26.54 28.26 -37.50
CA HIS D 82 27.94 27.95 -37.75
C HIS D 82 28.54 29.09 -38.55
N PHE D 83 29.26 30.00 -37.88
CA PHE D 83 29.97 31.07 -38.58
C PHE D 83 31.19 30.46 -39.24
N GLU D 84 31.13 30.34 -40.56
CA GLU D 84 32.08 29.55 -41.34
C GLU D 84 33.50 30.11 -41.22
N ALA D 85 34.47 29.22 -41.39
CA ALA D 85 35.88 29.56 -41.30
C ALA D 85 36.31 30.53 -42.39
N GLN D 86 36.54 31.78 -42.01
CA GLN D 86 37.01 32.80 -42.94
C GLN D 86 37.46 33.99 -42.11
N ASP D 87 37.84 35.06 -42.80
CA ASP D 87 38.25 36.27 -42.12
C ASP D 87 37.10 36.82 -41.29
N GLY D 88 37.41 37.29 -40.08
CA GLY D 88 38.76 37.37 -39.58
C GLY D 88 39.33 36.16 -38.88
N LYS D 89 38.65 35.72 -37.81
CA LYS D 89 39.13 34.60 -37.01
C LYS D 89 38.27 33.36 -37.23
N PRO D 90 38.69 32.43 -38.07
CA PRO D 90 38.02 31.13 -38.11
C PRO D 90 38.32 30.33 -36.86
N GLU D 91 37.38 29.45 -36.50
CA GLU D 91 36.05 29.37 -37.10
C GLU D 91 35.06 29.35 -35.94
N CYS D 92 33.92 30.03 -36.06
CA CYS D 92 33.18 30.36 -34.85
C CYS D 92 31.80 29.71 -34.85
N TYR D 93 31.23 29.61 -33.65
CA TYR D 93 29.85 29.19 -33.47
C TYR D 93 29.09 30.30 -32.76
N LEU D 94 28.05 30.83 -33.42
CA LEU D 94 27.18 31.84 -32.84
C LEU D 94 26.05 31.14 -32.09
N ILE D 95 25.86 31.53 -30.83
CA ILE D 95 24.83 30.96 -29.96
C ILE D 95 24.08 32.12 -29.33
N HIS D 96 22.76 32.13 -29.51
CA HIS D 96 21.85 33.06 -28.86
C HIS D 96 20.44 32.61 -29.14
N GLY D 97 19.56 32.69 -28.13
CA GLY D 97 19.94 33.08 -26.78
C GLY D 97 19.35 32.14 -25.74
N GLY D 98 18.41 31.30 -26.16
CA GLY D 98 17.81 30.28 -25.30
C GLY D 98 17.19 30.82 -24.02
N ARG D 99 16.92 29.93 -23.05
CA ARG D 99 16.50 30.33 -21.71
C ARG D 99 17.28 29.57 -20.65
N THR D 100 17.68 30.30 -19.60
CA THR D 100 18.50 29.74 -18.53
C THR D 100 17.75 28.67 -17.77
N PRO D 101 18.47 27.85 -16.98
CA PRO D 101 17.77 26.91 -16.11
C PRO D 101 16.74 27.57 -15.21
N ASN D 102 17.06 28.72 -14.62
CA ASN D 102 16.03 29.59 -14.10
C ASN D 102 15.35 30.25 -15.29
N ASN D 103 14.02 30.26 -15.32
CA ASN D 103 13.33 30.67 -16.53
C ASN D 103 13.45 32.17 -16.76
N GLU D 104 14.66 32.61 -17.06
CA GLU D 104 14.92 33.95 -17.54
C GLU D 104 15.74 33.80 -18.81
N LEU D 105 15.42 34.63 -19.80
CA LEU D 105 15.97 34.49 -21.13
C LEU D 105 17.19 35.40 -21.27
N SER D 106 18.06 35.07 -22.22
CA SER D 106 19.37 35.72 -22.29
C SER D 106 19.27 37.12 -22.89
N SER D 107 18.79 37.22 -24.14
CA SER D 107 18.84 38.45 -24.94
C SER D 107 20.26 39.01 -24.96
N SER D 108 21.21 38.12 -25.22
CA SER D 108 22.63 38.47 -25.21
C SER D 108 23.37 37.48 -26.11
N LEU D 109 23.85 37.96 -27.26
CA LEU D 109 24.54 37.10 -28.21
C LEU D 109 25.87 36.62 -27.65
N TYR D 110 26.23 35.39 -27.99
CA TYR D 110 27.48 34.78 -27.56
C TYR D 110 28.17 34.16 -28.76
N MET D 111 29.50 34.14 -28.74
CA MET D 111 30.26 33.58 -29.86
C MET D 111 31.42 32.76 -29.33
N LEU D 112 31.58 31.54 -29.87
CA LEU D 112 32.55 30.57 -29.36
C LEU D 112 33.58 30.21 -30.42
N SER D 113 34.83 30.04 -29.99
CA SER D 113 35.93 29.70 -30.88
C SER D 113 36.90 28.76 -30.17
N VAL D 114 37.84 28.22 -30.97
CA VAL D 114 38.86 27.29 -30.50
C VAL D 114 40.20 28.02 -30.45
N ASP D 115 41.04 27.63 -29.49
CA ASP D 115 42.31 28.32 -29.28
C ASP D 115 43.53 27.43 -29.53
N SER D 116 43.65 26.27 -28.87
CA SER D 116 44.87 25.48 -28.98
C SER D 116 44.60 24.00 -28.74
N ARG D 117 45.60 23.18 -29.07
CA ARG D 117 45.57 21.73 -28.90
C ARG D 117 46.95 21.18 -29.21
N GLY D 118 47.29 20.06 -28.57
CA GLY D 118 46.52 19.51 -27.47
C GLY D 118 46.83 20.10 -26.10
N CYS D 119 48.03 19.86 -25.57
CA CYS D 119 49.06 19.02 -26.19
C CYS D 119 48.68 17.53 -26.25
N ASN D 120 47.86 17.08 -25.31
CA ASN D 120 47.33 15.72 -25.29
C ASN D 120 45.84 15.80 -25.62
N ARG D 121 45.54 15.88 -26.92
CA ARG D 121 44.19 15.81 -27.47
C ARG D 121 43.25 16.86 -26.89
N LYS D 122 43.76 17.82 -26.12
CA LYS D 122 42.92 18.75 -25.38
C LYS D 122 42.67 20.00 -26.22
N VAL D 123 41.41 20.30 -26.47
CA VAL D 123 41.02 21.35 -27.39
C VAL D 123 40.53 22.53 -26.55
N THR D 124 41.41 23.50 -26.35
CA THR D 124 41.07 24.69 -25.56
C THR D 124 40.08 25.55 -26.32
N LEU D 125 39.17 26.18 -25.59
CA LEU D 125 38.12 26.99 -26.17
C LEU D 125 38.07 28.36 -25.53
N ARG D 126 37.36 29.27 -26.19
CA ARG D 126 37.08 30.60 -25.66
C ARG D 126 35.66 30.99 -26.04
N CYS D 127 35.02 31.76 -25.16
CA CYS D 127 33.62 32.14 -25.30
C CYS D 127 33.47 33.65 -25.06
N GLU D 128 33.33 34.42 -26.13
CA GLU D 128 33.26 35.88 -26.06
C GLU D 128 31.83 36.37 -26.22
N GLU D 129 31.40 37.22 -25.29
CA GLU D 129 30.19 37.98 -25.50
C GLU D 129 30.45 39.12 -26.47
N LYS D 130 29.57 39.28 -27.43
CA LYS D 130 29.61 40.41 -28.35
C LYS D 130 28.38 41.27 -28.04
N GLU D 131 28.62 42.40 -27.39
CA GLU D 131 27.53 43.31 -27.04
C GLU D 131 26.75 43.71 -28.27
N LEU D 132 25.42 43.79 -28.12
CA LEU D 132 24.53 44.12 -29.22
C LEU D 132 23.70 45.36 -28.88
N VAL D 133 23.87 46.41 -29.67
CA VAL D 133 23.12 47.65 -29.49
C VAL D 133 22.03 47.72 -30.55
N GLY D 134 21.07 48.62 -30.35
CA GLY D 134 20.02 48.83 -31.32
C GLY D 134 18.85 49.61 -30.73
N ASP D 135 17.60 49.30 -31.10
CA ASP D 135 17.15 48.27 -32.06
C ASP D 135 17.67 46.85 -31.79
N VAL D 136 17.49 46.37 -30.56
CA VAL D 136 18.00 45.06 -30.15
C VAL D 136 16.96 43.98 -30.42
N PRO D 137 17.38 42.75 -30.69
CA PRO D 137 16.41 41.65 -30.71
C PRO D 137 15.93 41.36 -29.31
N SER D 138 14.66 40.98 -29.22
CA SER D 138 14.07 40.67 -27.93
C SER D 138 14.52 39.29 -27.47
N ALA D 139 14.43 39.07 -26.17
CA ALA D 139 14.70 37.76 -25.60
C ALA D 139 13.63 36.77 -26.07
N ARG D 140 14.07 35.60 -26.51
CA ARG D 140 13.19 34.60 -27.09
C ARG D 140 13.90 33.25 -27.07
N TYR D 141 13.24 32.22 -27.58
CA TYR D 141 13.79 30.88 -27.58
C TYR D 141 13.18 30.09 -28.71
N GLY D 142 13.91 29.09 -29.22
CA GLY D 142 13.45 28.30 -30.34
C GLY D 142 13.54 28.99 -31.69
N HIS D 143 14.00 30.23 -31.73
CA HIS D 143 14.10 30.99 -32.97
C HIS D 143 15.29 30.47 -33.78
N THR D 144 15.61 31.14 -34.90
CA THR D 144 16.64 30.68 -35.81
C THR D 144 17.55 31.83 -36.23
N LEU D 145 18.86 31.57 -36.22
CA LEU D 145 19.87 32.50 -36.68
C LEU D 145 20.72 31.85 -37.75
N SER D 146 21.18 32.66 -38.71
CA SER D 146 21.99 32.15 -39.82
C SER D 146 22.91 33.25 -40.32
N VAL D 147 23.82 32.88 -41.21
CA VAL D 147 24.83 33.77 -41.76
C VAL D 147 24.62 33.89 -43.26
N ILE D 148 24.91 35.08 -43.81
CA ILE D 148 24.81 35.33 -45.24
C ILE D 148 25.92 36.30 -45.64
N ASN D 149 26.18 36.38 -46.94
CA ASN D 149 27.30 37.16 -47.47
C ASN D 149 26.86 37.85 -48.75
N SER D 150 26.78 39.18 -48.74
CA SER D 150 26.35 39.96 -49.89
C SER D 150 27.48 40.88 -50.30
N ARG D 151 28.11 40.57 -51.43
CA ARG D 151 29.00 41.43 -52.20
C ARG D 151 29.92 42.31 -51.35
N GLY D 152 30.82 41.72 -50.56
CA GLY D 152 30.84 40.30 -50.24
C GLY D 152 30.67 40.24 -48.75
N LYS D 153 30.32 41.38 -48.17
CA LYS D 153 30.31 41.55 -46.72
C LYS D 153 29.32 40.59 -46.07
N THR D 154 29.69 40.08 -44.91
CA THR D 154 28.98 39.01 -44.23
C THR D 154 28.19 39.58 -43.06
N ALA D 155 26.90 39.25 -42.99
CA ALA D 155 26.04 39.63 -41.88
C ALA D 155 25.30 38.38 -41.39
N CYS D 156 24.44 38.56 -40.38
CA CYS D 156 23.66 37.46 -39.83
C CYS D 156 22.20 37.86 -39.69
N VAL D 157 21.33 36.85 -39.68
CA VAL D 157 19.89 37.03 -39.73
C VAL D 157 19.26 36.24 -38.59
N LEU D 158 18.29 36.86 -37.92
CA LEU D 158 17.54 36.24 -36.84
C LEU D 158 16.05 36.32 -37.17
N PHE D 159 15.32 35.24 -36.91
CA PHE D 159 13.89 35.26 -37.16
C PHE D 159 13.23 34.18 -36.32
N GLY D 160 11.94 34.39 -36.06
CA GLY D 160 11.15 33.41 -35.36
C GLY D 160 11.27 33.56 -33.85
N GLY D 161 10.69 32.59 -33.16
CA GLY D 161 10.82 32.54 -31.72
C GLY D 161 9.60 33.02 -30.96
N ARG D 162 9.31 32.37 -29.85
CA ARG D 162 8.26 32.78 -28.94
C ARG D 162 8.88 33.47 -27.73
N SER D 163 8.05 33.97 -26.84
CA SER D 163 8.55 34.62 -25.63
C SER D 163 7.42 34.69 -24.61
N TYR D 164 7.80 35.05 -23.38
CA TYR D 164 6.83 35.29 -22.32
C TYR D 164 6.03 36.55 -22.62
N MET D 165 4.88 36.66 -21.99
CA MET D 165 4.06 37.85 -22.14
C MET D 165 4.83 39.08 -21.64
N PRO D 166 4.87 40.17 -22.41
CA PRO D 166 5.65 41.34 -21.99
C PRO D 166 5.18 41.85 -20.65
N PRO D 167 6.05 42.53 -19.90
CA PRO D 167 5.73 42.88 -18.51
C PRO D 167 4.66 43.95 -18.42
N THR D 168 3.58 43.73 -19.15
CA THR D 168 2.39 44.57 -19.08
C THR D 168 1.23 43.78 -18.50
N GLU D 169 0.90 42.63 -19.10
CA GLU D 169 -0.08 41.71 -18.56
C GLU D 169 0.55 40.38 -18.19
N ARG D 170 1.86 40.35 -17.95
CA ARG D 170 2.52 39.14 -17.52
C ARG D 170 2.05 38.87 -16.10
N THR D 171 1.06 38.00 -15.98
CA THR D 171 0.34 37.79 -14.73
C THR D 171 0.79 36.49 -14.09
N THR D 172 0.82 36.47 -12.79
CA THR D 172 1.40 35.37 -12.02
C THR D 172 0.56 34.10 -12.02
N GLN D 173 -0.48 34.01 -12.86
CA GLN D 173 -1.15 32.77 -13.14
C GLN D 173 -0.94 32.33 -14.57
N ASN D 174 -0.68 33.27 -15.48
CA ASN D 174 -0.21 32.98 -16.83
C ASN D 174 1.31 33.12 -16.95
N TRP D 175 2.01 33.23 -15.82
CA TRP D 175 3.41 33.61 -15.79
C TRP D 175 4.30 32.63 -16.56
N ASN D 176 3.79 31.48 -16.98
CA ASN D 176 4.54 30.48 -17.75
C ASN D 176 3.84 30.14 -19.05
N SER D 177 3.23 31.14 -19.67
CA SER D 177 2.68 31.00 -21.01
C SER D 177 3.58 31.74 -21.99
N VAL D 178 3.42 31.40 -23.26
CA VAL D 178 4.27 31.95 -24.32
C VAL D 178 3.38 32.52 -25.42
N VAL D 179 4.00 33.31 -26.27
CA VAL D 179 3.34 33.91 -27.41
C VAL D 179 4.41 34.19 -28.46
N ASP D 180 4.08 33.93 -29.72
CA ASP D 180 5.02 34.16 -30.80
C ASP D 180 5.46 35.62 -30.79
N CYS D 181 6.76 35.84 -30.92
CA CYS D 181 7.26 37.20 -31.04
C CYS D 181 6.68 37.84 -32.30
N PRO D 182 6.51 39.17 -32.30
CA PRO D 182 6.08 39.85 -33.53
C PRO D 182 7.02 39.55 -34.67
N PRO D 183 6.51 38.97 -35.79
CA PRO D 183 7.43 38.45 -36.81
C PRO D 183 8.17 39.51 -37.60
N GLN D 184 9.21 40.07 -36.97
CA GLN D 184 10.18 40.93 -37.64
C GLN D 184 11.51 40.22 -37.63
N VAL D 185 12.08 39.96 -38.81
CA VAL D 185 13.45 39.48 -38.87
C VAL D 185 14.37 40.61 -38.41
N TYR D 186 15.46 40.23 -37.73
CA TYR D 186 16.46 41.17 -37.29
C TYR D 186 17.76 40.89 -38.02
N LEU D 187 18.48 41.96 -38.34
CA LEU D 187 19.72 41.86 -39.09
C LEU D 187 20.86 42.27 -38.18
N ILE D 188 21.84 41.39 -38.03
CA ILE D 188 22.90 41.53 -37.04
C ILE D 188 24.22 41.69 -37.78
N ASP D 189 24.88 42.81 -37.56
CA ASP D 189 26.28 42.97 -37.93
C ASP D 189 27.11 42.51 -36.73
N LEU D 190 28.15 41.72 -37.01
CA LEU D 190 29.00 41.24 -35.93
C LEU D 190 29.99 42.30 -35.45
N GLU D 191 30.22 43.34 -36.24
CA GLU D 191 31.26 44.32 -35.94
C GLU D 191 30.82 45.64 -36.54
N PHE D 192 30.22 46.51 -35.73
CA PHE D 192 29.75 46.18 -34.38
C PHE D 192 28.34 45.60 -34.44
N GLY D 193 27.75 45.37 -33.27
CA GLY D 193 26.39 44.85 -33.22
C GLY D 193 25.31 45.89 -33.41
N CYS D 194 25.41 46.70 -34.46
CA CYS D 194 24.37 47.69 -34.78
C CYS D 194 23.21 46.96 -35.46
N CYS D 195 22.42 46.26 -34.65
CA CYS D 195 21.32 45.47 -35.18
C CYS D 195 20.23 46.36 -35.76
N THR D 196 19.56 45.85 -36.80
CA THR D 196 18.50 46.56 -37.48
C THR D 196 17.29 45.64 -37.62
N ALA D 197 16.11 46.14 -37.25
CA ALA D 197 14.86 45.42 -37.43
C ALA D 197 14.28 45.70 -38.81
N HIS D 198 13.57 44.71 -39.35
CA HIS D 198 12.97 44.85 -40.67
C HIS D 198 11.68 44.04 -40.69
N THR D 199 10.83 44.35 -41.67
CA THR D 199 9.53 43.72 -41.81
C THR D 199 9.29 43.38 -43.27
N LEU D 200 8.17 42.73 -43.51
CA LEU D 200 7.70 42.42 -44.86
C LEU D 200 6.23 42.03 -44.76
N PRO D 201 5.37 42.59 -45.60
CA PRO D 201 3.95 42.20 -45.58
C PRO D 201 3.70 40.75 -45.97
N GLU D 202 4.75 39.99 -46.27
CA GLU D 202 4.65 38.55 -46.47
C GLU D 202 4.85 37.78 -45.18
N LEU D 203 5.51 38.40 -44.20
CA LEU D 203 5.66 37.85 -42.87
C LEU D 203 4.34 37.97 -42.12
N THR D 204 3.37 37.15 -42.52
CA THR D 204 2.03 37.22 -41.92
C THR D 204 2.10 37.08 -40.42
N ASP D 205 2.71 36.00 -39.93
CA ASP D 205 2.83 35.76 -38.50
C ASP D 205 3.97 34.78 -38.26
N GLY D 206 4.73 35.00 -37.19
CA GLY D 206 5.95 34.24 -36.96
C GLY D 206 5.70 32.92 -36.26
N GLN D 207 6.25 31.84 -36.83
CA GLN D 207 6.22 30.51 -36.24
C GLN D 207 7.58 30.23 -35.59
N SER D 208 7.70 29.07 -34.95
CA SER D 208 8.90 28.71 -34.21
C SER D 208 9.24 27.24 -34.46
N PHE D 209 10.39 26.83 -33.95
CA PHE D 209 10.91 25.46 -34.02
C PHE D 209 11.20 25.04 -35.45
N HIS D 210 11.32 26.01 -36.34
CA HIS D 210 11.46 25.77 -37.77
C HIS D 210 12.94 25.86 -38.14
N VAL D 211 13.56 24.71 -38.39
CA VAL D 211 14.93 24.65 -38.86
C VAL D 211 15.05 25.47 -40.13
N ALA D 212 16.18 26.15 -40.32
CA ALA D 212 16.43 27.02 -41.46
C ALA D 212 17.57 26.46 -42.30
N LEU D 213 17.86 27.14 -43.42
CA LEU D 213 18.98 26.74 -44.26
C LEU D 213 19.38 27.92 -45.13
N ALA D 214 20.60 28.43 -44.93
CA ALA D 214 21.10 29.56 -45.67
C ALA D 214 22.24 29.13 -46.59
N ARG D 215 22.36 29.81 -47.73
CA ARG D 215 23.43 29.56 -48.68
C ARG D 215 23.46 30.72 -49.67
N GLN D 216 24.66 31.23 -49.93
CA GLN D 216 24.90 32.19 -51.00
C GLN D 216 23.90 33.34 -50.96
N ASP D 217 23.90 34.07 -49.84
CA ASP D 217 22.98 35.17 -49.54
C ASP D 217 21.55 34.89 -50.02
N CYS D 218 21.05 33.71 -49.67
CA CYS D 218 19.65 33.36 -49.86
C CYS D 218 19.29 32.28 -48.85
N VAL D 219 18.16 32.45 -48.16
CA VAL D 219 17.82 31.56 -47.07
C VAL D 219 16.44 30.97 -47.31
N TYR D 220 16.22 29.77 -46.74
CA TYR D 220 14.96 29.05 -46.82
C TYR D 220 14.57 28.63 -45.41
N PHE D 221 13.32 28.92 -45.05
CA PHE D 221 12.74 28.54 -43.77
C PHE D 221 11.72 27.43 -44.03
N LEU D 222 11.87 26.34 -43.30
CA LEU D 222 11.09 25.14 -43.55
C LEU D 222 9.94 25.05 -42.55
N GLY D 223 9.25 23.92 -42.59
CA GLY D 223 8.06 23.76 -41.76
C GLY D 223 8.40 23.87 -40.28
N GLY D 224 7.43 24.35 -39.51
CA GLY D 224 7.57 24.51 -38.08
C GLY D 224 6.25 24.38 -37.36
N HIS D 225 5.98 25.31 -36.45
CA HIS D 225 4.77 25.25 -35.66
C HIS D 225 4.42 26.66 -35.21
N ILE D 226 3.16 27.05 -35.43
CA ILE D 226 2.61 28.32 -34.97
C ILE D 226 1.41 28.01 -34.07
N LEU D 227 1.17 28.89 -33.09
CA LEU D 227 0.18 28.62 -32.05
C LEU D 227 -1.12 29.39 -32.23
N SER D 228 -1.06 30.66 -32.62
CA SER D 228 -2.27 31.49 -32.69
C SER D 228 -3.37 30.84 -33.52
N SER D 229 -3.01 30.27 -34.66
CA SER D 229 -3.93 29.48 -35.46
C SER D 229 -3.89 28.00 -35.10
N ASP D 230 -2.96 27.58 -34.26
CA ASP D 230 -2.78 26.20 -33.80
C ASP D 230 -2.42 25.23 -34.93
N CYS D 231 -2.15 25.74 -36.12
CA CYS D 231 -1.81 24.91 -37.26
C CYS D 231 -0.29 24.87 -37.44
N ARG D 232 0.16 23.85 -38.14
CA ARG D 232 1.55 23.75 -38.56
C ARG D 232 1.59 23.87 -40.08
N PRO D 233 1.55 25.09 -40.61
CA PRO D 233 1.38 25.25 -42.06
C PRO D 233 2.54 24.65 -42.85
N SER D 234 2.24 24.29 -44.09
CA SER D 234 3.18 23.64 -45.00
C SER D 234 3.77 24.61 -46.02
N ARG D 235 3.81 25.91 -45.70
CA ARG D 235 4.25 26.92 -46.65
C ARG D 235 5.74 27.17 -46.47
N LEU D 236 6.55 26.58 -47.35
CA LEU D 236 7.97 26.88 -47.37
C LEU D 236 8.19 28.36 -47.66
N ILE D 237 9.20 28.93 -47.04
CA ILE D 237 9.52 30.35 -47.23
C ILE D 237 10.94 30.47 -47.74
N ARG D 238 11.17 31.47 -48.60
CA ARG D 238 12.52 31.84 -48.99
C ARG D 238 12.65 33.35 -48.82
N LEU D 239 13.87 33.81 -48.54
CA LEU D 239 14.13 35.25 -48.57
C LEU D 239 15.50 35.51 -49.17
N HIS D 240 15.60 36.68 -49.82
CA HIS D 240 16.80 37.14 -50.47
C HIS D 240 17.08 38.55 -49.98
N VAL D 241 18.29 38.76 -49.46
CA VAL D 241 18.72 40.07 -48.97
C VAL D 241 19.88 40.53 -49.84
N GLU D 242 20.10 41.84 -49.85
CA GLU D 242 21.23 42.43 -50.56
C GLU D 242 21.76 43.60 -49.74
N LEU D 243 23.05 43.55 -49.42
CA LEU D 243 23.70 44.52 -48.55
C LEU D 243 24.11 45.74 -49.39
N LEU D 244 23.09 46.47 -49.85
CA LEU D 244 23.35 47.66 -50.68
C LEU D 244 23.55 48.82 -49.71
N LEU D 245 24.75 48.85 -49.12
CA LEU D 245 25.06 49.75 -48.02
C LEU D 245 24.82 51.21 -48.42
N GLY D 246 24.34 52.01 -47.47
CA GLY D 246 24.09 51.58 -46.09
C GLY D 246 22.69 51.07 -45.81
N SER D 247 22.20 50.16 -46.64
CA SER D 247 20.88 49.56 -46.46
C SER D 247 20.91 48.07 -46.80
N PRO D 248 20.55 47.21 -45.86
CA PRO D 248 20.38 45.78 -46.17
C PRO D 248 18.98 45.49 -46.70
N VAL D 249 18.76 45.82 -47.96
CA VAL D 249 17.40 45.80 -48.52
C VAL D 249 17.02 44.36 -48.83
N LEU D 250 15.78 44.00 -48.49
CA LEU D 250 15.35 42.61 -48.38
C LEU D 250 14.04 42.39 -49.13
N THR D 251 13.86 41.16 -49.62
CA THR D 251 12.56 40.68 -50.08
C THR D 251 12.47 39.20 -49.76
N CYS D 252 11.26 38.65 -49.89
CA CYS D 252 11.07 37.24 -49.64
C CYS D 252 10.04 36.71 -50.64
N THR D 253 9.71 35.43 -50.50
CA THR D 253 8.79 34.74 -51.39
C THR D 253 8.23 33.51 -50.72
N ILE D 254 6.90 33.36 -50.81
CA ILE D 254 6.26 32.11 -50.45
C ILE D 254 6.64 31.06 -51.48
N LEU D 255 6.64 29.80 -51.05
CA LEU D 255 6.71 28.69 -51.98
C LEU D 255 5.51 27.79 -51.76
N HIS D 256 5.33 26.82 -52.66
CA HIS D 256 4.16 25.97 -52.59
C HIS D 256 4.30 24.91 -51.51
N GLU D 257 5.38 24.12 -51.57
CA GLU D 257 5.54 22.96 -50.71
C GLU D 257 6.61 23.25 -49.65
N GLY D 258 6.22 23.17 -48.38
CA GLY D 258 7.13 23.10 -47.25
C GLY D 258 6.71 21.99 -46.31
N LEU D 259 7.66 21.15 -45.88
CA LEU D 259 7.28 19.96 -45.13
C LEU D 259 6.61 20.34 -43.80
N THR D 260 5.81 19.41 -43.29
CA THR D 260 5.12 19.59 -42.00
C THR D 260 5.88 18.86 -40.91
N ILE D 261 6.98 19.48 -40.49
CA ILE D 261 7.92 18.89 -39.54
C ILE D 261 8.34 19.95 -38.53
N THR D 262 8.69 19.49 -37.32
CA THR D 262 9.11 20.36 -36.24
C THR D 262 10.33 19.75 -35.56
N SER D 263 11.26 20.61 -35.13
CA SER D 263 12.40 20.19 -34.30
C SER D 263 13.19 19.05 -34.94
N ALA D 264 13.78 19.35 -36.10
CA ALA D 264 14.45 18.36 -36.91
C ALA D 264 15.94 18.22 -36.56
N ILE D 265 16.51 17.09 -36.97
CA ILE D 265 17.93 16.80 -36.79
C ILE D 265 18.60 16.96 -38.15
N ALA D 266 19.37 18.05 -38.33
CA ALA D 266 19.93 18.43 -39.62
C ALA D 266 21.41 18.04 -39.69
N SER D 267 21.74 17.02 -40.49
CA SER D 267 23.12 16.67 -40.72
C SER D 267 23.52 17.08 -42.12
N PRO D 268 24.43 18.04 -42.27
CA PRO D 268 24.98 18.32 -43.61
C PRO D 268 25.96 17.24 -43.99
N ILE D 269 25.73 16.63 -45.15
CA ILE D 269 26.61 15.57 -45.65
C ILE D 269 27.56 16.18 -46.67
N GLY D 270 27.01 16.72 -47.76
CA GLY D 270 27.81 17.28 -48.82
C GLY D 270 27.93 18.78 -48.71
N TYR D 271 28.20 19.41 -49.85
CA TYR D 271 28.31 20.87 -49.90
C TYR D 271 27.04 21.53 -49.39
N HIS D 272 25.92 21.27 -50.05
CA HIS D 272 24.61 21.78 -49.67
C HIS D 272 23.59 20.65 -49.67
N GLU D 273 24.01 19.50 -49.15
CA GLU D 273 23.15 18.34 -49.01
C GLU D 273 22.89 18.13 -47.53
N TYR D 274 21.62 18.16 -47.14
CA TYR D 274 21.24 18.07 -45.73
C TYR D 274 20.27 16.92 -45.56
N ILE D 275 20.71 15.88 -44.86
CA ILE D 275 19.79 14.83 -44.44
C ILE D 275 19.07 15.33 -43.20
N ILE D 276 17.74 15.38 -43.28
CA ILE D 276 16.90 15.96 -42.26
C ILE D 276 16.03 14.84 -41.71
N PHE D 277 16.11 14.61 -40.39
CA PHE D 277 15.34 13.54 -39.76
C PHE D 277 13.92 13.99 -39.46
N GLY D 278 13.77 15.16 -38.86
CA GLY D 278 12.46 15.66 -38.48
C GLY D 278 12.05 15.05 -37.17
N GLY D 279 11.61 15.88 -36.23
CA GLY D 279 11.25 15.39 -34.93
C GLY D 279 9.81 14.92 -34.85
N TYR D 280 8.86 15.82 -35.15
CA TYR D 280 7.46 15.55 -34.89
C TYR D 280 6.65 16.00 -36.12
N GLN D 281 5.80 15.12 -36.63
CA GLN D 281 4.95 15.45 -37.76
C GLN D 281 3.86 16.42 -37.32
N SER D 282 3.02 15.99 -36.38
CA SER D 282 1.98 16.80 -35.77
C SER D 282 2.10 16.71 -34.26
N GLU D 283 1.32 17.52 -33.55
CA GLU D 283 1.45 17.68 -32.10
C GLU D 283 1.06 16.42 -31.34
N THR D 284 0.60 15.41 -32.05
CA THR D 284 0.34 14.10 -31.46
C THR D 284 1.25 13.02 -32.02
N GLN D 285 1.29 12.86 -33.34
CA GLN D 285 2.08 11.79 -33.95
C GLN D 285 3.47 12.28 -34.30
N LYS D 286 4.50 11.64 -33.73
CA LYS D 286 5.88 11.97 -34.07
C LYS D 286 6.12 11.73 -35.55
N ARG D 287 7.03 12.51 -36.12
CA ARG D 287 7.53 12.20 -37.45
C ARG D 287 8.43 10.97 -37.36
N MET D 288 8.16 9.99 -38.20
CA MET D 288 8.83 8.70 -38.18
C MET D 288 9.91 8.57 -39.26
N GLU D 289 9.59 8.99 -40.47
CA GLU D 289 10.46 8.75 -41.62
C GLU D 289 11.60 9.76 -41.65
N CYS D 290 12.34 9.75 -42.76
CA CYS D 290 13.48 10.62 -43.00
C CYS D 290 13.20 11.54 -44.18
N THR D 291 14.20 12.34 -44.53
CA THR D 291 14.11 13.27 -45.65
C THR D 291 15.53 13.68 -46.04
N TYR D 292 15.74 13.92 -47.33
CA TYR D 292 16.95 14.54 -47.83
C TYR D 292 16.57 15.80 -48.59
N VAL D 293 17.35 16.85 -48.42
CA VAL D 293 17.12 18.10 -49.14
C VAL D 293 18.44 18.55 -49.73
N GLY D 294 18.48 18.65 -51.05
CA GLY D 294 19.49 19.43 -51.71
C GLY D 294 19.02 20.85 -51.94
N LEU D 295 19.96 21.75 -52.18
CA LEU D 295 19.57 23.12 -52.48
C LEU D 295 20.63 23.76 -53.37
N ASP D 296 20.17 24.64 -54.24
CA ASP D 296 21.04 25.42 -55.10
C ASP D 296 20.20 26.59 -55.61
N ASP D 297 20.76 27.36 -56.55
CA ASP D 297 20.02 28.48 -57.11
C ASP D 297 18.70 28.04 -57.74
N VAL D 298 18.64 26.80 -58.22
CA VAL D 298 17.37 26.23 -58.65
C VAL D 298 16.37 26.27 -57.52
N GLY D 299 16.76 25.74 -56.36
CA GLY D 299 15.95 25.77 -55.17
C GLY D 299 16.03 24.45 -54.43
N VAL D 300 15.06 24.23 -53.54
CA VAL D 300 15.00 23.00 -52.79
C VAL D 300 14.74 21.82 -53.71
N HIS D 301 15.53 20.76 -53.55
CA HIS D 301 15.33 19.49 -54.23
C HIS D 301 15.08 18.45 -53.15
N MET D 302 13.81 18.10 -52.98
CA MET D 302 13.38 17.16 -51.96
C MET D 302 13.62 15.73 -52.41
N GLU D 303 13.69 14.83 -51.45
CA GLU D 303 13.68 13.40 -51.74
C GLU D 303 13.41 12.65 -50.44
N SER D 304 12.75 11.50 -50.54
CA SER D 304 12.50 10.62 -49.40
C SER D 304 13.46 9.43 -49.48
N ARG D 305 14.48 9.41 -48.62
CA ARG D 305 15.43 8.30 -48.60
C ARG D 305 14.84 7.09 -47.88
N GLU D 306 15.68 6.11 -47.61
CA GLU D 306 15.25 4.91 -46.91
C GLU D 306 15.13 5.21 -45.42
N PRO D 307 13.93 5.08 -44.85
CA PRO D 307 13.81 5.15 -43.39
C PRO D 307 14.27 3.86 -42.74
N PRO D 308 15.33 3.90 -41.94
CA PRO D 308 15.77 2.68 -41.24
C PRO D 308 14.69 2.21 -40.29
N GLN D 309 14.51 0.90 -40.22
CA GLN D 309 13.45 0.32 -39.38
C GLN D 309 13.80 0.60 -37.93
N TRP D 310 13.15 1.61 -37.35
CA TRP D 310 13.29 1.87 -35.92
C TRP D 310 12.87 0.65 -35.12
N THR D 311 13.61 0.37 -34.05
CA THR D 311 13.25 -0.71 -33.15
C THR D 311 11.83 -0.49 -32.61
N SER D 312 11.20 -1.58 -32.17
CA SER D 312 9.80 -1.52 -31.75
C SER D 312 9.61 -0.52 -30.61
N GLU D 313 10.59 -0.43 -29.71
CA GLU D 313 10.48 0.49 -28.58
C GLU D 313 10.47 1.94 -29.03
N ILE D 314 11.49 2.35 -29.80
CA ILE D 314 11.55 3.72 -30.34
C ILE D 314 10.40 3.96 -31.32
N SER D 315 9.97 2.93 -32.03
CA SER D 315 8.80 3.06 -32.91
C SER D 315 7.56 3.42 -32.10
N HIS D 316 7.39 2.83 -30.92
CA HIS D 316 6.18 3.00 -30.12
C HIS D 316 6.31 4.03 -29.01
N SER D 317 7.49 4.62 -28.82
CA SER D 317 7.63 5.73 -27.88
C SER D 317 6.89 6.96 -28.41
N ARG D 318 6.36 7.75 -27.48
CA ARG D 318 5.64 8.96 -27.88
C ARG D 318 6.58 9.98 -28.51
N THR D 319 7.59 10.41 -27.76
CA THR D 319 8.42 11.54 -28.14
C THR D 319 9.89 11.13 -28.11
N TRP D 320 10.73 12.06 -28.56
CA TRP D 320 12.18 11.86 -28.58
C TRP D 320 12.86 13.15 -29.02
N PHE D 321 14.19 13.12 -29.09
CA PHE D 321 14.94 14.29 -29.53
C PHE D 321 16.29 13.81 -30.06
N GLY D 322 17.21 14.74 -30.28
CA GLY D 322 18.56 14.35 -30.64
C GLY D 322 19.35 15.51 -31.21
N GLY D 323 20.49 15.17 -31.81
CA GLY D 323 21.37 16.15 -32.41
C GLY D 323 22.14 15.57 -33.58
N SER D 324 22.84 16.44 -34.29
CA SER D 324 23.58 16.06 -35.49
C SER D 324 25.02 15.77 -35.10
N LEU D 325 25.41 14.50 -35.17
CA LEU D 325 26.82 14.15 -35.01
C LEU D 325 27.68 14.64 -36.17
N GLY D 326 27.06 15.13 -37.24
CA GLY D 326 27.77 15.67 -38.39
C GLY D 326 28.22 14.62 -39.38
N LYS D 327 28.23 14.98 -40.66
CA LYS D 327 28.70 14.10 -41.74
C LYS D 327 27.94 12.78 -41.77
N GLY D 328 26.62 12.89 -41.96
CA GLY D 328 25.78 11.71 -42.11
C GLY D 328 25.50 10.96 -40.82
N THR D 329 26.33 11.18 -39.81
CA THR D 329 26.14 10.60 -38.49
C THR D 329 25.30 11.55 -37.64
N ALA D 330 24.43 10.98 -36.82
CA ALA D 330 23.61 11.77 -35.91
C ALA D 330 23.24 10.91 -34.71
N LEU D 331 22.80 11.57 -33.64
CA LEU D 331 22.40 10.90 -32.41
C LEU D 331 20.93 11.16 -32.15
N VAL D 332 20.17 10.11 -31.83
CA VAL D 332 18.79 10.25 -31.39
C VAL D 332 18.68 9.69 -29.98
N ALA D 333 17.93 10.39 -29.14
CA ALA D 333 17.74 10.03 -27.74
C ALA D 333 16.24 9.90 -27.46
N ILE D 334 15.90 8.80 -26.79
CA ILE D 334 14.52 8.44 -26.50
C ILE D 334 14.37 8.35 -24.99
N PRO D 335 13.39 9.00 -24.39
CA PRO D 335 13.14 8.82 -22.95
C PRO D 335 12.54 7.45 -22.68
N SER D 336 13.29 6.61 -21.97
CA SER D 336 12.88 5.23 -21.72
C SER D 336 12.01 5.16 -20.47
N GLU D 337 10.90 4.42 -20.57
CA GLU D 337 9.97 4.25 -19.45
C GLU D 337 10.11 2.83 -18.92
N GLY D 338 10.57 2.70 -17.69
CA GLY D 338 10.72 1.39 -17.08
C GLY D 338 11.22 1.54 -15.65
N ASN D 339 11.02 0.45 -14.89
CA ASN D 339 11.50 0.35 -13.52
C ASN D 339 12.67 -0.63 -13.44
N PRO D 340 13.73 -0.29 -12.70
CA PRO D 340 13.84 0.99 -11.99
C PRO D 340 14.44 2.10 -12.86
N THR D 341 14.07 3.34 -12.57
CA THR D 341 14.70 4.48 -13.24
C THR D 341 16.17 4.50 -12.83
N PRO D 342 17.10 4.32 -13.78
CA PRO D 342 18.47 3.85 -13.42
C PRO D 342 19.30 4.86 -12.63
N PRO D 343 19.09 6.20 -12.77
CA PRO D 343 18.19 7.13 -13.46
C PRO D 343 18.47 7.34 -14.94
N GLU D 344 19.40 6.56 -15.50
CA GLU D 344 19.71 6.67 -16.92
C GLU D 344 18.53 6.07 -17.69
N ALA D 345 17.48 6.89 -17.85
CA ALA D 345 16.26 6.51 -18.55
C ALA D 345 16.25 6.96 -20.00
N TYR D 346 17.41 6.98 -20.65
CA TYR D 346 17.57 7.51 -22.00
C TYR D 346 18.28 6.49 -22.88
N HIS D 347 17.71 6.20 -24.04
CA HIS D 347 18.33 5.32 -25.01
C HIS D 347 18.87 6.14 -26.17
N PHE D 348 20.05 5.78 -26.66
CA PHE D 348 20.75 6.54 -27.68
C PHE D 348 21.05 5.65 -28.87
N TYR D 349 20.58 6.06 -30.05
CA TYR D 349 20.88 5.37 -31.30
C TYR D 349 21.73 6.28 -32.17
N GLN D 350 22.82 5.73 -32.72
CA GLN D 350 23.62 6.44 -33.71
C GLN D 350 23.07 6.09 -35.09
N VAL D 351 22.67 7.09 -35.86
CA VAL D 351 22.09 6.89 -37.18
C VAL D 351 23.09 7.40 -38.22
N SER D 352 23.22 6.65 -39.31
CA SER D 352 24.20 6.96 -40.34
C SER D 352 23.57 6.83 -41.71
N PHE D 353 23.85 7.79 -42.58
CA PHE D 353 23.44 7.72 -43.98
C PHE D 353 24.53 7.05 -44.80
N GLN D 354 24.12 6.22 -45.75
CA GLN D 354 25.03 5.59 -46.72
C GLN D 354 26.10 4.74 -46.03
ZN ZN I . -26.06 -36.45 -10.83
CA CA J . -12.90 -17.55 -4.17
CA CA K . -11.81 -19.74 -4.31
ZN ZN L . 31.79 33.02 8.47
CA CA M . 14.45 16.59 4.80
CA CA N . 17.17 17.45 3.28
#